data_7H33
# 
_entry.id   7H33 
# 
_audit_conform.dict_name       mmcif_pdbx.dic 
_audit_conform.dict_version    5.397 
_audit_conform.dict_location   http://mmcif.pdb.org/dictionaries/ascii/mmcif_pdbx.dic 
# 
loop_
_database_2.database_id 
_database_2.database_code 
_database_2.pdbx_database_accession 
_database_2.pdbx_DOI 
PDB   7H33         pdb_00007h33 10.2210/pdb7h33/pdb 
WWPDB D_1001406962 ?            ?                   
# 
loop_
_pdbx_audit_revision_history.ordinal 
_pdbx_audit_revision_history.data_content_type 
_pdbx_audit_revision_history.major_revision 
_pdbx_audit_revision_history.minor_revision 
_pdbx_audit_revision_history.revision_date 
1 'Structure model' 1 0 2024-04-24 
2 'Structure model' 1 1 2024-10-16 
# 
_pdbx_audit_revision_details.ordinal             1 
_pdbx_audit_revision_details.revision_ordinal    1 
_pdbx_audit_revision_details.data_content_type   'Structure model' 
_pdbx_audit_revision_details.provider            repository 
_pdbx_audit_revision_details.type                'Initial release' 
_pdbx_audit_revision_details.description         ? 
_pdbx_audit_revision_details.details             ? 
# 
loop_
_pdbx_audit_revision_group.ordinal 
_pdbx_audit_revision_group.revision_ordinal 
_pdbx_audit_revision_group.data_content_type 
_pdbx_audit_revision_group.group 
1 2 'Structure model' 'Database references' 
2 2 'Structure model' 'Structure summary'   
# 
loop_
_pdbx_audit_revision_category.ordinal 
_pdbx_audit_revision_category.revision_ordinal 
_pdbx_audit_revision_category.data_content_type 
_pdbx_audit_revision_category.category 
1 2 'Structure model' citation           
2 2 'Structure model' citation_author    
3 2 'Structure model' pdbx_entry_details 
# 
loop_
_pdbx_audit_revision_item.ordinal 
_pdbx_audit_revision_item.revision_ordinal 
_pdbx_audit_revision_item.data_content_type 
_pdbx_audit_revision_item.item 
1 2 'Structure model' '_citation.country'                 
2 2 'Structure model' '_citation.journal_abbrev'          
3 2 'Structure model' '_citation.journal_id_CSD'          
4 2 'Structure model' '_citation.journal_id_ISSN'         
5 2 'Structure model' '_citation.pdbx_database_id_DOI'    
6 2 'Structure model' '_citation.pdbx_database_id_PubMed' 
7 2 'Structure model' '_citation.title'                   
8 2 'Structure model' '_citation.year'                    
# 
_pdbx_database_status.entry_id                        7H33 
_pdbx_database_status.status_code                     REL 
_pdbx_database_status.status_code_sf                  REL 
_pdbx_database_status.status_code_mr                  ? 
_pdbx_database_status.status_code_cs                  ? 
_pdbx_database_status.recvd_initial_deposition_date   2024-04-04 
_pdbx_database_status.status_code_nmr_data            ? 
_pdbx_database_status.deposit_site                    RCSB 
_pdbx_database_status.process_site                    RCSB 
_pdbx_database_status.SG_entry                        ? 
_pdbx_database_status.pdb_format_compatible           Y 
_pdbx_database_status.methods_development_category    ? 
# 
_pdbx_contact_author.id                 1 
_pdbx_contact_author.email              frank.von-delft@diamond.ac.uk 
_pdbx_contact_author.name_first         Frank 
_pdbx_contact_author.name_last          'von Delft' 
_pdbx_contact_author.role               'principal investigator/group leader' 
_pdbx_contact_author.identifier_ORCID   0000-0003-0378-0017 
_pdbx_contact_author.name_mi            ? 
# 
loop_
_audit_author.name 
_audit_author.pdbx_ordinal 
'Lithgo, R.M.'        1  
'Fairhead, M.'        2  
'Koekemoer, L.'       3  
'Balcomb, B.H.'       4  
'Capkin, E.'          5  
'Chandran, A.V.'      6  
'Golding, M.'         7  
'Godoy, A.S.'         8  
'Aschenbrenner, J.C.' 9  
'Marples, P.G.'       10 
'Ni, X.'              11 
'Thompson, W.'        12 
'Tomlinson, C.W.E.'   13 
'Wild, C.'            14 
'Winokan, M.'         15 
'Xavier, M.-A.E.'     16 
'Fearon, D.'          17 
'von Delft, F.'       18 
# 
_citation.id                        primary 
_citation.title                     
;Crystallographic Fragment Screen of Coxsackievirus A16 2A Protease identifies new opportunities for the development of broad-spectrum anti-enterovirals.
;
_citation.journal_abbrev            Biorxiv 
_citation.journal_volume            ? 
_citation.page_first                ? 
_citation.page_last                 ? 
_citation.year                      2024 
_citation.journal_id_ASTM           ? 
_citation.country                   US 
_citation.journal_id_ISSN           2692-8205 
_citation.journal_id_CSD            ? 
_citation.book_publisher            ? 
_citation.pdbx_database_id_PubMed   38746446 
_citation.pdbx_database_id_DOI      10.1101/2024.04.29.591684 
# 
loop_
_citation_author.citation_id 
_citation_author.name 
_citation_author.identifier_ORCID 
_citation_author.ordinal 
primary 'Lithgo, R.M.'        0000-0002-4706-9916 1  
primary 'Tomlinson, C.W.E.'   0000-0002-1845-6028 2  
primary 'Fairhead, M.'        0000-0001-5361-3933 3  
primary 'Winokan, M.'         ?                   4  
primary 'Thompson, W.'        0000-0003-1474-7810 5  
primary 'Wild, C.'            0000-0003-0654-8141 6  
primary 'Aschenbrenner, J.C.' 0000-0002-4318-0481 7  
primary 'Balcomb, B.H.'       0000-0001-7599-8467 8  
primary 'Marples, P.G.'       0000-0002-8787-7969 9  
primary 'Chandran, A.V.'      0000-0001-9942-2614 10 
primary 'Golding, M.'         0009-0004-7472-8333 11 
primary 'Koekemoer, L.'       0000-0001-9226-9127 12 
primary 'Williams, E.P.'      0000-0002-1331-9518 13 
primary 'Wang, S.'            ?                   14 
primary 'Ni, X.'              0000-0002-7769-8297 15 
primary 'MacLean, E.'         0000-0003-1680-4292 16 
primary 'Giroud, C.'          0000-0002-1629-1581 17 
primary 'Godoy, A.S.'         0000-0002-0613-9164 18 
primary 'Xavier, M.A.'        0000-0002-1709-9479 19 
primary 'Walsh, M.'           0000-0001-5683-1151 20 
primary 'Fearon, D.'          0000-0003-3529-7863 21 
primary 'von Delft, F.'       0000-0003-0378-0017 22 
# 
loop_
_entity.id 
_entity.type 
_entity.src_method 
_entity.pdbx_description 
_entity.formula_weight 
_entity.pdbx_number_of_molecules 
_entity.pdbx_ec 
_entity.pdbx_mutation 
_entity.pdbx_fragment 
_entity.details 
1 polymer     man 'Protease 2A'                               16493.311 1   3.4.22.29 ? ? ? 
2 non-polymer man '(3S)-1-(phenylsulfonyl)pyrrolidin-3-amine' 226.295   2   ?         ? ? ? 
3 non-polymer syn 'ZINC ION'                                  65.409    1   ?         ? ? ? 
4 non-polymer syn 'DIMETHYL SULFOXIDE'                        78.133    4   ?         ? ? ? 
5 non-polymer syn 'SULFATE ION'                               96.063    1   ?         ? ? ? 
6 water       nat water                                       18.015    235 ?         ? ? ? 
# 
_entity_name_com.entity_id   1 
_entity_name_com.name        'P2A,Picornain 2A,Protein 2A' 
# 
_entity_poly.entity_id                      1 
_entity_poly.type                           'polypeptide(L)' 
_entity_poly.nstd_linkage                   no 
_entity_poly.nstd_monomer                   no 
_entity_poly.pdbx_seq_one_letter_code       
;QEQTGGSGAIYVGNYRVVNRHLATHNDWANLVWEDSSRDLLVSSTTAQGCDTIARCDCQTGVYYCSSRRKHYPVSFSKPS
LIFVEASEYYPARYQSHLMLAVGHSEPGDCGGILRCQHGVVGIVSTGGNGLVGFADVRDLLWLDEEAMEQ
;
_entity_poly.pdbx_seq_one_letter_code_can   
;QEQTGGSGAIYVGNYRVVNRHLATHNDWANLVWEDSSRDLLVSSTTAQGCDTIARCDCQTGVYYCSSRRKHYPVSFSKPS
LIFVEASEYYPARYQSHLMLAVGHSEPGDCGGILRCQHGVVGIVSTGGNGLVGFADVRDLLWLDEEAMEQ
;
_entity_poly.pdbx_strand_id                 A 
_entity_poly.pdbx_target_identifier         ? 
# 
loop_
_pdbx_entity_nonpoly.entity_id 
_pdbx_entity_nonpoly.name 
_pdbx_entity_nonpoly.comp_id 
2 '(3S)-1-(phenylsulfonyl)pyrrolidin-3-amine' WNM 
3 'ZINC ION'                                  ZN  
4 'DIMETHYL SULFOXIDE'                        DMS 
5 'SULFATE ION'                               SO4 
6 water                                       HOH 
# 
loop_
_entity_poly_seq.entity_id 
_entity_poly_seq.num 
_entity_poly_seq.mon_id 
_entity_poly_seq.hetero 
1 1   GLN n 
1 2   GLU n 
1 3   GLN n 
1 4   THR n 
1 5   GLY n 
1 6   GLY n 
1 7   SER n 
1 8   GLY n 
1 9   ALA n 
1 10  ILE n 
1 11  TYR n 
1 12  VAL n 
1 13  GLY n 
1 14  ASN n 
1 15  TYR n 
1 16  ARG n 
1 17  VAL n 
1 18  VAL n 
1 19  ASN n 
1 20  ARG n 
1 21  HIS n 
1 22  LEU n 
1 23  ALA n 
1 24  THR n 
1 25  HIS n 
1 26  ASN n 
1 27  ASP n 
1 28  TRP n 
1 29  ALA n 
1 30  ASN n 
1 31  LEU n 
1 32  VAL n 
1 33  TRP n 
1 34  GLU n 
1 35  ASP n 
1 36  SER n 
1 37  SER n 
1 38  ARG n 
1 39  ASP n 
1 40  LEU n 
1 41  LEU n 
1 42  VAL n 
1 43  SER n 
1 44  SER n 
1 45  THR n 
1 46  THR n 
1 47  ALA n 
1 48  GLN n 
1 49  GLY n 
1 50  CYS n 
1 51  ASP n 
1 52  THR n 
1 53  ILE n 
1 54  ALA n 
1 55  ARG n 
1 56  CYS n 
1 57  ASP n 
1 58  CYS n 
1 59  GLN n 
1 60  THR n 
1 61  GLY n 
1 62  VAL n 
1 63  TYR n 
1 64  TYR n 
1 65  CYS n 
1 66  SER n 
1 67  SER n 
1 68  ARG n 
1 69  ARG n 
1 70  LYS n 
1 71  HIS n 
1 72  TYR n 
1 73  PRO n 
1 74  VAL n 
1 75  SER n 
1 76  PHE n 
1 77  SER n 
1 78  LYS n 
1 79  PRO n 
1 80  SER n 
1 81  LEU n 
1 82  ILE n 
1 83  PHE n 
1 84  VAL n 
1 85  GLU n 
1 86  ALA n 
1 87  SER n 
1 88  GLU n 
1 89  TYR n 
1 90  TYR n 
1 91  PRO n 
1 92  ALA n 
1 93  ARG n 
1 94  TYR n 
1 95  GLN n 
1 96  SER n 
1 97  HIS n 
1 98  LEU n 
1 99  MET n 
1 100 LEU n 
1 101 ALA n 
1 102 VAL n 
1 103 GLY n 
1 104 HIS n 
1 105 SER n 
1 106 GLU n 
1 107 PRO n 
1 108 GLY n 
1 109 ASP n 
1 110 CYS n 
1 111 GLY n 
1 112 GLY n 
1 113 ILE n 
1 114 LEU n 
1 115 ARG n 
1 116 CYS n 
1 117 GLN n 
1 118 HIS n 
1 119 GLY n 
1 120 VAL n 
1 121 VAL n 
1 122 GLY n 
1 123 ILE n 
1 124 VAL n 
1 125 SER n 
1 126 THR n 
1 127 GLY n 
1 128 GLY n 
1 129 ASN n 
1 130 GLY n 
1 131 LEU n 
1 132 VAL n 
1 133 GLY n 
1 134 PHE n 
1 135 ALA n 
1 136 ASP n 
1 137 VAL n 
1 138 ARG n 
1 139 ASP n 
1 140 LEU n 
1 141 LEU n 
1 142 TRP n 
1 143 LEU n 
1 144 ASP n 
1 145 GLU n 
1 146 GLU n 
1 147 ALA n 
1 148 MET n 
1 149 GLU n 
1 150 GLN n 
# 
loop_
_entity_src_gen.entity_id 
_entity_src_gen.pdbx_src_id 
_entity_src_gen.pdbx_alt_source_flag 
_entity_src_gen.pdbx_seq_type 
_entity_src_gen.pdbx_beg_seq_num 
_entity_src_gen.pdbx_end_seq_num 
_entity_src_gen.gene_src_common_name 
_entity_src_gen.gene_src_genus 
_entity_src_gen.pdbx_gene_src_gene 
_entity_src_gen.gene_src_species 
_entity_src_gen.gene_src_strain 
_entity_src_gen.gene_src_tissue 
_entity_src_gen.gene_src_tissue_fraction 
_entity_src_gen.gene_src_details 
_entity_src_gen.pdbx_gene_src_fragment 
_entity_src_gen.pdbx_gene_src_scientific_name 
_entity_src_gen.pdbx_gene_src_ncbi_taxonomy_id 
_entity_src_gen.pdbx_gene_src_variant 
_entity_src_gen.pdbx_gene_src_cell_line 
_entity_src_gen.pdbx_gene_src_atcc 
_entity_src_gen.pdbx_gene_src_organ 
_entity_src_gen.pdbx_gene_src_organelle 
_entity_src_gen.pdbx_gene_src_cell 
_entity_src_gen.pdbx_gene_src_cellular_location 
_entity_src_gen.host_org_common_name 
_entity_src_gen.pdbx_host_org_scientific_name 
_entity_src_gen.pdbx_host_org_ncbi_taxonomy_id 
_entity_src_gen.host_org_genus 
_entity_src_gen.pdbx_host_org_gene 
_entity_src_gen.pdbx_host_org_organ 
_entity_src_gen.host_org_species 
_entity_src_gen.pdbx_host_org_tissue 
_entity_src_gen.pdbx_host_org_tissue_fraction 
_entity_src_gen.pdbx_host_org_strain 
_entity_src_gen.pdbx_host_org_variant 
_entity_src_gen.pdbx_host_org_cell_line 
_entity_src_gen.pdbx_host_org_atcc 
_entity_src_gen.pdbx_host_org_culture_collection 
_entity_src_gen.pdbx_host_org_cell 
_entity_src_gen.pdbx_host_org_organelle 
_entity_src_gen.pdbx_host_org_cellular_location 
_entity_src_gen.pdbx_host_org_vector_type 
_entity_src_gen.pdbx_host_org_vector 
_entity_src_gen.host_org_details 
_entity_src_gen.expression_system_id 
_entity_src_gen.plasmid_name 
_entity_src_gen.plasmid_details 
_entity_src_gen.pdbx_description 
1 1 sample 'Biological sequence' 1 150 ? ? ? ? ? ? ? ? ? 'Coxsackievirus A16' 31704 ? ? ? ? ? ? ? ? 'Escherichia coli' 562 ? ? ? ? 
? ? ? ? ? ? ? ? ? ? ? ? ? ? ? ? ? 
2 1 sample ?                     ? ?   ? ? ? ? ? ? ? ? ? 'Coxsackievirus A16' 31704 ? ? ? ? ? ? ? ? 'Escherichia coli' 562 ? ? ? ? 
? ? ? ? ? ? ? ? ? ? ? ? ? ? ? ? ? 
# 
loop_
_chem_comp.id 
_chem_comp.type 
_chem_comp.mon_nstd_flag 
_chem_comp.name 
_chem_comp.pdbx_synonyms 
_chem_comp.formula 
_chem_comp.formula_weight 
ALA 'L-peptide linking' y ALANINE                                     ? 'C3 H7 N O2'      89.093  
ARG 'L-peptide linking' y ARGININE                                    ? 'C6 H15 N4 O2 1'  175.209 
ASN 'L-peptide linking' y ASPARAGINE                                  ? 'C4 H8 N2 O3'     132.118 
ASP 'L-peptide linking' y 'ASPARTIC ACID'                             ? 'C4 H7 N O4'      133.103 
CYS 'L-peptide linking' y CYSTEINE                                    ? 'C3 H7 N O2 S'    121.158 
DMS non-polymer         . 'DIMETHYL SULFOXIDE'                        ? 'C2 H6 O S'       78.133  
GLN 'L-peptide linking' y GLUTAMINE                                   ? 'C5 H10 N2 O3'    146.144 
GLU 'L-peptide linking' y 'GLUTAMIC ACID'                             ? 'C5 H9 N O4'      147.129 
GLY 'peptide linking'   y GLYCINE                                     ? 'C2 H5 N O2'      75.067  
HIS 'L-peptide linking' y HISTIDINE                                   ? 'C6 H10 N3 O2 1'  156.162 
HOH non-polymer         . WATER                                       ? 'H2 O'            18.015  
ILE 'L-peptide linking' y ISOLEUCINE                                  ? 'C6 H13 N O2'     131.173 
LEU 'L-peptide linking' y LEUCINE                                     ? 'C6 H13 N O2'     131.173 
LYS 'L-peptide linking' y LYSINE                                      ? 'C6 H15 N2 O2 1'  147.195 
MET 'L-peptide linking' y METHIONINE                                  ? 'C5 H11 N O2 S'   149.211 
PHE 'L-peptide linking' y PHENYLALANINE                               ? 'C9 H11 N O2'     165.189 
PRO 'L-peptide linking' y PROLINE                                     ? 'C5 H9 N O2'      115.130 
SER 'L-peptide linking' y SERINE                                      ? 'C3 H7 N O3'      105.093 
SO4 non-polymer         . 'SULFATE ION'                               ? 'O4 S -2'         96.063  
THR 'L-peptide linking' y THREONINE                                   ? 'C4 H9 N O3'      119.119 
TRP 'L-peptide linking' y TRYPTOPHAN                                  ? 'C11 H12 N2 O2'   204.225 
TYR 'L-peptide linking' y TYROSINE                                    ? 'C9 H11 N O3'     181.189 
VAL 'L-peptide linking' y VALINE                                      ? 'C5 H11 N O2'     117.146 
WNM non-polymer         . '(3S)-1-(phenylsulfonyl)pyrrolidin-3-amine' ? 'C10 H14 N2 O2 S' 226.295 
ZN  non-polymer         . 'ZINC ION'                                  ? 'Zn 2'            65.409  
# 
loop_
_pdbx_poly_seq_scheme.asym_id 
_pdbx_poly_seq_scheme.entity_id 
_pdbx_poly_seq_scheme.seq_id 
_pdbx_poly_seq_scheme.mon_id 
_pdbx_poly_seq_scheme.ndb_seq_num 
_pdbx_poly_seq_scheme.pdb_seq_num 
_pdbx_poly_seq_scheme.auth_seq_num 
_pdbx_poly_seq_scheme.pdb_mon_id 
_pdbx_poly_seq_scheme.auth_mon_id 
_pdbx_poly_seq_scheme.pdb_strand_id 
_pdbx_poly_seq_scheme.pdb_ins_code 
_pdbx_poly_seq_scheme.hetero 
A 1 1   GLN 1   1   ?   ?   ?   A . n 
A 1 2   GLU 2   2   ?   ?   ?   A . n 
A 1 3   GLN 3   3   ?   ?   ?   A . n 
A 1 4   THR 4   4   ?   ?   ?   A . n 
A 1 5   GLY 5   5   ?   ?   ?   A . n 
A 1 6   GLY 6   6   ?   ?   ?   A . n 
A 1 7   SER 7   7   7   SER SER A . n 
A 1 8   GLY 8   8   8   GLY GLY A . n 
A 1 9   ALA 9   9   9   ALA ALA A . n 
A 1 10  ILE 10  10  10  ILE ILE A . n 
A 1 11  TYR 11  11  11  TYR TYR A . n 
A 1 12  VAL 12  12  12  VAL VAL A . n 
A 1 13  GLY 13  13  13  GLY GLY A . n 
A 1 14  ASN 14  14  14  ASN ASN A . n 
A 1 15  TYR 15  15  15  TYR TYR A . n 
A 1 16  ARG 16  16  16  ARG ARG A . n 
A 1 17  VAL 17  17  17  VAL VAL A . n 
A 1 18  VAL 18  18  18  VAL VAL A . n 
A 1 19  ASN 19  19  19  ASN ASN A . n 
A 1 20  ARG 20  20  20  ARG ARG A . n 
A 1 21  HIS 21  21  21  HIS HIS A . n 
A 1 22  LEU 22  22  22  LEU LEU A . n 
A 1 23  ALA 23  23  23  ALA ALA A . n 
A 1 24  THR 24  24  24  THR THR A . n 
A 1 25  HIS 25  25  25  HIS HIS A . n 
A 1 26  ASN 26  26  26  ASN ASN A . n 
A 1 27  ASP 27  27  27  ASP ASP A . n 
A 1 28  TRP 28  28  28  TRP TRP A . n 
A 1 29  ALA 29  29  29  ALA ALA A . n 
A 1 30  ASN 30  30  30  ASN ASN A . n 
A 1 31  LEU 31  31  31  LEU LEU A . n 
A 1 32  VAL 32  32  32  VAL VAL A . n 
A 1 33  TRP 33  33  33  TRP TRP A . n 
A 1 34  GLU 34  34  34  GLU GLU A . n 
A 1 35  ASP 35  35  35  ASP ASP A . n 
A 1 36  SER 36  36  36  SER SER A . n 
A 1 37  SER 37  37  37  SER SER A . n 
A 1 38  ARG 38  38  38  ARG ARG A . n 
A 1 39  ASP 39  39  39  ASP ASP A . n 
A 1 40  LEU 40  40  40  LEU LEU A . n 
A 1 41  LEU 41  41  41  LEU LEU A . n 
A 1 42  VAL 42  42  42  VAL VAL A . n 
A 1 43  SER 43  43  43  SER SER A . n 
A 1 44  SER 44  44  44  SER SER A . n 
A 1 45  THR 45  45  45  THR THR A . n 
A 1 46  THR 46  46  46  THR THR A . n 
A 1 47  ALA 47  47  47  ALA ALA A . n 
A 1 48  GLN 48  48  48  GLN GLN A . n 
A 1 49  GLY 49  49  49  GLY GLY A . n 
A 1 50  CYS 50  50  50  CYS CYS A . n 
A 1 51  ASP 51  51  51  ASP ASP A . n 
A 1 52  THR 52  52  52  THR THR A . n 
A 1 53  ILE 53  53  53  ILE ILE A . n 
A 1 54  ALA 54  54  54  ALA ALA A . n 
A 1 55  ARG 55  55  55  ARG ARG A . n 
A 1 56  CYS 56  56  56  CYS CYS A . n 
A 1 57  ASP 57  57  57  ASP ASP A . n 
A 1 58  CYS 58  58  58  CYS CYS A . n 
A 1 59  GLN 59  59  59  GLN GLN A . n 
A 1 60  THR 60  60  60  THR THR A . n 
A 1 61  GLY 61  61  61  GLY GLY A . n 
A 1 62  VAL 62  62  62  VAL VAL A . n 
A 1 63  TYR 63  63  63  TYR TYR A . n 
A 1 64  TYR 64  64  64  TYR TYR A . n 
A 1 65  CYS 65  65  65  CYS CYS A . n 
A 1 66  SER 66  66  66  SER SER A . n 
A 1 67  SER 67  67  67  SER SER A . n 
A 1 68  ARG 68  68  68  ARG ARG A . n 
A 1 69  ARG 69  69  69  ARG ARG A . n 
A 1 70  LYS 70  70  70  LYS LYS A . n 
A 1 71  HIS 71  71  71  HIS HIS A . n 
A 1 72  TYR 72  72  72  TYR TYR A . n 
A 1 73  PRO 73  73  73  PRO PRO A . n 
A 1 74  VAL 74  74  74  VAL VAL A . n 
A 1 75  SER 75  75  75  SER SER A . n 
A 1 76  PHE 76  76  76  PHE PHE A . n 
A 1 77  SER 77  77  77  SER SER A . n 
A 1 78  LYS 78  78  78  LYS LYS A . n 
A 1 79  PRO 79  79  79  PRO PRO A . n 
A 1 80  SER 80  80  80  SER SER A . n 
A 1 81  LEU 81  81  81  LEU LEU A . n 
A 1 82  ILE 82  82  82  ILE ILE A . n 
A 1 83  PHE 83  83  83  PHE PHE A . n 
A 1 84  VAL 84  84  84  VAL VAL A . n 
A 1 85  GLU 85  85  85  GLU GLU A . n 
A 1 86  ALA 86  86  86  ALA ALA A . n 
A 1 87  SER 87  87  87  SER SER A . n 
A 1 88  GLU 88  88  88  GLU GLU A . n 
A 1 89  TYR 89  89  89  TYR TYR A . n 
A 1 90  TYR 90  90  90  TYR TYR A . n 
A 1 91  PRO 91  91  91  PRO PRO A . n 
A 1 92  ALA 92  92  92  ALA ALA A . n 
A 1 93  ARG 93  93  93  ARG ARG A . n 
A 1 94  TYR 94  94  94  TYR TYR A . n 
A 1 95  GLN 95  95  95  GLN GLN A . n 
A 1 96  SER 96  96  96  SER SER A . n 
A 1 97  HIS 97  97  97  HIS HIS A . n 
A 1 98  LEU 98  98  98  LEU LEU A . n 
A 1 99  MET 99  99  99  MET MET A . n 
A 1 100 LEU 100 100 100 LEU LEU A . n 
A 1 101 ALA 101 101 101 ALA ALA A . n 
A 1 102 VAL 102 102 102 VAL VAL A . n 
A 1 103 GLY 103 103 103 GLY GLY A . n 
A 1 104 HIS 104 104 104 HIS HIS A . n 
A 1 105 SER 105 105 105 SER SER A . n 
A 1 106 GLU 106 106 106 GLU GLU A . n 
A 1 107 PRO 107 107 107 PRO PRO A . n 
A 1 108 GLY 108 108 108 GLY GLY A . n 
A 1 109 ASP 109 109 109 ASP ASP A . n 
A 1 110 CYS 110 110 110 CYS CYS A . n 
A 1 111 GLY 111 111 111 GLY GLY A . n 
A 1 112 GLY 112 112 112 GLY GLY A . n 
A 1 113 ILE 113 113 113 ILE ILE A . n 
A 1 114 LEU 114 114 114 LEU LEU A . n 
A 1 115 ARG 115 115 115 ARG ARG A . n 
A 1 116 CYS 116 116 116 CYS CYS A . n 
A 1 117 GLN 117 117 117 GLN GLN A . n 
A 1 118 HIS 118 118 118 HIS HIS A . n 
A 1 119 GLY 119 119 119 GLY GLY A . n 
A 1 120 VAL 120 120 120 VAL VAL A . n 
A 1 121 VAL 121 121 121 VAL VAL A . n 
A 1 122 GLY 122 122 122 GLY GLY A . n 
A 1 123 ILE 123 123 123 ILE ILE A . n 
A 1 124 VAL 124 124 124 VAL VAL A . n 
A 1 125 SER 125 125 125 SER SER A . n 
A 1 126 THR 126 126 126 THR THR A . n 
A 1 127 GLY 127 127 127 GLY GLY A . n 
A 1 128 GLY 128 128 128 GLY GLY A . n 
A 1 129 ASN 129 129 129 ASN ASN A . n 
A 1 130 GLY 130 130 130 GLY GLY A . n 
A 1 131 LEU 131 131 131 LEU LEU A . n 
A 1 132 VAL 132 132 132 VAL VAL A . n 
A 1 133 GLY 133 133 133 GLY GLY A . n 
A 1 134 PHE 134 134 134 PHE PHE A . n 
A 1 135 ALA 135 135 135 ALA ALA A . n 
A 1 136 ASP 136 136 136 ASP ASP A . n 
A 1 137 VAL 137 137 137 VAL VAL A . n 
A 1 138 ARG 138 138 138 ARG ARG A . n 
A 1 139 ASP 139 139 139 ASP ASP A . n 
A 1 140 LEU 140 140 140 LEU LEU A . n 
A 1 141 LEU 141 141 141 LEU LEU A . n 
A 1 142 TRP 142 142 142 TRP TRP A . n 
A 1 143 LEU 143 143 143 LEU LEU A . n 
A 1 144 ASP 144 144 144 ASP ASP A . n 
A 1 145 GLU 145 145 145 GLU GLU A . n 
A 1 146 GLU 146 146 146 GLU GLU A . n 
A 1 147 ALA 147 147 ?   ?   ?   A . n 
A 1 148 MET 148 148 ?   ?   ?   A . n 
A 1 149 GLU 149 149 ?   ?   ?   A . n 
A 1 150 GLN 150 150 ?   ?   ?   A . n 
# 
loop_
_pdbx_nonpoly_scheme.asym_id 
_pdbx_nonpoly_scheme.entity_id 
_pdbx_nonpoly_scheme.mon_id 
_pdbx_nonpoly_scheme.ndb_seq_num 
_pdbx_nonpoly_scheme.pdb_seq_num 
_pdbx_nonpoly_scheme.auth_seq_num 
_pdbx_nonpoly_scheme.pdb_mon_id 
_pdbx_nonpoly_scheme.auth_mon_id 
_pdbx_nonpoly_scheme.pdb_strand_id 
_pdbx_nonpoly_scheme.pdb_ins_code 
B 2 WNM 1   201 147 WNM LIG A . 
C 2 WNM 1   202 201 WNM LIG A . 
D 3 ZN  1   203 1   ZN  ZN  A . 
E 4 DMS 1   204 -1  DMS DMS A . 
F 4 DMS 1   205 0   DMS DMS A . 
G 4 DMS 1   206 1   DMS DMS A . 
H 4 DMS 1   207 3   DMS DMS A . 
I 5 SO4 1   208 1   SO4 SO4 A . 
J 6 HOH 1   301 227 HOH HOH A . 
J 6 HOH 2   302 150 HOH HOH A . 
J 6 HOH 3   303 103 HOH HOH A . 
J 6 HOH 4   304 245 HOH HOH A . 
J 6 HOH 5   305 93  HOH HOH A . 
J 6 HOH 6   306 3   HOH HOH A . 
J 6 HOH 7   307 137 HOH HOH A . 
J 6 HOH 8   308 94  HOH HOH A . 
J 6 HOH 9   309 217 HOH HOH A . 
J 6 HOH 10  310 186 HOH HOH A . 
J 6 HOH 11  311 34  HOH HOH A . 
J 6 HOH 12  312 238 HOH HOH A . 
J 6 HOH 13  313 107 HOH HOH A . 
J 6 HOH 14  314 79  HOH HOH A . 
J 6 HOH 15  315 147 HOH HOH A . 
J 6 HOH 16  316 30  HOH HOH A . 
J 6 HOH 17  317 205 HOH HOH A . 
J 6 HOH 18  318 219 HOH HOH A . 
J 6 HOH 19  319 152 HOH HOH A . 
J 6 HOH 20  320 193 HOH HOH A . 
J 6 HOH 21  321 77  HOH HOH A . 
J 6 HOH 22  322 148 HOH HOH A . 
J 6 HOH 23  323 181 HOH HOH A . 
J 6 HOH 24  324 133 HOH HOH A . 
J 6 HOH 25  325 59  HOH HOH A . 
J 6 HOH 26  326 104 HOH HOH A . 
J 6 HOH 27  327 183 HOH HOH A . 
J 6 HOH 28  328 68  HOH HOH A . 
J 6 HOH 29  329 249 HOH HOH A . 
J 6 HOH 30  330 4   HOH HOH A . 
J 6 HOH 31  331 215 HOH HOH A . 
J 6 HOH 32  332 182 HOH HOH A . 
J 6 HOH 33  333 173 HOH HOH A . 
J 6 HOH 34  334 191 HOH HOH A . 
J 6 HOH 35  335 47  HOH HOH A . 
J 6 HOH 36  336 57  HOH HOH A . 
J 6 HOH 37  337 49  HOH HOH A . 
J 6 HOH 38  338 108 HOH HOH A . 
J 6 HOH 39  339 16  HOH HOH A . 
J 6 HOH 40  340 116 HOH HOH A . 
J 6 HOH 41  341 46  HOH HOH A . 
J 6 HOH 42  342 72  HOH HOH A . 
J 6 HOH 43  343 60  HOH HOH A . 
J 6 HOH 44  344 211 HOH HOH A . 
J 6 HOH 45  345 124 HOH HOH A . 
J 6 HOH 46  346 216 HOH HOH A . 
J 6 HOH 47  347 111 HOH HOH A . 
J 6 HOH 48  348 168 HOH HOH A . 
J 6 HOH 49  349 248 HOH HOH A . 
J 6 HOH 50  350 178 HOH HOH A . 
J 6 HOH 51  351 88  HOH HOH A . 
J 6 HOH 52  352 81  HOH HOH A . 
J 6 HOH 53  353 67  HOH HOH A . 
J 6 HOH 54  354 180 HOH HOH A . 
J 6 HOH 55  355 195 HOH HOH A . 
J 6 HOH 56  356 7   HOH HOH A . 
J 6 HOH 57  357 43  HOH HOH A . 
J 6 HOH 58  358 39  HOH HOH A . 
J 6 HOH 59  359 37  HOH HOH A . 
J 6 HOH 60  360 24  HOH HOH A . 
J 6 HOH 61  361 28  HOH HOH A . 
J 6 HOH 62  362 29  HOH HOH A . 
J 6 HOH 63  363 21  HOH HOH A . 
J 6 HOH 64  364 2   HOH HOH A . 
J 6 HOH 65  365 33  HOH HOH A . 
J 6 HOH 66  366 252 HOH HOH A . 
J 6 HOH 67  367 13  HOH HOH A . 
J 6 HOH 68  368 27  HOH HOH A . 
J 6 HOH 69  369 53  HOH HOH A . 
J 6 HOH 70  370 97  HOH HOH A . 
J 6 HOH 71  371 82  HOH HOH A . 
J 6 HOH 72  372 25  HOH HOH A . 
J 6 HOH 73  373 36  HOH HOH A . 
J 6 HOH 74  374 109 HOH HOH A . 
J 6 HOH 75  375 70  HOH HOH A . 
J 6 HOH 76  376 12  HOH HOH A . 
J 6 HOH 77  377 167 HOH HOH A . 
J 6 HOH 78  378 19  HOH HOH A . 
J 6 HOH 79  379 90  HOH HOH A . 
J 6 HOH 80  380 63  HOH HOH A . 
J 6 HOH 81  381 169 HOH HOH A . 
J 6 HOH 82  382 144 HOH HOH A . 
J 6 HOH 83  383 174 HOH HOH A . 
J 6 HOH 84  384 9   HOH HOH A . 
J 6 HOH 85  385 214 HOH HOH A . 
J 6 HOH 86  386 161 HOH HOH A . 
J 6 HOH 87  387 50  HOH HOH A . 
J 6 HOH 88  388 52  HOH HOH A . 
J 6 HOH 89  389 118 HOH HOH A . 
J 6 HOH 90  390 45  HOH HOH A . 
J 6 HOH 91  391 136 HOH HOH A . 
J 6 HOH 92  392 78  HOH HOH A . 
J 6 HOH 93  393 14  HOH HOH A . 
J 6 HOH 94  394 62  HOH HOH A . 
J 6 HOH 95  395 18  HOH HOH A . 
J 6 HOH 96  396 119 HOH HOH A . 
J 6 HOH 97  397 179 HOH HOH A . 
J 6 HOH 98  398 112 HOH HOH A . 
J 6 HOH 99  399 233 HOH HOH A . 
J 6 HOH 100 400 15  HOH HOH A . 
J 6 HOH 101 401 197 HOH HOH A . 
J 6 HOH 102 402 84  HOH HOH A . 
J 6 HOH 103 403 210 HOH HOH A . 
J 6 HOH 104 404 17  HOH HOH A . 
J 6 HOH 105 405 71  HOH HOH A . 
J 6 HOH 106 406 141 HOH HOH A . 
J 6 HOH 107 407 55  HOH HOH A . 
J 6 HOH 108 408 146 HOH HOH A . 
J 6 HOH 109 409 106 HOH HOH A . 
J 6 HOH 110 410 66  HOH HOH A . 
J 6 HOH 111 411 91  HOH HOH A . 
J 6 HOH 112 412 204 HOH HOH A . 
J 6 HOH 113 413 177 HOH HOH A . 
J 6 HOH 114 414 48  HOH HOH A . 
J 6 HOH 115 415 155 HOH HOH A . 
J 6 HOH 116 416 65  HOH HOH A . 
J 6 HOH 117 417 138 HOH HOH A . 
J 6 HOH 118 418 176 HOH HOH A . 
J 6 HOH 119 419 41  HOH HOH A . 
J 6 HOH 120 420 170 HOH HOH A . 
J 6 HOH 121 421 42  HOH HOH A . 
J 6 HOH 122 422 26  HOH HOH A . 
J 6 HOH 123 423 198 HOH HOH A . 
J 6 HOH 124 424 121 HOH HOH A . 
J 6 HOH 125 425 95  HOH HOH A . 
J 6 HOH 126 426 102 HOH HOH A . 
J 6 HOH 127 427 40  HOH HOH A . 
J 6 HOH 128 428 11  HOH HOH A . 
J 6 HOH 129 429 212 HOH HOH A . 
J 6 HOH 130 430 54  HOH HOH A . 
J 6 HOH 131 431 58  HOH HOH A . 
J 6 HOH 132 432 120 HOH HOH A . 
J 6 HOH 133 433 105 HOH HOH A . 
J 6 HOH 134 434 31  HOH HOH A . 
J 6 HOH 135 435 100 HOH HOH A . 
J 6 HOH 136 436 246 HOH HOH A . 
J 6 HOH 137 437 38  HOH HOH A . 
J 6 HOH 138 438 135 HOH HOH A . 
J 6 HOH 139 439 51  HOH HOH A . 
J 6 HOH 140 440 64  HOH HOH A . 
J 6 HOH 141 441 80  HOH HOH A . 
J 6 HOH 142 442 20  HOH HOH A . 
J 6 HOH 143 443 250 HOH HOH A . 
J 6 HOH 144 444 89  HOH HOH A . 
J 6 HOH 145 445 203 HOH HOH A . 
J 6 HOH 146 446 76  HOH HOH A . 
J 6 HOH 147 447 10  HOH HOH A . 
J 6 HOH 148 448 132 HOH HOH A . 
J 6 HOH 149 449 23  HOH HOH A . 
J 6 HOH 150 450 6   HOH HOH A . 
J 6 HOH 151 451 69  HOH HOH A . 
J 6 HOH 152 452 126 HOH HOH A . 
J 6 HOH 153 453 230 HOH HOH A . 
J 6 HOH 154 454 156 HOH HOH A . 
J 6 HOH 155 455 35  HOH HOH A . 
J 6 HOH 156 456 123 HOH HOH A . 
J 6 HOH 157 457 237 HOH HOH A . 
J 6 HOH 158 458 74  HOH HOH A . 
J 6 HOH 159 459 61  HOH HOH A . 
J 6 HOH 160 460 5   HOH HOH A . 
J 6 HOH 161 461 98  HOH HOH A . 
J 6 HOH 162 462 234 HOH HOH A . 
J 6 HOH 163 463 192 HOH HOH A . 
J 6 HOH 164 464 224 HOH HOH A . 
J 6 HOH 165 465 220 HOH HOH A . 
J 6 HOH 166 466 113 HOH HOH A . 
J 6 HOH 167 467 101 HOH HOH A . 
J 6 HOH 168 468 110 HOH HOH A . 
J 6 HOH 169 469 213 HOH HOH A . 
J 6 HOH 170 470 159 HOH HOH A . 
J 6 HOH 171 471 22  HOH HOH A . 
J 6 HOH 172 472 117 HOH HOH A . 
J 6 HOH 173 473 154 HOH HOH A . 
J 6 HOH 174 474 151 HOH HOH A . 
J 6 HOH 175 475 200 HOH HOH A . 
J 6 HOH 176 476 158 HOH HOH A . 
J 6 HOH 177 477 162 HOH HOH A . 
J 6 HOH 178 478 207 HOH HOH A . 
J 6 HOH 179 479 226 HOH HOH A . 
J 6 HOH 180 480 171 HOH HOH A . 
J 6 HOH 181 481 231 HOH HOH A . 
J 6 HOH 182 482 175 HOH HOH A . 
J 6 HOH 183 483 87  HOH HOH A . 
J 6 HOH 184 484 247 HOH HOH A . 
J 6 HOH 185 485 225 HOH HOH A . 
J 6 HOH 186 486 190 HOH HOH A . 
J 6 HOH 187 487 134 HOH HOH A . 
J 6 HOH 188 488 218 HOH HOH A . 
J 6 HOH 189 489 201 HOH HOH A . 
J 6 HOH 190 490 99  HOH HOH A . 
J 6 HOH 191 491 239 HOH HOH A . 
J 6 HOH 192 492 228 HOH HOH A . 
J 6 HOH 193 493 140 HOH HOH A . 
J 6 HOH 194 494 240 HOH HOH A . 
J 6 HOH 195 495 83  HOH HOH A . 
J 6 HOH 196 496 157 HOH HOH A . 
J 6 HOH 197 497 251 HOH HOH A . 
J 6 HOH 198 498 127 HOH HOH A . 
J 6 HOH 199 499 232 HOH HOH A . 
J 6 HOH 200 500 142 HOH HOH A . 
J 6 HOH 201 501 86  HOH HOH A . 
J 6 HOH 202 502 122 HOH HOH A . 
J 6 HOH 203 503 163 HOH HOH A . 
J 6 HOH 204 504 229 HOH HOH A . 
J 6 HOH 205 505 172 HOH HOH A . 
J 6 HOH 206 506 221 HOH HOH A . 
J 6 HOH 207 507 129 HOH HOH A . 
J 6 HOH 208 508 189 HOH HOH A . 
J 6 HOH 209 509 73  HOH HOH A . 
J 6 HOH 210 510 185 HOH HOH A . 
J 6 HOH 211 511 209 HOH HOH A . 
J 6 HOH 212 512 32  HOH HOH A . 
J 6 HOH 213 513 202 HOH HOH A . 
J 6 HOH 214 514 85  HOH HOH A . 
J 6 HOH 215 515 165 HOH HOH A . 
J 6 HOH 216 516 236 HOH HOH A . 
J 6 HOH 217 517 75  HOH HOH A . 
J 6 HOH 218 518 56  HOH HOH A . 
J 6 HOH 219 519 223 HOH HOH A . 
J 6 HOH 220 520 208 HOH HOH A . 
J 6 HOH 221 521 187 HOH HOH A . 
J 6 HOH 222 522 235 HOH HOH A . 
J 6 HOH 223 523 206 HOH HOH A . 
J 6 HOH 224 524 114 HOH HOH A . 
J 6 HOH 225 525 199 HOH HOH A . 
J 6 HOH 226 526 153 HOH HOH A . 
J 6 HOH 227 527 222 HOH HOH A . 
J 6 HOH 228 528 92  HOH HOH A . 
J 6 HOH 229 529 242 HOH HOH A . 
J 6 HOH 230 530 160 HOH HOH A . 
J 6 HOH 231 531 241 HOH HOH A . 
J 6 HOH 232 532 164 HOH HOH A . 
J 6 HOH 233 533 125 HOH HOH A . 
J 6 HOH 234 534 243 HOH HOH A . 
J 6 HOH 235 535 244 HOH HOH A . 
# 
loop_
_software.classification 
_software.name 
_software.version 
_software.citation_id 
_software.pdbx_ordinal 
refinement       REFMAC  5.8.0267 ? 1 
refinement       REFMAC5 .        ? 2 
'data scaling'   Aimless .        ? 3 
phasing          PHASER  .        ? 4 
'data reduction' XDS     .        ? 5 
# 
_cell.entry_id           7H33 
_cell.length_a           86.074 
_cell.length_b           56.577 
_cell.length_c           32.371 
_cell.angle_alpha        90.00 
_cell.angle_beta         94.77 
_cell.angle_gamma        90.00 
_cell.Z_PDB              4 
_cell.pdbx_unique_axis   ? 
# 
_symmetry.entry_id                         7H33 
_symmetry.space_group_name_H-M             'C 1 2 1' 
_symmetry.pdbx_full_space_group_name_H-M   ? 
_symmetry.cell_setting                     ? 
_symmetry.Int_Tables_number                5 
# 
_exptl.entry_id          7H33 
_exptl.method            'X-RAY DIFFRACTION' 
_exptl.crystals_number   1 
# 
_exptl_crystal.id                    1 
_exptl_crystal.density_meas          ? 
_exptl_crystal.density_Matthews      2.38 
_exptl_crystal.density_percent_sol   48.35 
_exptl_crystal.description           ? 
# 
_exptl_crystal_grow.crystal_id      1 
_exptl_crystal_grow.method          'VAPOR DIFFUSION, SITTING DROP' 
_exptl_crystal_grow.pH              6.05 
_exptl_crystal_grow.temp            293.15 
_exptl_crystal_grow.pdbx_details    '0.1 M MES, pH 6.05, 16 % PEG 20,000' 
_exptl_crystal_grow.temp_details    ? 
_exptl_crystal_grow.pdbx_pH_range   ? 
# 
_diffrn.id                     1 
_diffrn.ambient_temp           100 
_diffrn.crystal_id             1 
_diffrn.ambient_temp_details   ? 
# 
_diffrn_detector.detector               PIXEL 
_diffrn_detector.type                   'DECTRIS EIGER2 XE 16M' 
_diffrn_detector.pdbx_collection_date   2023-10-11 
_diffrn_detector.diffrn_id              1 
_diffrn_detector.details                ? 
# 
_diffrn_radiation.diffrn_id                        1 
_diffrn_radiation.wavelength_id                    1 
_diffrn_radiation.pdbx_diffrn_protocol             'SINGLE WAVELENGTH' 
_diffrn_radiation.pdbx_monochromatic_or_laue_m_l   ? 
_diffrn_radiation.monochromator                    ? 
_diffrn_radiation.pdbx_scattering_type             x-ray 
# 
_diffrn_radiation_wavelength.id           1 
_diffrn_radiation_wavelength.wavelength   0.94055 
_diffrn_radiation_wavelength.wt           1.0 
# 
_diffrn_source.diffrn_id                   1 
_diffrn_source.source                      SYNCHROTRON 
_diffrn_source.type                        'DIAMOND BEAMLINE I03' 
_diffrn_source.pdbx_wavelength_list        0.94055 
_diffrn_source.pdbx_synchrotron_site       Diamond 
_diffrn_source.pdbx_synchrotron_beamline   I03 
_diffrn_source.pdbx_wavelength             ? 
# 
_reflns.entry_id                     7H33 
_reflns.pdbx_diffrn_id               1 
_reflns.pdbx_ordinal                 1 
_reflns.d_resolution_low             47.23 
_reflns.d_resolution_high            1.04 
_reflns.number_obs                   62442 
_reflns.percent_possible_obs         84.3 
_reflns.pdbx_Rmerge_I_obs            0.081 
_reflns.pdbx_netI_over_sigmaI        12.4 
_reflns.pdbx_redundancy              6.6 
_reflns.pdbx_Rrim_I_all              0.088 
_reflns.pdbx_Rpim_I_all              0.034 
_reflns.pdbx_CC_half                 0.997 
_reflns.pdbx_number_measured_all     413279 
_reflns.pdbx_chi_squared             0.91 
_reflns.observed_criterion_sigma_I   ? 
_reflns.observed_criterion_sigma_F   ? 
_reflns.number_all                   ? 
_reflns.pdbx_Rsym_value              ? 
_reflns.B_iso_Wilson_estimate        ? 
# 
_reflns_shell.pdbx_diffrn_id              1 
_reflns_shell.pdbx_ordinal                1 
_reflns_shell.d_res_high                  1.04 
_reflns_shell.d_res_low                   1.06 
_reflns_shell.number_measured_all         4503 
_reflns_shell.number_unique_obs           1151 
_reflns_shell.Rmerge_I_obs                2.177 
_reflns_shell.pdbx_chi_squared            0.37 
_reflns_shell.pdbx_redundancy             3.9 
_reflns_shell.percent_possible_obs        31.6 
_reflns_shell.pdbx_netI_over_sigmaI_obs   0.4 
_reflns_shell.pdbx_Rrim_I_all             2.493 
_reflns_shell.pdbx_Rpim_I_all             1.195 
_reflns_shell.pdbx_CC_half                0.251 
_reflns_shell.percent_possible_all        ? 
_reflns_shell.pdbx_Rsym_value             ? 
_reflns_shell.meanI_over_sigI_obs         ? 
# 
_refine.pdbx_refine_id                           'X-RAY DIFFRACTION' 
_refine.entry_id                                 7H33 
_refine.pdbx_diffrn_id                           1 
_refine.pdbx_TLS_residual_ADP_flag               ? 
_refine.ls_number_reflns_obs                     59188 
_refine.ls_number_reflns_all                     ? 
_refine.pdbx_ls_sigma_I                          ? 
_refine.pdbx_ls_sigma_F                          ? 
_refine.pdbx_data_cutoff_high_absF               ? 
_refine.pdbx_data_cutoff_low_absF                ? 
_refine.pdbx_data_cutoff_high_rms_absF           ? 
_refine.ls_d_res_low                             47.23 
_refine.ls_d_res_high                            1.04 
_refine.ls_percent_reflns_obs                    83.89 
_refine.ls_R_factor_obs                          0.17874 
_refine.ls_R_factor_all                          ? 
_refine.ls_R_factor_R_work                       0.17788 
_refine.ls_R_factor_R_free                       0.19479 
_refine.ls_R_factor_R_free_error                 ? 
_refine.ls_R_factor_R_free_error_details         ? 
_refine.ls_percent_reflns_R_free                 4.9 
_refine.ls_number_reflns_R_free                  3078 
_refine.ls_number_parameters                     ? 
_refine.ls_number_restraints                     ? 
_refine.occupancy_min                            ? 
_refine.occupancy_max                            ? 
_refine.correlation_coeff_Fo_to_Fc               0.971 
_refine.correlation_coeff_Fo_to_Fc_free          0.965 
_refine.B_iso_mean                               14.850 
_refine.aniso_B[1][1]                            -0.32 
_refine.aniso_B[2][2]                            0.86 
_refine.aniso_B[3][3]                            -0.50 
_refine.aniso_B[1][2]                            -0.00 
_refine.aniso_B[1][3]                            -0.16 
_refine.aniso_B[2][3]                            0.00 
_refine.solvent_model_details                    MASK 
_refine.solvent_model_param_ksol                 ? 
_refine.solvent_model_param_bsol                 ? 
_refine.pdbx_solvent_vdw_probe_radii             1.20 
_refine.pdbx_solvent_ion_probe_radii             0.80 
_refine.pdbx_solvent_shrinkage_radii             0.80 
_refine.pdbx_ls_cross_valid_method               THROUGHOUT 
_refine.details                                  'HYDROGENS HAVE BEEN ADDED IN THE RIDING POSITIONS' 
_refine.pdbx_starting_model                      ? 
_refine.pdbx_method_to_determine_struct          'MOLECULAR REPLACEMENT' 
_refine.pdbx_isotropic_thermal_model             ? 
_refine.pdbx_stereochemistry_target_values       'MAXIMUM LIKELIHOOD' 
_refine.pdbx_stereochem_target_val_spec_case     ? 
_refine.pdbx_R_Free_selection_details            RANDOM 
_refine.pdbx_overall_ESU_R                       0.033 
_refine.pdbx_overall_ESU_R_Free                  0.035 
_refine.overall_SU_ML                            0.031 
_refine.pdbx_overall_phase_error                 ? 
_refine.overall_SU_B                             0.665 
_refine.overall_SU_R_Cruickshank_DPI             ? 
_refine.pdbx_overall_SU_R_free_Cruickshank_DPI   ? 
_refine.pdbx_overall_SU_R_Blow_DPI               ? 
_refine.pdbx_overall_SU_R_free_Blow_DPI          ? 
# 
_refine_hist.pdbx_refine_id                   'X-RAY DIFFRACTION' 
_refine_hist.cycle_id                         1 
_refine_hist.pdbx_number_atoms_protein        1083 
_refine_hist.pdbx_number_atoms_nucleic_acid   0 
_refine_hist.pdbx_number_atoms_ligand         52 
_refine_hist.number_atoms_solvent             235 
_refine_hist.number_atoms_total               1370 
_refine_hist.d_res_high                       1.04 
_refine_hist.d_res_low                        47.23 
# 
loop_
_refine_ls_restr.type 
_refine_ls_restr.dev_ideal 
_refine_ls_restr.dev_ideal_target 
_refine_ls_restr.weight 
_refine_ls_restr.number 
_refine_ls_restr.pdbx_refine_id 
_refine_ls_restr.pdbx_restraint_function 
r_bond_refined_d             0.014  0.013  ? 1339 'X-RAY DIFFRACTION' ? 
r_bond_other_d               0.001  0.015  ? 1117 'X-RAY DIFFRACTION' ? 
r_angle_refined_deg          1.804  1.607  ? 1732 'X-RAY DIFFRACTION' ? 
r_angle_other_deg            1.504  1.648  ? 2563 'X-RAY DIFFRACTION' ? 
r_dihedral_angle_1_deg       6.596  5.000  ? 157  'X-RAY DIFFRACTION' ? 
r_dihedral_angle_2_deg       32.062 21.385 ? 65   'X-RAY DIFFRACTION' ? 
r_dihedral_angle_3_deg       11.884 15.000 ? 175  'X-RAY DIFFRACTION' ? 
r_dihedral_angle_4_deg       22.291 15.000 ? 9    'X-RAY DIFFRACTION' ? 
r_chiral_restr               0.091  0.200  ? 158  'X-RAY DIFFRACTION' ? 
r_gen_planes_refined         0.010  0.020  ? 1597 'X-RAY DIFFRACTION' ? 
r_gen_planes_other           0.001  0.020  ? 313  'X-RAY DIFFRACTION' ? 
r_nbd_refined                ?      ?      ? ?    'X-RAY DIFFRACTION' ? 
r_nbd_other                  ?      ?      ? ?    'X-RAY DIFFRACTION' ? 
r_nbtor_refined              ?      ?      ? ?    'X-RAY DIFFRACTION' ? 
r_nbtor_other                ?      ?      ? ?    'X-RAY DIFFRACTION' ? 
r_xyhbond_nbd_refined        ?      ?      ? ?    'X-RAY DIFFRACTION' ? 
r_xyhbond_nbd_other          ?      ?      ? ?    'X-RAY DIFFRACTION' ? 
r_metal_ion_refined          ?      ?      ? ?    'X-RAY DIFFRACTION' ? 
r_metal_ion_other            ?      ?      ? ?    'X-RAY DIFFRACTION' ? 
r_symmetry_vdw_refined       ?      ?      ? ?    'X-RAY DIFFRACTION' ? 
r_symmetry_vdw_other         ?      ?      ? ?    'X-RAY DIFFRACTION' ? 
r_symmetry_hbond_refined     ?      ?      ? ?    'X-RAY DIFFRACTION' ? 
r_symmetry_hbond_other       ?      ?      ? ?    'X-RAY DIFFRACTION' ? 
r_symmetry_metal_ion_refined ?      ?      ? ?    'X-RAY DIFFRACTION' ? 
r_symmetry_metal_ion_other   ?      ?      ? ?    'X-RAY DIFFRACTION' ? 
r_mcbond_it                  1.337  1.279  ? 642  'X-RAY DIFFRACTION' ? 
r_mcbond_other               1.346  1.257  ? 633  'X-RAY DIFFRACTION' ? 
r_mcangle_it                 2.031  1.868  ? 769  'X-RAY DIFFRACTION' ? 
r_mcangle_other              2.030  1.870  ? 770  'X-RAY DIFFRACTION' ? 
r_scbond_it                  1.928  1.584  ? 694  'X-RAY DIFFRACTION' ? 
r_scbond_other               1.880  1.574  ? 694  'X-RAY DIFFRACTION' ? 
r_scangle_it                 ?      ?      ? ?    'X-RAY DIFFRACTION' ? 
r_scangle_other              2.660  2.255  ? 958  'X-RAY DIFFRACTION' ? 
r_long_range_B_refined       5.580  17.816 ? 1490 'X-RAY DIFFRACTION' ? 
r_long_range_B_other         5.579  17.832 ? 1491 'X-RAY DIFFRACTION' ? 
r_rigid_bond_restr           ?      ?      ? ?    'X-RAY DIFFRACTION' ? 
r_sphericity_free            ?      ?      ? ?    'X-RAY DIFFRACTION' ? 
r_sphericity_bonded          ?      ?      ? ?    'X-RAY DIFFRACTION' ? 
# 
_refine_ls_shell.pdbx_refine_id                   'X-RAY DIFFRACTION' 
_refine_ls_shell.pdbx_total_number_of_bins_used   20 
_refine_ls_shell.d_res_high                       1.040 
_refine_ls_shell.d_res_low                        1.067 
_refine_ls_shell.number_reflns_R_work             1617 
_refine_ls_shell.R_factor_R_work                  0.395 
_refine_ls_shell.percent_reflns_obs               31.02 
_refine_ls_shell.R_factor_R_free                  0.413 
_refine_ls_shell.R_factor_R_free_error            ? 
_refine_ls_shell.percent_reflns_R_free            ? 
_refine_ls_shell.number_reflns_R_free             94 
_refine_ls_shell.number_reflns_all                ? 
_refine_ls_shell.R_factor_all                     ? 
# 
_struct.entry_id                  7H33 
_struct.title                     
;Group deposition for crystallographic fragment screening of Coxsackievirus A16 (G-10) 2A protease -- Crystal structure of Coxsackievirus A16 (G-10) 2A protease in complex with Z1491353358 (A71EV2A-x0278)
;
_struct.pdbx_model_details        ? 
_struct.pdbx_CASP_flag            ? 
_struct.pdbx_model_type_details   ? 
# 
_struct_keywords.entry_id        7H33 
_struct_keywords.pdbx_keywords   HYDROLASE 
_struct_keywords.text            
;Diamond Light Source, I03, ASAP, Coxsackievirus A16, crystallographic fragment screening, PanDDA, Pandda2, XChemExplorer, viral protein, HYDROLASE
;
# 
loop_
_struct_asym.id 
_struct_asym.pdbx_blank_PDB_chainid_flag 
_struct_asym.pdbx_modified 
_struct_asym.entity_id 
_struct_asym.details 
A N N 1 ? 
B N N 2 ? 
C N N 2 ? 
D N N 3 ? 
E N N 4 ? 
F N N 4 ? 
G N N 4 ? 
H N N 4 ? 
I N N 5 ? 
J N N 6 ? 
# 
_struct_ref.id                         1 
_struct_ref.db_name                    UNP 
_struct_ref.db_code                    POLG_CX16G 
_struct_ref.pdbx_db_accession          Q65900 
_struct_ref.pdbx_db_isoform            ? 
_struct_ref.entity_id                  1 
_struct_ref.pdbx_seq_one_letter_code   
;SGAIYVGNYRVVNRHLATHNDWANLVWEDSSRDLLVSSTTAQGCDTIARCDCQTGVYYCSSRRKHYPVSFSKPSLIFVEA
SEYYPARYQSHLMLAVGHSEPGDCGGILRCQHGVVGIVSTGGNGLVGFADVRDLLWLDEEAMEQ
;
_struct_ref.pdbx_align_begin           869 
# 
_struct_ref_seq.align_id                      1 
_struct_ref_seq.ref_id                        1 
_struct_ref_seq.pdbx_PDB_id_code              7H33 
_struct_ref_seq.pdbx_strand_id                A 
_struct_ref_seq.seq_align_beg                 7 
_struct_ref_seq.pdbx_seq_align_beg_ins_code   ? 
_struct_ref_seq.seq_align_end                 150 
_struct_ref_seq.pdbx_seq_align_end_ins_code   ? 
_struct_ref_seq.pdbx_db_accession             Q65900 
_struct_ref_seq.db_align_beg                  869 
_struct_ref_seq.pdbx_db_align_beg_ins_code    ? 
_struct_ref_seq.db_align_end                  1012 
_struct_ref_seq.pdbx_db_align_end_ins_code    ? 
_struct_ref_seq.pdbx_auth_seq_align_beg       7 
_struct_ref_seq.pdbx_auth_seq_align_end       150 
# 
loop_
_struct_ref_seq_dif.align_id 
_struct_ref_seq_dif.pdbx_pdb_id_code 
_struct_ref_seq_dif.mon_id 
_struct_ref_seq_dif.pdbx_pdb_strand_id 
_struct_ref_seq_dif.seq_num 
_struct_ref_seq_dif.pdbx_pdb_ins_code 
_struct_ref_seq_dif.pdbx_seq_db_name 
_struct_ref_seq_dif.pdbx_seq_db_accession_code 
_struct_ref_seq_dif.db_mon_id 
_struct_ref_seq_dif.pdbx_seq_db_seq_num 
_struct_ref_seq_dif.details 
_struct_ref_seq_dif.pdbx_auth_seq_num 
_struct_ref_seq_dif.pdbx_ordinal 
1 7H33 GLN A 1 ? UNP Q65900 ? ? 'expression tag' 1 1 
1 7H33 GLU A 2 ? UNP Q65900 ? ? 'expression tag' 2 2 
1 7H33 GLN A 3 ? UNP Q65900 ? ? 'expression tag' 3 3 
1 7H33 THR A 4 ? UNP Q65900 ? ? 'expression tag' 4 4 
1 7H33 GLY A 5 ? UNP Q65900 ? ? 'expression tag' 5 5 
1 7H33 GLY A 6 ? UNP Q65900 ? ? 'expression tag' 6 6 
# 
_pdbx_struct_assembly.id                   1 
_pdbx_struct_assembly.details              author_and_software_defined_assembly 
_pdbx_struct_assembly.method_details       PISA 
_pdbx_struct_assembly.oligomeric_details   monomeric 
_pdbx_struct_assembly.oligomeric_count     1 
# 
loop_
_pdbx_struct_assembly_prop.biol_id 
_pdbx_struct_assembly_prop.type 
_pdbx_struct_assembly_prop.value 
_pdbx_struct_assembly_prop.details 
1 'ABSA (A^2)' 690  ? 
1 MORE         -6   ? 
1 'SSA (A^2)'  7630 ? 
# 
_pdbx_struct_assembly_gen.assembly_id       1 
_pdbx_struct_assembly_gen.oper_expression   1 
_pdbx_struct_assembly_gen.asym_id_list      A,B,C,D,E,F,G,H,I,J 
# 
_pdbx_struct_oper_list.id                   1 
_pdbx_struct_oper_list.type                 'identity operation' 
_pdbx_struct_oper_list.name                 1_555 
_pdbx_struct_oper_list.symmetry_operation   x,y,z 
_pdbx_struct_oper_list.matrix[1][1]         1.0000000000 
_pdbx_struct_oper_list.matrix[1][2]         0.0000000000 
_pdbx_struct_oper_list.matrix[1][3]         0.0000000000 
_pdbx_struct_oper_list.vector[1]            0.0000000000 
_pdbx_struct_oper_list.matrix[2][1]         0.0000000000 
_pdbx_struct_oper_list.matrix[2][2]         1.0000000000 
_pdbx_struct_oper_list.matrix[2][3]         0.0000000000 
_pdbx_struct_oper_list.vector[2]            0.0000000000 
_pdbx_struct_oper_list.matrix[3][1]         0.0000000000 
_pdbx_struct_oper_list.matrix[3][2]         0.0000000000 
_pdbx_struct_oper_list.matrix[3][3]         1.0000000000 
_pdbx_struct_oper_list.vector[3]            0.0000000000 
# 
loop_
_struct_conf.conf_type_id 
_struct_conf.id 
_struct_conf.pdbx_PDB_helix_id 
_struct_conf.beg_label_comp_id 
_struct_conf.beg_label_asym_id 
_struct_conf.beg_label_seq_id 
_struct_conf.pdbx_beg_PDB_ins_code 
_struct_conf.end_label_comp_id 
_struct_conf.end_label_asym_id 
_struct_conf.end_label_seq_id 
_struct_conf.pdbx_end_PDB_ins_code 
_struct_conf.beg_auth_comp_id 
_struct_conf.beg_auth_asym_id 
_struct_conf.beg_auth_seq_id 
_struct_conf.end_auth_comp_id 
_struct_conf.end_auth_asym_id 
_struct_conf.end_auth_seq_id 
_struct_conf.pdbx_PDB_helix_class 
_struct_conf.details 
_struct_conf.pdbx_PDB_helix_length 
HELX_P HELX_P1 AA1 HIS A 21  ? ALA A 23  ? HIS A 21  ALA A 23  5 ? 3 
HELX_P HELX_P2 AA2 THR A 24  ? ASN A 30  ? THR A 24  ASN A 30  1 ? 7 
HELX_P HELX_P3 AA3 SER A 36  ? ARG A 38  ? SER A 36  ARG A 38  5 ? 3 
HELX_P HELX_P4 AA4 SER A 66  ? ARG A 69  ? SER A 66  ARG A 69  5 ? 4 
HELX_P HELX_P5 AA5 GLU A 106 ? CYS A 110 ? GLU A 106 CYS A 110 5 ? 5 
HELX_P HELX_P6 AA6 LEU A 140 ? GLU A 145 ? LEU A 140 GLU A 145 5 ? 6 
# 
_struct_conf_type.id          HELX_P 
_struct_conf_type.criteria    ? 
_struct_conf_type.reference   ? 
# 
loop_
_struct_conn.id 
_struct_conn.conn_type_id 
_struct_conn.pdbx_leaving_atom_flag 
_struct_conn.pdbx_PDB_id 
_struct_conn.ptnr1_label_asym_id 
_struct_conn.ptnr1_label_comp_id 
_struct_conn.ptnr1_label_seq_id 
_struct_conn.ptnr1_label_atom_id 
_struct_conn.pdbx_ptnr1_label_alt_id 
_struct_conn.pdbx_ptnr1_PDB_ins_code 
_struct_conn.pdbx_ptnr1_standard_comp_id 
_struct_conn.ptnr1_symmetry 
_struct_conn.ptnr2_label_asym_id 
_struct_conn.ptnr2_label_comp_id 
_struct_conn.ptnr2_label_seq_id 
_struct_conn.ptnr2_label_atom_id 
_struct_conn.pdbx_ptnr2_label_alt_id 
_struct_conn.pdbx_ptnr2_PDB_ins_code 
_struct_conn.ptnr1_auth_asym_id 
_struct_conn.ptnr1_auth_comp_id 
_struct_conn.ptnr1_auth_seq_id 
_struct_conn.ptnr2_auth_asym_id 
_struct_conn.ptnr2_auth_comp_id 
_struct_conn.ptnr2_auth_seq_id 
_struct_conn.ptnr2_symmetry 
_struct_conn.pdbx_ptnr3_label_atom_id 
_struct_conn.pdbx_ptnr3_label_seq_id 
_struct_conn.pdbx_ptnr3_label_comp_id 
_struct_conn.pdbx_ptnr3_label_asym_id 
_struct_conn.pdbx_ptnr3_label_alt_id 
_struct_conn.pdbx_ptnr3_PDB_ins_code 
_struct_conn.details 
_struct_conn.pdbx_dist_value 
_struct_conn.pdbx_value_order 
_struct_conn.pdbx_role 
metalc1 metalc ? ? A CYS 56  SG  ? ? ? 1_555 D ZN . ZN ? ? A CYS 56  A ZN 203 1_555 ? ? ? ? ? ? ? 2.329 ? ? 
metalc2 metalc ? ? A CYS 58  SG  ? ? ? 1_555 D ZN . ZN ? ? A CYS 58  A ZN 203 1_555 ? ? ? ? ? ? ? 2.312 ? ? 
metalc3 metalc ? ? A CYS 116 SG  ? ? ? 1_555 D ZN . ZN ? ? A CYS 116 A ZN 203 1_555 ? ? ? ? ? ? ? 2.299 ? ? 
metalc4 metalc ? ? A HIS 118 ND1 ? ? ? 1_555 D ZN . ZN ? ? A HIS 118 A ZN 203 1_555 ? ? ? ? ? ? ? 2.051 ? ? 
# 
_struct_conn_type.id          metalc 
_struct_conn_type.criteria    ? 
_struct_conn_type.reference   ? 
# 
loop_
_pdbx_struct_conn_angle.id 
_pdbx_struct_conn_angle.ptnr1_label_atom_id 
_pdbx_struct_conn_angle.ptnr1_label_alt_id 
_pdbx_struct_conn_angle.ptnr1_label_asym_id 
_pdbx_struct_conn_angle.ptnr1_label_comp_id 
_pdbx_struct_conn_angle.ptnr1_label_seq_id 
_pdbx_struct_conn_angle.ptnr1_auth_atom_id 
_pdbx_struct_conn_angle.ptnr1_auth_asym_id 
_pdbx_struct_conn_angle.ptnr1_auth_comp_id 
_pdbx_struct_conn_angle.ptnr1_auth_seq_id 
_pdbx_struct_conn_angle.ptnr1_PDB_ins_code 
_pdbx_struct_conn_angle.ptnr1_symmetry 
_pdbx_struct_conn_angle.ptnr2_label_atom_id 
_pdbx_struct_conn_angle.ptnr2_label_alt_id 
_pdbx_struct_conn_angle.ptnr2_label_asym_id 
_pdbx_struct_conn_angle.ptnr2_label_comp_id 
_pdbx_struct_conn_angle.ptnr2_label_seq_id 
_pdbx_struct_conn_angle.ptnr2_auth_atom_id 
_pdbx_struct_conn_angle.ptnr2_auth_asym_id 
_pdbx_struct_conn_angle.ptnr2_auth_comp_id 
_pdbx_struct_conn_angle.ptnr2_auth_seq_id 
_pdbx_struct_conn_angle.ptnr2_PDB_ins_code 
_pdbx_struct_conn_angle.ptnr2_symmetry 
_pdbx_struct_conn_angle.ptnr3_label_atom_id 
_pdbx_struct_conn_angle.ptnr3_label_alt_id 
_pdbx_struct_conn_angle.ptnr3_label_asym_id 
_pdbx_struct_conn_angle.ptnr3_label_comp_id 
_pdbx_struct_conn_angle.ptnr3_label_seq_id 
_pdbx_struct_conn_angle.ptnr3_auth_atom_id 
_pdbx_struct_conn_angle.ptnr3_auth_asym_id 
_pdbx_struct_conn_angle.ptnr3_auth_comp_id 
_pdbx_struct_conn_angle.ptnr3_auth_seq_id 
_pdbx_struct_conn_angle.ptnr3_PDB_ins_code 
_pdbx_struct_conn_angle.ptnr3_symmetry 
_pdbx_struct_conn_angle.value 
_pdbx_struct_conn_angle.value_esd 
1 SG ? A CYS 56  ? A CYS 56  ? 1_555 ZN ? D ZN . ? A ZN 203 ? 1_555 SG  ? A CYS 58  ? A CYS 58  ? 1_555 109.2 ? 
2 SG ? A CYS 56  ? A CYS 56  ? 1_555 ZN ? D ZN . ? A ZN 203 ? 1_555 SG  ? A CYS 116 ? A CYS 116 ? 1_555 105.8 ? 
3 SG ? A CYS 58  ? A CYS 58  ? 1_555 ZN ? D ZN . ? A ZN 203 ? 1_555 SG  ? A CYS 116 ? A CYS 116 ? 1_555 117.2 ? 
4 SG ? A CYS 56  ? A CYS 56  ? 1_555 ZN ? D ZN . ? A ZN 203 ? 1_555 ND1 ? A HIS 118 ? A HIS 118 ? 1_555 106.3 ? 
5 SG ? A CYS 58  ? A CYS 58  ? 1_555 ZN ? D ZN . ? A ZN 203 ? 1_555 ND1 ? A HIS 118 ? A HIS 118 ? 1_555 102.1 ? 
6 SG ? A CYS 116 ? A CYS 116 ? 1_555 ZN ? D ZN . ? A ZN 203 ? 1_555 ND1 ? A HIS 118 ? A HIS 118 ? 1_555 115.7 ? 
# 
loop_
_struct_sheet.id 
_struct_sheet.type 
_struct_sheet.number_strands 
_struct_sheet.details 
AA1 ? 4 ? 
AA2 ? 7 ? 
# 
loop_
_struct_sheet_order.sheet_id 
_struct_sheet_order.range_id_1 
_struct_sheet_order.range_id_2 
_struct_sheet_order.offset 
_struct_sheet_order.sense 
AA1 1 2 ? anti-parallel 
AA1 2 3 ? anti-parallel 
AA1 3 4 ? anti-parallel 
AA2 1 2 ? anti-parallel 
AA2 2 3 ? anti-parallel 
AA2 3 4 ? anti-parallel 
AA2 4 5 ? anti-parallel 
AA2 5 6 ? anti-parallel 
AA2 6 7 ? anti-parallel 
# 
loop_
_struct_sheet_range.sheet_id 
_struct_sheet_range.id 
_struct_sheet_range.beg_label_comp_id 
_struct_sheet_range.beg_label_asym_id 
_struct_sheet_range.beg_label_seq_id 
_struct_sheet_range.pdbx_beg_PDB_ins_code 
_struct_sheet_range.end_label_comp_id 
_struct_sheet_range.end_label_asym_id 
_struct_sheet_range.end_label_seq_id 
_struct_sheet_range.pdbx_end_PDB_ins_code 
_struct_sheet_range.beg_auth_comp_id 
_struct_sheet_range.beg_auth_asym_id 
_struct_sheet_range.beg_auth_seq_id 
_struct_sheet_range.end_auth_comp_id 
_struct_sheet_range.end_auth_asym_id 
_struct_sheet_range.end_auth_seq_id 
AA1 1 ILE A 10  ? VAL A 12  ? ILE A 10  VAL A 12  
AA1 2 TYR A 15  ? ASN A 19  ? TYR A 15  ASN A 19  
AA1 3 LEU A 40  ? SER A 44  ? LEU A 40  SER A 44  
AA1 4 LEU A 31  ? ASP A 35  ? LEU A 31  ASP A 35  
AA2 1 LYS A 70  ? SER A 75  ? LYS A 70  SER A 75  
AA2 2 THR A 60  ? CYS A 65  ? THR A 60  CYS A 65  
AA2 3 ILE A 113 ? CYS A 116 ? ILE A 113 CYS A 116 
AA2 4 GLY A 119 ? THR A 126 ? GLY A 119 THR A 126 
AA2 5 LEU A 131 ? ASP A 136 ? LEU A 131 ASP A 136 
AA2 6 ARG A 93  ? VAL A 102 ? ARG A 93  VAL A 102 
AA2 7 SER A 80  ? VAL A 84  ? SER A 80  VAL A 84  
# 
loop_
_pdbx_struct_sheet_hbond.sheet_id 
_pdbx_struct_sheet_hbond.range_id_1 
_pdbx_struct_sheet_hbond.range_id_2 
_pdbx_struct_sheet_hbond.range_1_label_atom_id 
_pdbx_struct_sheet_hbond.range_1_label_comp_id 
_pdbx_struct_sheet_hbond.range_1_label_asym_id 
_pdbx_struct_sheet_hbond.range_1_label_seq_id 
_pdbx_struct_sheet_hbond.range_1_PDB_ins_code 
_pdbx_struct_sheet_hbond.range_1_auth_atom_id 
_pdbx_struct_sheet_hbond.range_1_auth_comp_id 
_pdbx_struct_sheet_hbond.range_1_auth_asym_id 
_pdbx_struct_sheet_hbond.range_1_auth_seq_id 
_pdbx_struct_sheet_hbond.range_2_label_atom_id 
_pdbx_struct_sheet_hbond.range_2_label_comp_id 
_pdbx_struct_sheet_hbond.range_2_label_asym_id 
_pdbx_struct_sheet_hbond.range_2_label_seq_id 
_pdbx_struct_sheet_hbond.range_2_PDB_ins_code 
_pdbx_struct_sheet_hbond.range_2_auth_atom_id 
_pdbx_struct_sheet_hbond.range_2_auth_comp_id 
_pdbx_struct_sheet_hbond.range_2_auth_asym_id 
_pdbx_struct_sheet_hbond.range_2_auth_seq_id 
AA1 1 2 N ILE A 10  ? N ILE A 10  O VAL A 17  ? O VAL A 17  
AA1 2 3 N VAL A 18  ? N VAL A 18  O LEU A 41  ? O LEU A 41  
AA1 3 4 O VAL A 42  ? O VAL A 42  N TRP A 33  ? N TRP A 33  
AA2 1 2 O LYS A 70  ? O LYS A 70  N CYS A 65  ? N CYS A 65  
AA2 2 3 N VAL A 62  ? N VAL A 62  O ARG A 115 ? O ARG A 115 
AA2 3 4 N LEU A 114 ? N LEU A 114 O VAL A 121 ? O VAL A 121 
AA2 4 5 N SER A 125 ? N SER A 125 O GLY A 133 ? O GLY A 133 
AA2 5 6 O VAL A 132 ? O VAL A 132 N ALA A 101 ? N ALA A 101 
AA2 6 7 O ARG A 93  ? O ARG A 93  N VAL A 84  ? N VAL A 84  
# 
_pdbx_entry_details.entry_id                   7H33 
_pdbx_entry_details.compound_details           ? 
_pdbx_entry_details.source_details             ? 
_pdbx_entry_details.nonpolymer_details         ? 
_pdbx_entry_details.sequence_details           ? 
_pdbx_entry_details.has_ligand_of_interest     ? 
_pdbx_entry_details.has_protein_modification   N 
# 
loop_
_pdbx_validate_close_contact.id 
_pdbx_validate_close_contact.PDB_model_num 
_pdbx_validate_close_contact.auth_atom_id_1 
_pdbx_validate_close_contact.auth_asym_id_1 
_pdbx_validate_close_contact.auth_comp_id_1 
_pdbx_validate_close_contact.auth_seq_id_1 
_pdbx_validate_close_contact.PDB_ins_code_1 
_pdbx_validate_close_contact.label_alt_id_1 
_pdbx_validate_close_contact.auth_atom_id_2 
_pdbx_validate_close_contact.auth_asym_id_2 
_pdbx_validate_close_contact.auth_comp_id_2 
_pdbx_validate_close_contact.auth_seq_id_2 
_pdbx_validate_close_contact.PDB_ins_code_2 
_pdbx_validate_close_contact.label_alt_id_2 
_pdbx_validate_close_contact.dist 
1 1 O  A HOH 349 ? ? O A HOH 454 ? ? 1.81 
2 1 O  A HOH 329 ? ? O A HOH 334 ? ? 2.08 
3 1 OH A TYR 94  ? ? O A HOH 301 ? ? 2.12 
4 1 O  A HOH 520 ? ? O A HOH 528 ? ? 2.18 
# 
_pdbx_validate_symm_contact.id                1 
_pdbx_validate_symm_contact.PDB_model_num     1 
_pdbx_validate_symm_contact.auth_atom_id_1    O3 
_pdbx_validate_symm_contact.auth_asym_id_1    A 
_pdbx_validate_symm_contact.auth_comp_id_1    SO4 
_pdbx_validate_symm_contact.auth_seq_id_1     208 
_pdbx_validate_symm_contact.PDB_ins_code_1    ? 
_pdbx_validate_symm_contact.label_alt_id_1    ? 
_pdbx_validate_symm_contact.site_symmetry_1   1_555 
_pdbx_validate_symm_contact.auth_atom_id_2    O3 
_pdbx_validate_symm_contact.auth_asym_id_2    A 
_pdbx_validate_symm_contact.auth_comp_id_2    SO4 
_pdbx_validate_symm_contact.auth_seq_id_2     208 
_pdbx_validate_symm_contact.PDB_ins_code_2    ? 
_pdbx_validate_symm_contact.label_alt_id_2    ? 
_pdbx_validate_symm_contact.site_symmetry_2   2_556 
_pdbx_validate_symm_contact.dist              2.19 
# 
_pdbx_validate_rmsd_bond.id                        1 
_pdbx_validate_rmsd_bond.PDB_model_num             1 
_pdbx_validate_rmsd_bond.auth_atom_id_1            CD 
_pdbx_validate_rmsd_bond.auth_asym_id_1            A 
_pdbx_validate_rmsd_bond.auth_comp_id_1            GLU 
_pdbx_validate_rmsd_bond.auth_seq_id_1             106 
_pdbx_validate_rmsd_bond.PDB_ins_code_1            ? 
_pdbx_validate_rmsd_bond.label_alt_id_1            ? 
_pdbx_validate_rmsd_bond.auth_atom_id_2            OE2 
_pdbx_validate_rmsd_bond.auth_asym_id_2            A 
_pdbx_validate_rmsd_bond.auth_comp_id_2            GLU 
_pdbx_validate_rmsd_bond.auth_seq_id_2             106 
_pdbx_validate_rmsd_bond.PDB_ins_code_2            ? 
_pdbx_validate_rmsd_bond.label_alt_id_2            ? 
_pdbx_validate_rmsd_bond.bond_value                1.180 
_pdbx_validate_rmsd_bond.bond_target_value         1.252 
_pdbx_validate_rmsd_bond.bond_deviation            -0.072 
_pdbx_validate_rmsd_bond.bond_standard_deviation   0.011 
_pdbx_validate_rmsd_bond.linker_flag               N 
# 
loop_
_pdbx_validate_rmsd_angle.id 
_pdbx_validate_rmsd_angle.PDB_model_num 
_pdbx_validate_rmsd_angle.auth_atom_id_1 
_pdbx_validate_rmsd_angle.auth_asym_id_1 
_pdbx_validate_rmsd_angle.auth_comp_id_1 
_pdbx_validate_rmsd_angle.auth_seq_id_1 
_pdbx_validate_rmsd_angle.PDB_ins_code_1 
_pdbx_validate_rmsd_angle.label_alt_id_1 
_pdbx_validate_rmsd_angle.auth_atom_id_2 
_pdbx_validate_rmsd_angle.auth_asym_id_2 
_pdbx_validate_rmsd_angle.auth_comp_id_2 
_pdbx_validate_rmsd_angle.auth_seq_id_2 
_pdbx_validate_rmsd_angle.PDB_ins_code_2 
_pdbx_validate_rmsd_angle.label_alt_id_2 
_pdbx_validate_rmsd_angle.auth_atom_id_3 
_pdbx_validate_rmsd_angle.auth_asym_id_3 
_pdbx_validate_rmsd_angle.auth_comp_id_3 
_pdbx_validate_rmsd_angle.auth_seq_id_3 
_pdbx_validate_rmsd_angle.PDB_ins_code_3 
_pdbx_validate_rmsd_angle.label_alt_id_3 
_pdbx_validate_rmsd_angle.angle_value 
_pdbx_validate_rmsd_angle.angle_target_value 
_pdbx_validate_rmsd_angle.angle_deviation 
_pdbx_validate_rmsd_angle.angle_standard_deviation 
_pdbx_validate_rmsd_angle.linker_flag 
1 1 NE A ARG 20 ? ? CZ A ARG 20 ? ? NH1 A ARG 20 ? ? 123.37 120.30 3.07  0.50 N 
2 1 CB A TYR 94 ? ? CG A TYR 94 ? ? CD1 A TYR 94 ? ? 117.08 121.00 -3.92 0.60 N 
# 
_pdbx_distant_solvent_atoms.id                                1 
_pdbx_distant_solvent_atoms.PDB_model_num                     1 
_pdbx_distant_solvent_atoms.auth_atom_id                      O 
_pdbx_distant_solvent_atoms.label_alt_id                      ? 
_pdbx_distant_solvent_atoms.auth_asym_id                      A 
_pdbx_distant_solvent_atoms.auth_comp_id                      HOH 
_pdbx_distant_solvent_atoms.auth_seq_id                       535 
_pdbx_distant_solvent_atoms.PDB_ins_code                      ? 
_pdbx_distant_solvent_atoms.neighbor_macromolecule_distance   7.84 
_pdbx_distant_solvent_atoms.neighbor_ligand_distance          . 
# 
loop_
_pdbx_unobs_or_zero_occ_residues.id 
_pdbx_unobs_or_zero_occ_residues.PDB_model_num 
_pdbx_unobs_or_zero_occ_residues.polymer_flag 
_pdbx_unobs_or_zero_occ_residues.occupancy_flag 
_pdbx_unobs_or_zero_occ_residues.auth_asym_id 
_pdbx_unobs_or_zero_occ_residues.auth_comp_id 
_pdbx_unobs_or_zero_occ_residues.auth_seq_id 
_pdbx_unobs_or_zero_occ_residues.PDB_ins_code 
_pdbx_unobs_or_zero_occ_residues.label_asym_id 
_pdbx_unobs_or_zero_occ_residues.label_comp_id 
_pdbx_unobs_or_zero_occ_residues.label_seq_id 
1  1 Y 1 A GLN 1   ? A GLN 1   
2  1 Y 1 A GLU 2   ? A GLU 2   
3  1 Y 1 A GLN 3   ? A GLN 3   
4  1 Y 1 A THR 4   ? A THR 4   
5  1 Y 1 A GLY 5   ? A GLY 5   
6  1 Y 1 A GLY 6   ? A GLY 6   
7  1 Y 1 A ALA 147 ? A ALA 147 
8  1 Y 1 A MET 148 ? A MET 148 
9  1 Y 1 A GLU 149 ? A GLU 149 
10 1 Y 1 A GLN 150 ? A GLN 150 
# 
loop_
_chem_comp_atom.comp_id 
_chem_comp_atom.atom_id 
_chem_comp_atom.type_symbol 
_chem_comp_atom.pdbx_aromatic_flag 
_chem_comp_atom.pdbx_stereo_config 
_chem_comp_atom.pdbx_ordinal 
ALA N    N  N N 1   
ALA CA   C  N S 2   
ALA C    C  N N 3   
ALA O    O  N N 4   
ALA CB   C  N N 5   
ALA OXT  O  N N 6   
ALA H    H  N N 7   
ALA H2   H  N N 8   
ALA HA   H  N N 9   
ALA HB1  H  N N 10  
ALA HB2  H  N N 11  
ALA HB3  H  N N 12  
ALA HXT  H  N N 13  
ARG N    N  N N 14  
ARG CA   C  N S 15  
ARG C    C  N N 16  
ARG O    O  N N 17  
ARG CB   C  N N 18  
ARG CG   C  N N 19  
ARG CD   C  N N 20  
ARG NE   N  N N 21  
ARG CZ   C  N N 22  
ARG NH1  N  N N 23  
ARG NH2  N  N N 24  
ARG OXT  O  N N 25  
ARG H    H  N N 26  
ARG H2   H  N N 27  
ARG HA   H  N N 28  
ARG HB2  H  N N 29  
ARG HB3  H  N N 30  
ARG HG2  H  N N 31  
ARG HG3  H  N N 32  
ARG HD2  H  N N 33  
ARG HD3  H  N N 34  
ARG HE   H  N N 35  
ARG HH11 H  N N 36  
ARG HH12 H  N N 37  
ARG HH21 H  N N 38  
ARG HH22 H  N N 39  
ARG HXT  H  N N 40  
ASN N    N  N N 41  
ASN CA   C  N S 42  
ASN C    C  N N 43  
ASN O    O  N N 44  
ASN CB   C  N N 45  
ASN CG   C  N N 46  
ASN OD1  O  N N 47  
ASN ND2  N  N N 48  
ASN OXT  O  N N 49  
ASN H    H  N N 50  
ASN H2   H  N N 51  
ASN HA   H  N N 52  
ASN HB2  H  N N 53  
ASN HB3  H  N N 54  
ASN HD21 H  N N 55  
ASN HD22 H  N N 56  
ASN HXT  H  N N 57  
ASP N    N  N N 58  
ASP CA   C  N S 59  
ASP C    C  N N 60  
ASP O    O  N N 61  
ASP CB   C  N N 62  
ASP CG   C  N N 63  
ASP OD1  O  N N 64  
ASP OD2  O  N N 65  
ASP OXT  O  N N 66  
ASP H    H  N N 67  
ASP H2   H  N N 68  
ASP HA   H  N N 69  
ASP HB2  H  N N 70  
ASP HB3  H  N N 71  
ASP HD2  H  N N 72  
ASP HXT  H  N N 73  
CYS N    N  N N 74  
CYS CA   C  N R 75  
CYS C    C  N N 76  
CYS O    O  N N 77  
CYS CB   C  N N 78  
CYS SG   S  N N 79  
CYS OXT  O  N N 80  
CYS H    H  N N 81  
CYS H2   H  N N 82  
CYS HA   H  N N 83  
CYS HB2  H  N N 84  
CYS HB3  H  N N 85  
CYS HG   H  N N 86  
CYS HXT  H  N N 87  
DMS S    S  N N 88  
DMS O    O  N N 89  
DMS C1   C  N N 90  
DMS C2   C  N N 91  
DMS H11  H  N N 92  
DMS H12  H  N N 93  
DMS H13  H  N N 94  
DMS H21  H  N N 95  
DMS H22  H  N N 96  
DMS H23  H  N N 97  
GLN N    N  N N 98  
GLN CA   C  N S 99  
GLN C    C  N N 100 
GLN O    O  N N 101 
GLN CB   C  N N 102 
GLN CG   C  N N 103 
GLN CD   C  N N 104 
GLN OE1  O  N N 105 
GLN NE2  N  N N 106 
GLN OXT  O  N N 107 
GLN H    H  N N 108 
GLN H2   H  N N 109 
GLN HA   H  N N 110 
GLN HB2  H  N N 111 
GLN HB3  H  N N 112 
GLN HG2  H  N N 113 
GLN HG3  H  N N 114 
GLN HE21 H  N N 115 
GLN HE22 H  N N 116 
GLN HXT  H  N N 117 
GLU N    N  N N 118 
GLU CA   C  N S 119 
GLU C    C  N N 120 
GLU O    O  N N 121 
GLU CB   C  N N 122 
GLU CG   C  N N 123 
GLU CD   C  N N 124 
GLU OE1  O  N N 125 
GLU OE2  O  N N 126 
GLU OXT  O  N N 127 
GLU H    H  N N 128 
GLU H2   H  N N 129 
GLU HA   H  N N 130 
GLU HB2  H  N N 131 
GLU HB3  H  N N 132 
GLU HG2  H  N N 133 
GLU HG3  H  N N 134 
GLU HE2  H  N N 135 
GLU HXT  H  N N 136 
GLY N    N  N N 137 
GLY CA   C  N N 138 
GLY C    C  N N 139 
GLY O    O  N N 140 
GLY OXT  O  N N 141 
GLY H    H  N N 142 
GLY H2   H  N N 143 
GLY HA2  H  N N 144 
GLY HA3  H  N N 145 
GLY HXT  H  N N 146 
HIS N    N  N N 147 
HIS CA   C  N S 148 
HIS C    C  N N 149 
HIS O    O  N N 150 
HIS CB   C  N N 151 
HIS CG   C  Y N 152 
HIS ND1  N  Y N 153 
HIS CD2  C  Y N 154 
HIS CE1  C  Y N 155 
HIS NE2  N  Y N 156 
HIS OXT  O  N N 157 
HIS H    H  N N 158 
HIS H2   H  N N 159 
HIS HA   H  N N 160 
HIS HB2  H  N N 161 
HIS HB3  H  N N 162 
HIS HD1  H  N N 163 
HIS HD2  H  N N 164 
HIS HE1  H  N N 165 
HIS HE2  H  N N 166 
HIS HXT  H  N N 167 
HOH O    O  N N 168 
HOH H1   H  N N 169 
HOH H2   H  N N 170 
ILE N    N  N N 171 
ILE CA   C  N S 172 
ILE C    C  N N 173 
ILE O    O  N N 174 
ILE CB   C  N S 175 
ILE CG1  C  N N 176 
ILE CG2  C  N N 177 
ILE CD1  C  N N 178 
ILE OXT  O  N N 179 
ILE H    H  N N 180 
ILE H2   H  N N 181 
ILE HA   H  N N 182 
ILE HB   H  N N 183 
ILE HG12 H  N N 184 
ILE HG13 H  N N 185 
ILE HG21 H  N N 186 
ILE HG22 H  N N 187 
ILE HG23 H  N N 188 
ILE HD11 H  N N 189 
ILE HD12 H  N N 190 
ILE HD13 H  N N 191 
ILE HXT  H  N N 192 
LEU N    N  N N 193 
LEU CA   C  N S 194 
LEU C    C  N N 195 
LEU O    O  N N 196 
LEU CB   C  N N 197 
LEU CG   C  N N 198 
LEU CD1  C  N N 199 
LEU CD2  C  N N 200 
LEU OXT  O  N N 201 
LEU H    H  N N 202 
LEU H2   H  N N 203 
LEU HA   H  N N 204 
LEU HB2  H  N N 205 
LEU HB3  H  N N 206 
LEU HG   H  N N 207 
LEU HD11 H  N N 208 
LEU HD12 H  N N 209 
LEU HD13 H  N N 210 
LEU HD21 H  N N 211 
LEU HD22 H  N N 212 
LEU HD23 H  N N 213 
LEU HXT  H  N N 214 
LYS N    N  N N 215 
LYS CA   C  N S 216 
LYS C    C  N N 217 
LYS O    O  N N 218 
LYS CB   C  N N 219 
LYS CG   C  N N 220 
LYS CD   C  N N 221 
LYS CE   C  N N 222 
LYS NZ   N  N N 223 
LYS OXT  O  N N 224 
LYS H    H  N N 225 
LYS H2   H  N N 226 
LYS HA   H  N N 227 
LYS HB2  H  N N 228 
LYS HB3  H  N N 229 
LYS HG2  H  N N 230 
LYS HG3  H  N N 231 
LYS HD2  H  N N 232 
LYS HD3  H  N N 233 
LYS HE2  H  N N 234 
LYS HE3  H  N N 235 
LYS HZ1  H  N N 236 
LYS HZ2  H  N N 237 
LYS HZ3  H  N N 238 
LYS HXT  H  N N 239 
MET N    N  N N 240 
MET CA   C  N S 241 
MET C    C  N N 242 
MET O    O  N N 243 
MET CB   C  N N 244 
MET CG   C  N N 245 
MET SD   S  N N 246 
MET CE   C  N N 247 
MET OXT  O  N N 248 
MET H    H  N N 249 
MET H2   H  N N 250 
MET HA   H  N N 251 
MET HB2  H  N N 252 
MET HB3  H  N N 253 
MET HG2  H  N N 254 
MET HG3  H  N N 255 
MET HE1  H  N N 256 
MET HE2  H  N N 257 
MET HE3  H  N N 258 
MET HXT  H  N N 259 
PHE N    N  N N 260 
PHE CA   C  N S 261 
PHE C    C  N N 262 
PHE O    O  N N 263 
PHE CB   C  N N 264 
PHE CG   C  Y N 265 
PHE CD1  C  Y N 266 
PHE CD2  C  Y N 267 
PHE CE1  C  Y N 268 
PHE CE2  C  Y N 269 
PHE CZ   C  Y N 270 
PHE OXT  O  N N 271 
PHE H    H  N N 272 
PHE H2   H  N N 273 
PHE HA   H  N N 274 
PHE HB2  H  N N 275 
PHE HB3  H  N N 276 
PHE HD1  H  N N 277 
PHE HD2  H  N N 278 
PHE HE1  H  N N 279 
PHE HE2  H  N N 280 
PHE HZ   H  N N 281 
PHE HXT  H  N N 282 
PRO N    N  N N 283 
PRO CA   C  N S 284 
PRO C    C  N N 285 
PRO O    O  N N 286 
PRO CB   C  N N 287 
PRO CG   C  N N 288 
PRO CD   C  N N 289 
PRO OXT  O  N N 290 
PRO H    H  N N 291 
PRO HA   H  N N 292 
PRO HB2  H  N N 293 
PRO HB3  H  N N 294 
PRO HG2  H  N N 295 
PRO HG3  H  N N 296 
PRO HD2  H  N N 297 
PRO HD3  H  N N 298 
PRO HXT  H  N N 299 
SER N    N  N N 300 
SER CA   C  N S 301 
SER C    C  N N 302 
SER O    O  N N 303 
SER CB   C  N N 304 
SER OG   O  N N 305 
SER OXT  O  N N 306 
SER H    H  N N 307 
SER H2   H  N N 308 
SER HA   H  N N 309 
SER HB2  H  N N 310 
SER HB3  H  N N 311 
SER HG   H  N N 312 
SER HXT  H  N N 313 
SO4 S    S  N N 314 
SO4 O1   O  N N 315 
SO4 O2   O  N N 316 
SO4 O3   O  N N 317 
SO4 O4   O  N N 318 
THR N    N  N N 319 
THR CA   C  N S 320 
THR C    C  N N 321 
THR O    O  N N 322 
THR CB   C  N R 323 
THR OG1  O  N N 324 
THR CG2  C  N N 325 
THR OXT  O  N N 326 
THR H    H  N N 327 
THR H2   H  N N 328 
THR HA   H  N N 329 
THR HB   H  N N 330 
THR HG1  H  N N 331 
THR HG21 H  N N 332 
THR HG22 H  N N 333 
THR HG23 H  N N 334 
THR HXT  H  N N 335 
TRP N    N  N N 336 
TRP CA   C  N S 337 
TRP C    C  N N 338 
TRP O    O  N N 339 
TRP CB   C  N N 340 
TRP CG   C  Y N 341 
TRP CD1  C  Y N 342 
TRP CD2  C  Y N 343 
TRP NE1  N  Y N 344 
TRP CE2  C  Y N 345 
TRP CE3  C  Y N 346 
TRP CZ2  C  Y N 347 
TRP CZ3  C  Y N 348 
TRP CH2  C  Y N 349 
TRP OXT  O  N N 350 
TRP H    H  N N 351 
TRP H2   H  N N 352 
TRP HA   H  N N 353 
TRP HB2  H  N N 354 
TRP HB3  H  N N 355 
TRP HD1  H  N N 356 
TRP HE1  H  N N 357 
TRP HE3  H  N N 358 
TRP HZ2  H  N N 359 
TRP HZ3  H  N N 360 
TRP HH2  H  N N 361 
TRP HXT  H  N N 362 
TYR N    N  N N 363 
TYR CA   C  N S 364 
TYR C    C  N N 365 
TYR O    O  N N 366 
TYR CB   C  N N 367 
TYR CG   C  Y N 368 
TYR CD1  C  Y N 369 
TYR CD2  C  Y N 370 
TYR CE1  C  Y N 371 
TYR CE2  C  Y N 372 
TYR CZ   C  Y N 373 
TYR OH   O  N N 374 
TYR OXT  O  N N 375 
TYR H    H  N N 376 
TYR H2   H  N N 377 
TYR HA   H  N N 378 
TYR HB2  H  N N 379 
TYR HB3  H  N N 380 
TYR HD1  H  N N 381 
TYR HD2  H  N N 382 
TYR HE1  H  N N 383 
TYR HE2  H  N N 384 
TYR HH   H  N N 385 
TYR HXT  H  N N 386 
VAL N    N  N N 387 
VAL CA   C  N S 388 
VAL C    C  N N 389 
VAL O    O  N N 390 
VAL CB   C  N N 391 
VAL CG1  C  N N 392 
VAL CG2  C  N N 393 
VAL OXT  O  N N 394 
VAL H    H  N N 395 
VAL H2   H  N N 396 
VAL HA   H  N N 397 
VAL HB   H  N N 398 
VAL HG11 H  N N 399 
VAL HG12 H  N N 400 
VAL HG13 H  N N 401 
VAL HG21 H  N N 402 
VAL HG22 H  N N 403 
VAL HG23 H  N N 404 
VAL HXT  H  N N 405 
WNM C10  C  Y N 406 
WNM C13  C  Y N 407 
WNM C15  C  Y N 408 
WNM C02  C  N S 409 
WNM C03  C  N N 410 
WNM C04  C  N N 411 
WNM C06  C  N N 412 
WNM C11  C  Y N 413 
WNM C12  C  Y N 414 
WNM C14  C  Y N 415 
WNM N01  N  N N 416 
WNM N05  N  N N 417 
WNM O08  O  N N 418 
WNM O09  O  N N 419 
WNM S07  S  N N 420 
WNM H1   H  N N 421 
WNM H2   H  N N 422 
WNM H3   H  N N 423 
WNM H4   H  N N 424 
WNM H5   H  N N 425 
WNM H6   H  N N 426 
WNM H7   H  N N 427 
WNM H8   H  N N 428 
WNM H9   H  N N 429 
WNM H10  H  N N 430 
WNM H11  H  N N 431 
WNM H12  H  N N 432 
WNM H13  H  N N 433 
WNM H14  H  N N 434 
ZN  ZN   ZN N N 435 
# 
loop_
_chem_comp_bond.comp_id 
_chem_comp_bond.atom_id_1 
_chem_comp_bond.atom_id_2 
_chem_comp_bond.value_order 
_chem_comp_bond.pdbx_aromatic_flag 
_chem_comp_bond.pdbx_stereo_config 
_chem_comp_bond.pdbx_ordinal 
ALA N   CA   sing N N 1   
ALA N   H    sing N N 2   
ALA N   H2   sing N N 3   
ALA CA  C    sing N N 4   
ALA CA  CB   sing N N 5   
ALA CA  HA   sing N N 6   
ALA C   O    doub N N 7   
ALA C   OXT  sing N N 8   
ALA CB  HB1  sing N N 9   
ALA CB  HB2  sing N N 10  
ALA CB  HB3  sing N N 11  
ALA OXT HXT  sing N N 12  
ARG N   CA   sing N N 13  
ARG N   H    sing N N 14  
ARG N   H2   sing N N 15  
ARG CA  C    sing N N 16  
ARG CA  CB   sing N N 17  
ARG CA  HA   sing N N 18  
ARG C   O    doub N N 19  
ARG C   OXT  sing N N 20  
ARG CB  CG   sing N N 21  
ARG CB  HB2  sing N N 22  
ARG CB  HB3  sing N N 23  
ARG CG  CD   sing N N 24  
ARG CG  HG2  sing N N 25  
ARG CG  HG3  sing N N 26  
ARG CD  NE   sing N N 27  
ARG CD  HD2  sing N N 28  
ARG CD  HD3  sing N N 29  
ARG NE  CZ   sing N N 30  
ARG NE  HE   sing N N 31  
ARG CZ  NH1  sing N N 32  
ARG CZ  NH2  doub N N 33  
ARG NH1 HH11 sing N N 34  
ARG NH1 HH12 sing N N 35  
ARG NH2 HH21 sing N N 36  
ARG NH2 HH22 sing N N 37  
ARG OXT HXT  sing N N 38  
ASN N   CA   sing N N 39  
ASN N   H    sing N N 40  
ASN N   H2   sing N N 41  
ASN CA  C    sing N N 42  
ASN CA  CB   sing N N 43  
ASN CA  HA   sing N N 44  
ASN C   O    doub N N 45  
ASN C   OXT  sing N N 46  
ASN CB  CG   sing N N 47  
ASN CB  HB2  sing N N 48  
ASN CB  HB3  sing N N 49  
ASN CG  OD1  doub N N 50  
ASN CG  ND2  sing N N 51  
ASN ND2 HD21 sing N N 52  
ASN ND2 HD22 sing N N 53  
ASN OXT HXT  sing N N 54  
ASP N   CA   sing N N 55  
ASP N   H    sing N N 56  
ASP N   H2   sing N N 57  
ASP CA  C    sing N N 58  
ASP CA  CB   sing N N 59  
ASP CA  HA   sing N N 60  
ASP C   O    doub N N 61  
ASP C   OXT  sing N N 62  
ASP CB  CG   sing N N 63  
ASP CB  HB2  sing N N 64  
ASP CB  HB3  sing N N 65  
ASP CG  OD1  doub N N 66  
ASP CG  OD2  sing N N 67  
ASP OD2 HD2  sing N N 68  
ASP OXT HXT  sing N N 69  
CYS N   CA   sing N N 70  
CYS N   H    sing N N 71  
CYS N   H2   sing N N 72  
CYS CA  C    sing N N 73  
CYS CA  CB   sing N N 74  
CYS CA  HA   sing N N 75  
CYS C   O    doub N N 76  
CYS C   OXT  sing N N 77  
CYS CB  SG   sing N N 78  
CYS CB  HB2  sing N N 79  
CYS CB  HB3  sing N N 80  
CYS SG  HG   sing N N 81  
CYS OXT HXT  sing N N 82  
DMS S   O    doub N N 83  
DMS S   C1   sing N N 84  
DMS S   C2   sing N N 85  
DMS C1  H11  sing N N 86  
DMS C1  H12  sing N N 87  
DMS C1  H13  sing N N 88  
DMS C2  H21  sing N N 89  
DMS C2  H22  sing N N 90  
DMS C2  H23  sing N N 91  
GLN N   CA   sing N N 92  
GLN N   H    sing N N 93  
GLN N   H2   sing N N 94  
GLN CA  C    sing N N 95  
GLN CA  CB   sing N N 96  
GLN CA  HA   sing N N 97  
GLN C   O    doub N N 98  
GLN C   OXT  sing N N 99  
GLN CB  CG   sing N N 100 
GLN CB  HB2  sing N N 101 
GLN CB  HB3  sing N N 102 
GLN CG  CD   sing N N 103 
GLN CG  HG2  sing N N 104 
GLN CG  HG3  sing N N 105 
GLN CD  OE1  doub N N 106 
GLN CD  NE2  sing N N 107 
GLN NE2 HE21 sing N N 108 
GLN NE2 HE22 sing N N 109 
GLN OXT HXT  sing N N 110 
GLU N   CA   sing N N 111 
GLU N   H    sing N N 112 
GLU N   H2   sing N N 113 
GLU CA  C    sing N N 114 
GLU CA  CB   sing N N 115 
GLU CA  HA   sing N N 116 
GLU C   O    doub N N 117 
GLU C   OXT  sing N N 118 
GLU CB  CG   sing N N 119 
GLU CB  HB2  sing N N 120 
GLU CB  HB3  sing N N 121 
GLU CG  CD   sing N N 122 
GLU CG  HG2  sing N N 123 
GLU CG  HG3  sing N N 124 
GLU CD  OE1  doub N N 125 
GLU CD  OE2  sing N N 126 
GLU OE2 HE2  sing N N 127 
GLU OXT HXT  sing N N 128 
GLY N   CA   sing N N 129 
GLY N   H    sing N N 130 
GLY N   H2   sing N N 131 
GLY CA  C    sing N N 132 
GLY CA  HA2  sing N N 133 
GLY CA  HA3  sing N N 134 
GLY C   O    doub N N 135 
GLY C   OXT  sing N N 136 
GLY OXT HXT  sing N N 137 
HIS N   CA   sing N N 138 
HIS N   H    sing N N 139 
HIS N   H2   sing N N 140 
HIS CA  C    sing N N 141 
HIS CA  CB   sing N N 142 
HIS CA  HA   sing N N 143 
HIS C   O    doub N N 144 
HIS C   OXT  sing N N 145 
HIS CB  CG   sing N N 146 
HIS CB  HB2  sing N N 147 
HIS CB  HB3  sing N N 148 
HIS CG  ND1  sing Y N 149 
HIS CG  CD2  doub Y N 150 
HIS ND1 CE1  doub Y N 151 
HIS ND1 HD1  sing N N 152 
HIS CD2 NE2  sing Y N 153 
HIS CD2 HD2  sing N N 154 
HIS CE1 NE2  sing Y N 155 
HIS CE1 HE1  sing N N 156 
HIS NE2 HE2  sing N N 157 
HIS OXT HXT  sing N N 158 
HOH O   H1   sing N N 159 
HOH O   H2   sing N N 160 
ILE N   CA   sing N N 161 
ILE N   H    sing N N 162 
ILE N   H2   sing N N 163 
ILE CA  C    sing N N 164 
ILE CA  CB   sing N N 165 
ILE CA  HA   sing N N 166 
ILE C   O    doub N N 167 
ILE C   OXT  sing N N 168 
ILE CB  CG1  sing N N 169 
ILE CB  CG2  sing N N 170 
ILE CB  HB   sing N N 171 
ILE CG1 CD1  sing N N 172 
ILE CG1 HG12 sing N N 173 
ILE CG1 HG13 sing N N 174 
ILE CG2 HG21 sing N N 175 
ILE CG2 HG22 sing N N 176 
ILE CG2 HG23 sing N N 177 
ILE CD1 HD11 sing N N 178 
ILE CD1 HD12 sing N N 179 
ILE CD1 HD13 sing N N 180 
ILE OXT HXT  sing N N 181 
LEU N   CA   sing N N 182 
LEU N   H    sing N N 183 
LEU N   H2   sing N N 184 
LEU CA  C    sing N N 185 
LEU CA  CB   sing N N 186 
LEU CA  HA   sing N N 187 
LEU C   O    doub N N 188 
LEU C   OXT  sing N N 189 
LEU CB  CG   sing N N 190 
LEU CB  HB2  sing N N 191 
LEU CB  HB3  sing N N 192 
LEU CG  CD1  sing N N 193 
LEU CG  CD2  sing N N 194 
LEU CG  HG   sing N N 195 
LEU CD1 HD11 sing N N 196 
LEU CD1 HD12 sing N N 197 
LEU CD1 HD13 sing N N 198 
LEU CD2 HD21 sing N N 199 
LEU CD2 HD22 sing N N 200 
LEU CD2 HD23 sing N N 201 
LEU OXT HXT  sing N N 202 
LYS N   CA   sing N N 203 
LYS N   H    sing N N 204 
LYS N   H2   sing N N 205 
LYS CA  C    sing N N 206 
LYS CA  CB   sing N N 207 
LYS CA  HA   sing N N 208 
LYS C   O    doub N N 209 
LYS C   OXT  sing N N 210 
LYS CB  CG   sing N N 211 
LYS CB  HB2  sing N N 212 
LYS CB  HB3  sing N N 213 
LYS CG  CD   sing N N 214 
LYS CG  HG2  sing N N 215 
LYS CG  HG3  sing N N 216 
LYS CD  CE   sing N N 217 
LYS CD  HD2  sing N N 218 
LYS CD  HD3  sing N N 219 
LYS CE  NZ   sing N N 220 
LYS CE  HE2  sing N N 221 
LYS CE  HE3  sing N N 222 
LYS NZ  HZ1  sing N N 223 
LYS NZ  HZ2  sing N N 224 
LYS NZ  HZ3  sing N N 225 
LYS OXT HXT  sing N N 226 
MET N   CA   sing N N 227 
MET N   H    sing N N 228 
MET N   H2   sing N N 229 
MET CA  C    sing N N 230 
MET CA  CB   sing N N 231 
MET CA  HA   sing N N 232 
MET C   O    doub N N 233 
MET C   OXT  sing N N 234 
MET CB  CG   sing N N 235 
MET CB  HB2  sing N N 236 
MET CB  HB3  sing N N 237 
MET CG  SD   sing N N 238 
MET CG  HG2  sing N N 239 
MET CG  HG3  sing N N 240 
MET SD  CE   sing N N 241 
MET CE  HE1  sing N N 242 
MET CE  HE2  sing N N 243 
MET CE  HE3  sing N N 244 
MET OXT HXT  sing N N 245 
PHE N   CA   sing N N 246 
PHE N   H    sing N N 247 
PHE N   H2   sing N N 248 
PHE CA  C    sing N N 249 
PHE CA  CB   sing N N 250 
PHE CA  HA   sing N N 251 
PHE C   O    doub N N 252 
PHE C   OXT  sing N N 253 
PHE CB  CG   sing N N 254 
PHE CB  HB2  sing N N 255 
PHE CB  HB3  sing N N 256 
PHE CG  CD1  doub Y N 257 
PHE CG  CD2  sing Y N 258 
PHE CD1 CE1  sing Y N 259 
PHE CD1 HD1  sing N N 260 
PHE CD2 CE2  doub Y N 261 
PHE CD2 HD2  sing N N 262 
PHE CE1 CZ   doub Y N 263 
PHE CE1 HE1  sing N N 264 
PHE CE2 CZ   sing Y N 265 
PHE CE2 HE2  sing N N 266 
PHE CZ  HZ   sing N N 267 
PHE OXT HXT  sing N N 268 
PRO N   CA   sing N N 269 
PRO N   CD   sing N N 270 
PRO N   H    sing N N 271 
PRO CA  C    sing N N 272 
PRO CA  CB   sing N N 273 
PRO CA  HA   sing N N 274 
PRO C   O    doub N N 275 
PRO C   OXT  sing N N 276 
PRO CB  CG   sing N N 277 
PRO CB  HB2  sing N N 278 
PRO CB  HB3  sing N N 279 
PRO CG  CD   sing N N 280 
PRO CG  HG2  sing N N 281 
PRO CG  HG3  sing N N 282 
PRO CD  HD2  sing N N 283 
PRO CD  HD3  sing N N 284 
PRO OXT HXT  sing N N 285 
SER N   CA   sing N N 286 
SER N   H    sing N N 287 
SER N   H2   sing N N 288 
SER CA  C    sing N N 289 
SER CA  CB   sing N N 290 
SER CA  HA   sing N N 291 
SER C   O    doub N N 292 
SER C   OXT  sing N N 293 
SER CB  OG   sing N N 294 
SER CB  HB2  sing N N 295 
SER CB  HB3  sing N N 296 
SER OG  HG   sing N N 297 
SER OXT HXT  sing N N 298 
SO4 S   O1   doub N N 299 
SO4 S   O2   doub N N 300 
SO4 S   O3   sing N N 301 
SO4 S   O4   sing N N 302 
THR N   CA   sing N N 303 
THR N   H    sing N N 304 
THR N   H2   sing N N 305 
THR CA  C    sing N N 306 
THR CA  CB   sing N N 307 
THR CA  HA   sing N N 308 
THR C   O    doub N N 309 
THR C   OXT  sing N N 310 
THR CB  OG1  sing N N 311 
THR CB  CG2  sing N N 312 
THR CB  HB   sing N N 313 
THR OG1 HG1  sing N N 314 
THR CG2 HG21 sing N N 315 
THR CG2 HG22 sing N N 316 
THR CG2 HG23 sing N N 317 
THR OXT HXT  sing N N 318 
TRP N   CA   sing N N 319 
TRP N   H    sing N N 320 
TRP N   H2   sing N N 321 
TRP CA  C    sing N N 322 
TRP CA  CB   sing N N 323 
TRP CA  HA   sing N N 324 
TRP C   O    doub N N 325 
TRP C   OXT  sing N N 326 
TRP CB  CG   sing N N 327 
TRP CB  HB2  sing N N 328 
TRP CB  HB3  sing N N 329 
TRP CG  CD1  doub Y N 330 
TRP CG  CD2  sing Y N 331 
TRP CD1 NE1  sing Y N 332 
TRP CD1 HD1  sing N N 333 
TRP CD2 CE2  doub Y N 334 
TRP CD2 CE3  sing Y N 335 
TRP NE1 CE2  sing Y N 336 
TRP NE1 HE1  sing N N 337 
TRP CE2 CZ2  sing Y N 338 
TRP CE3 CZ3  doub Y N 339 
TRP CE3 HE3  sing N N 340 
TRP CZ2 CH2  doub Y N 341 
TRP CZ2 HZ2  sing N N 342 
TRP CZ3 CH2  sing Y N 343 
TRP CZ3 HZ3  sing N N 344 
TRP CH2 HH2  sing N N 345 
TRP OXT HXT  sing N N 346 
TYR N   CA   sing N N 347 
TYR N   H    sing N N 348 
TYR N   H2   sing N N 349 
TYR CA  C    sing N N 350 
TYR CA  CB   sing N N 351 
TYR CA  HA   sing N N 352 
TYR C   O    doub N N 353 
TYR C   OXT  sing N N 354 
TYR CB  CG   sing N N 355 
TYR CB  HB2  sing N N 356 
TYR CB  HB3  sing N N 357 
TYR CG  CD1  doub Y N 358 
TYR CG  CD2  sing Y N 359 
TYR CD1 CE1  sing Y N 360 
TYR CD1 HD1  sing N N 361 
TYR CD2 CE2  doub Y N 362 
TYR CD2 HD2  sing N N 363 
TYR CE1 CZ   doub Y N 364 
TYR CE1 HE1  sing N N 365 
TYR CE2 CZ   sing Y N 366 
TYR CE2 HE2  sing N N 367 
TYR CZ  OH   sing N N 368 
TYR OH  HH   sing N N 369 
TYR OXT HXT  sing N N 370 
VAL N   CA   sing N N 371 
VAL N   H    sing N N 372 
VAL N   H2   sing N N 373 
VAL CA  C    sing N N 374 
VAL CA  CB   sing N N 375 
VAL CA  HA   sing N N 376 
VAL C   O    doub N N 377 
VAL C   OXT  sing N N 378 
VAL CB  CG1  sing N N 379 
VAL CB  CG2  sing N N 380 
VAL CB  HB   sing N N 381 
VAL CG1 HG11 sing N N 382 
VAL CG1 HG12 sing N N 383 
VAL CG1 HG13 sing N N 384 
VAL CG2 HG21 sing N N 385 
VAL CG2 HG22 sing N N 386 
VAL CG2 HG23 sing N N 387 
VAL OXT HXT  sing N N 388 
WNM C13 C14  doub Y N 389 
WNM C13 C12  sing Y N 390 
WNM C14 C15  sing Y N 391 
WNM C12 C11  doub Y N 392 
WNM C15 C10  doub Y N 393 
WNM C11 C10  sing Y N 394 
WNM C10 S07  sing N N 395 
WNM S07 O08  doub N N 396 
WNM S07 O09  doub N N 397 
WNM S07 N05  sing N N 398 
WNM N05 C06  sing N N 399 
WNM N05 C04  sing N N 400 
WNM C06 C02  sing N N 401 
WNM C04 C03  sing N N 402 
WNM C02 C03  sing N N 403 
WNM C02 N01  sing N N 404 
WNM C13 H1   sing N N 405 
WNM C15 H2   sing N N 406 
WNM C02 H3   sing N N 407 
WNM C03 H4   sing N N 408 
WNM C03 H5   sing N N 409 
WNM C04 H6   sing N N 410 
WNM C04 H7   sing N N 411 
WNM C06 H8   sing N N 412 
WNM C06 H9   sing N N 413 
WNM C11 H10  sing N N 414 
WNM C12 H11  sing N N 415 
WNM C14 H12  sing N N 416 
WNM N01 H13  sing N N 417 
WNM N01 H14  sing N N 418 
# 
_pdbx_audit_support.funding_organization   
'National Institutes of Health/National Institute Of Allergy and Infectious Diseases (NIH/NIAID)' 
_pdbx_audit_support.country                'United States' 
_pdbx_audit_support.grant_number           U19AI171399 
_pdbx_audit_support.ordinal                1 
# 
_pdbx_deposit_group.group_id            G_1002288 
_pdbx_deposit_group.group_description   'Crystallographic fragment screening of Coxsackievirus A16 (G-10) 2A protease' 
_pdbx_deposit_group.group_title         
'Group deposition for crystallographic fragment screening of Coxsackievirus A16 (G-10) 2A protease' 
_pdbx_deposit_group.group_type          'changed state' 
# 
_atom_sites.entry_id                    7H33 
_atom_sites.fract_transf_matrix[1][1]   0.00951829 
_atom_sites.fract_transf_matrix[1][2]   -0.00360960 
_atom_sites.fract_transf_matrix[1][3]   0.00568225 
_atom_sites.fract_transf_matrix[2][1]   0.00587655 
_atom_sites.fract_transf_matrix[2][2]   -0.00774267 
_atom_sites.fract_transf_matrix[2][3]   -0.01476221 
_atom_sites.fract_transf_matrix[3][1]   0.01668562 
_atom_sites.fract_transf_matrix[3][2]   0.02527418 
_atom_sites.fract_transf_matrix[3][3]   -0.00661391 
_atom_sites.fract_transf_vector[1]      0.184988 
_atom_sites.fract_transf_vector[2]      0.124922 
_atom_sites.fract_transf_vector[3]      0.446463 
# 
loop_
_atom_type.symbol 
C  
N  
O  
S  
ZN 
# 
loop_
_atom_site.group_PDB 
_atom_site.id 
_atom_site.type_symbol 
_atom_site.label_atom_id 
_atom_site.label_alt_id 
_atom_site.label_comp_id 
_atom_site.label_asym_id 
_atom_site.label_entity_id 
_atom_site.label_seq_id 
_atom_site.pdbx_PDB_ins_code 
_atom_site.Cartn_x 
_atom_site.Cartn_y 
_atom_site.Cartn_z 
_atom_site.occupancy 
_atom_site.B_iso_or_equiv 
_atom_site.pdbx_formal_charge 
_atom_site.auth_seq_id 
_atom_site.auth_comp_id 
_atom_site.auth_asym_id 
_atom_site.auth_atom_id 
_atom_site.pdbx_PDB_model_num 
ATOM   1    N  N   . SER A 1 7   ? 8.076   7.253   -0.002  1.00 13.84  ? 7   SER A N   1 
ATOM   2    C  CA  . SER A 1 7   ? 8.613   6.093   0.707   1.00 13.54  ? 7   SER A CA  1 
ATOM   3    C  C   . SER A 1 7   ? 7.712   5.746   1.883   1.00 13.34  ? 7   SER A C   1 
ATOM   4    O  O   . SER A 1 7   ? 6.941   6.610   2.360   1.00 14.35  ? 7   SER A O   1 
ATOM   5    C  CB  . SER A 1 7   ? 10.046  6.351   1.130   1.00 15.72  ? 7   SER A CB  1 
ATOM   6    O  OG  . SER A 1 7   ? 10.028  7.435   2.012   1.00 18.35  ? 7   SER A OG  1 
ATOM   7    N  N   . GLY A 1 8   ? 7.842   4.549   2.367   1.00 12.53  ? 8   GLY A N   1 
ATOM   8    C  CA  . GLY A 1 8   ? 7.161   4.136   3.586   1.00 12.61  ? 8   GLY A CA  1 
ATOM   9    C  C   . GLY A 1 8   ? 6.912   2.655   3.563   1.00 11.65  ? 8   GLY A C   1 
ATOM   10   O  O   . GLY A 1 8   ? 6.851   2.069   2.498   1.00 13.07  ? 8   GLY A O   1 
ATOM   11   N  N   . ALA A 1 9   ? 6.723   2.060   4.727   1.00 11.03  ? 9   ALA A N   1 
ATOM   12   C  CA  . ALA A 1 9   ? 6.463   0.628   4.842   1.00 11.85  ? 9   ALA A CA  1 
ATOM   13   C  C   . ALA A 1 9   ? 5.464   0.347   5.953   1.00 11.66  ? 9   ALA A C   1 
ATOM   14   O  O   . ALA A 1 9   ? 5.264   1.217   6.841   1.00 13.75  ? 9   ALA A O   1 
ATOM   15   C  CB  . ALA A 1 9   ? 7.758   -0.086  5.087   1.00 13.21  ? 9   ALA A CB  1 
ATOM   16   N  N   . ILE A 1 10  ? 4.912   -0.851  5.921   1.00 11.16  ? 10  ILE A N   1 
ATOM   17   C  CA  . ILE A 1 10  ? 4.133   -1.403  7.044   1.00 12.15  ? 10  ILE A CA  1 
ATOM   18   C  C   . ILE A 1 10  ? 5.024   -2.424  7.745   1.00 12.27  ? 10  ILE A C   1 
ATOM   19   O  O   . ILE A 1 10  ? 5.632   -3.244  7.082   1.00 12.77  ? 10  ILE A O   1 
ATOM   20   C  CB  . ILE A 1 10  ? 2.824   -2.074  6.576   1.00 10.86  ? 10  ILE A CB  1 
ATOM   21   C  CG1 . ILE A 1 10  ? 1.964   -1.175  5.685   1.00 11.38  ? 10  ILE A CG1 1 
ATOM   22   C  CG2 . ILE A 1 10  ? 2.032   -2.545  7.784   1.00 13.02  ? 10  ILE A CG2 1 
ATOM   23   C  CD1 . ILE A 1 10  ? 0.900   -1.916  4.931   1.00 11.42  ? 10  ILE A CD1 1 
ATOM   24   N  N   . TYR A 1 11  ? 5.013   -2.404  9.083   1.00 14.65  ? 11  TYR A N   1 
ATOM   25   C  CA  . TYR A 1 11  ? 5.791   -3.368  9.905   1.00 15.89  ? 11  TYR A CA  1 
ATOM   26   C  C   . TYR A 1 11  ? 4.799   -4.138  10.780  1.00 13.73  ? 11  TYR A C   1 
ATOM   27   O  O   . TYR A 1 11  ? 4.312   -3.483  11.742  1.00 17.11  ? 11  TYR A O   1 
ATOM   28   C  CB  . TYR A 1 11  ? 6.858   -2.658  10.733  1.00 17.37  ? 11  TYR A CB  1 
ATOM   29   C  CG  . TYR A 1 11  ? 7.910   -2.009  9.864   1.00 16.17  ? 11  TYR A CG  1 
ATOM   30   C  CD1 . TYR A 1 11  ? 8.986   -2.710  9.349   1.00 16.25  ? 11  TYR A CD1 1 
ATOM   31   C  CD2 . TYR A 1 11  ? 7.804   -0.684  9.503   1.00 17.59  ? 11  TYR A CD2 1 
ATOM   32   C  CE1 . TYR A 1 11  ? 9.919   -2.104  8.508   1.00 14.95  ? 11  TYR A CE1 1 
ATOM   33   C  CE2 . TYR A 1 11  ? 8.734   -0.052  8.672   1.00 19.15  ? 11  TYR A CE2 1 
ATOM   34   C  CZ  . TYR A 1 11  ? 9.798   -0.773  8.168   1.00 17.25  ? 11  TYR A CZ  1 
ATOM   35   O  OH  . TYR A 1 11  ? 10.725  -0.171  7.333   1.00 18.20  ? 11  TYR A OH  1 
ATOM   36   N  N   . VAL A 1 12  ? 4.574   -5.379  10.460  1.00 15.85  ? 12  VAL A N   1 
ATOM   37   C  CA  . VAL A 1 12  ? 3.639   -6.268  11.198  1.00 16.87  ? 12  VAL A CA  1 
ATOM   38   C  C   . VAL A 1 12  ? 4.339   -7.602  11.461  1.00 17.94  ? 12  VAL A C   1 
ATOM   39   O  O   . VAL A 1 12  ? 4.861   -8.225  10.547  1.00 18.01  ? 12  VAL A O   1 
ATOM   40   C  CB  . VAL A 1 12  ? 2.303   -6.395  10.434  1.00 16.90  ? 12  VAL A CB  1 
ATOM   41   C  CG1 . VAL A 1 12  ? 2.433   -6.808  8.982   1.00 16.52  ? 12  VAL A CG1 1 
ATOM   42   C  CG2 . VAL A 1 12  ? 1.343   -7.297  11.185  1.00 17.57  ? 12  VAL A CG2 1 
ATOM   43   N  N   . GLY A 1 13  ? 4.262   -8.114  12.711  1.00 18.76  ? 13  GLY A N   1 
ATOM   44   C  CA  . GLY A 1 13  ? 5.069   -9.255  13.130  1.00 21.01  ? 13  GLY A CA  1 
ATOM   45   C  C   . GLY A 1 13  ? 6.520   -9.051  12.697  1.00 16.84  ? 13  GLY A C   1 
ATOM   46   O  O   . GLY A 1 13  ? 7.018   -7.959  12.958  1.00 19.59  ? 13  GLY A O   1 
ATOM   47   N  N   . ASN A 1 14  ? 7.000   -10.076 12.026  1.00 20.73  ? 14  ASN A N   1 
ATOM   48   C  CA  . ASN A 1 14  ? 8.391   -10.097 11.510  1.00 21.76  ? 14  ASN A CA  1 
ATOM   49   C  C   . ASN A 1 14  ? 8.341   -9.894  9.981   1.00 20.04  ? 14  ASN A C   1 
ATOM   50   O  O   . ASN A 1 14  ? 9.086   -10.552 9.229   1.00 18.73  ? 14  ASN A O   1 
ATOM   51   C  CB  . ASN A 1 14  ? 9.147   -11.266 12.151  1.00 26.21  ? 14  ASN A CB  1 
ATOM   52   C  CG  . ASN A 1 14  ? 9.484   -10.977 13.613  1.00 28.03  ? 14  ASN A CG  1 
ATOM   53   O  OD1 . ASN A 1 14  ? 10.558  -10.486 13.944  1.00 31.41  ? 14  ASN A OD1 1 
ATOM   54   N  ND2 . ASN A 1 14  ? 8.537   -11.198 14.506  1.00 28.18  ? 14  ASN A ND2 1 
ATOM   55   N  N   . TYR A 1 15  ? 7.392   -9.060  9.536   1.00 17.17  ? 15  TYR A N   1 
ATOM   56   C  CA  . TYR A 1 15  ? 7.230   -8.693  8.107   1.00 14.16  ? 15  TYR A CA  1 
ATOM   57   C  C   . TYR A 1 15  ? 7.378   -7.191  7.937   1.00 13.40  ? 15  TYR A C   1 
ATOM   58   O  O   . TYR A 1 15  ? 6.987   -6.361  8.730   1.00 14.17  ? 15  TYR A O   1 
ATOM   59   C  CB  . TYR A 1 15  ? 5.859   -9.159  7.622   1.00 14.06  ? 15  TYR A CB  1 
ATOM   60   C  CG  . TYR A 1 15  ? 5.640   -10.631 7.718   1.00 15.84  ? 15  TYR A CG  1 
ATOM   61   C  CD1 . TYR A 1 15  ? 6.517   -11.528 7.152   1.00 17.78  ? 15  TYR A CD1 1 
ATOM   62   C  CD2 . TYR A 1 15  ? 4.537   -11.147 8.387   1.00 16.90  ? 15  TYR A CD2 1 
ATOM   63   C  CE1 . TYR A 1 15  ? 6.325   -12.893 7.229   1.00 19.86  ? 15  TYR A CE1 1 
ATOM   64   C  CE2 . TYR A 1 15  ? 4.325   -12.504 8.471   1.00 18.30  ? 15  TYR A CE2 1 
ATOM   65   C  CZ  . TYR A 1 15  ? 5.200   -13.388 7.867   1.00 20.25  ? 15  TYR A CZ  1 
ATOM   66   O  OH  . TYR A 1 15  ? 4.992   -14.737 7.943   1.00 25.58  ? 15  TYR A OH  1 
ATOM   67   N  N   . ARG A 1 16  ? 7.933   -6.829  6.772   1.00 13.37  ? 16  ARG A N   1 
ATOM   68   C  CA  . ARG A 1 16  ? 8.022   -5.460  6.257   1.00 12.16  ? 16  ARG A CA  1 
ATOM   69   C  C   . ARG A 1 16  ? 7.331   -5.470  4.906   1.00 12.06  ? 16  ARG A C   1 
ATOM   70   O  O   . ARG A 1 16  ? 7.693   -6.268  4.022   1.00 12.83  ? 16  ARG A O   1 
ATOM   71   C  CB  . ARG A 1 16  ? 9.480   -5.018  6.120   1.00 12.55  ? 16  ARG A CB  1 
ATOM   72   C  CG  . ARG A 1 16  ? 9.730   -3.817  5.232   1.00 12.71  ? 16  ARG A CG  1 
ATOM   73   C  CD  . ARG A 1 16  ? 11.215  -3.467  5.251   1.00 13.14  ? 16  ARG A CD  1 
ATOM   74   N  NE  . ARG A 1 16  ? 11.726  -2.914  4.010   1.00 13.22  ? 16  ARG A NE  1 
ATOM   75   C  CZ  . ARG A 1 16  ? 11.772  -1.666  3.648   1.00 13.33  ? 16  ARG A CZ  1 
ATOM   76   N  NH1 . ARG A 1 16  ? 11.321  -0.688  4.407   1.00 15.22  ? 16  ARG A NH1 1 
ATOM   77   N  NH2 . ARG A 1 16  ? 12.261  -1.348  2.454   1.00 13.56  ? 16  ARG A NH2 1 
ATOM   78   N  N   . VAL A 1 17  ? 6.315   -4.608  4.769   1.00 11.24  ? 17  VAL A N   1 
ATOM   79   C  CA  . VAL A 1 17  ? 5.497   -4.534  3.531   1.00 10.80  ? 17  VAL A CA  1 
ATOM   80   C  C   . VAL A 1 17  ? 5.818   -3.226  2.859   1.00 10.81  ? 17  VAL A C   1 
ATOM   81   O  O   . VAL A 1 17  ? 5.637   -2.148  3.464   1.00 11.04  ? 17  VAL A O   1 
ATOM   82   C  CB  . VAL A 1 17  ? 3.983   -4.601  3.812   1.00 11.16  ? 17  VAL A CB  1 
ATOM   83   C  CG1 . VAL A 1 17  ? 3.232   -4.734  2.488   1.00 11.21  ? 17  VAL A CG1 1 
ATOM   84   C  CG2 . VAL A 1 17  ? 3.638   -5.708  4.798   1.00 12.00  ? 17  VAL A CG2 1 
ATOM   85   N  N   . VAL A 1 18  ? 6.339   -3.317  1.642   1.00 9.92   ? 18  VAL A N   1 
ATOM   86   C  CA  . VAL A 1 18  ? 6.758   -2.150  0.859   1.00 10.50  ? 18  VAL A CA  1 
ATOM   87   C  C   . VAL A 1 18  ? 6.154   -2.208  -0.529  1.00 9.40   ? 18  VAL A C   1 
ATOM   88   O  O   . VAL A 1 18  ? 5.750   -3.243  -0.996  1.00 10.86  ? 18  VAL A O   1 
ATOM   89   C  CB  . VAL A 1 18  ? 8.279   -2.040  0.765   1.00 11.48  ? 18  VAL A CB  1 
ATOM   90   C  CG1 . VAL A 1 18  ? 8.799   -1.580  2.089   1.00 13.75  ? 18  VAL A CG1 1 
ATOM   91   C  CG2 . VAL A 1 18  ? 8.964   -3.263  0.180   1.00 11.84  ? 18  VAL A CG2 1 
ATOM   92   N  N   . ASN A 1 19  ? 6.120   -1.044  -1.165  1.00 9.24   ? 19  ASN A N   1 
ATOM   93   C  CA  . ASN A 1 19  ? 5.848   -1.067  -2.600  1.00 9.40   ? 19  ASN A CA  1 
ATOM   94   C  C   . ASN A 1 19  ? 6.899   -1.916  -3.294  1.00 9.19   ? 19  ASN A C   1 
ATOM   95   O  O   . ASN A 1 19  ? 8.121   -1.670  -3.093  1.00 9.59   ? 19  ASN A O   1 
ATOM   96   C  CB  . ASN A 1 19  ? 5.871   0.327   -3.206  1.00 9.56   ? 19  ASN A CB  1 
ATOM   97   C  CG  . ASN A 1 19  ? 4.844   1.275   -2.631  1.00 9.32   ? 19  ASN A CG  1 
ATOM   98   O  OD1 . ASN A 1 19  ? 5.097   1.996   -1.675  1.00 10.08  ? 19  ASN A OD1 1 
ATOM   99   N  ND2 . ASN A 1 19  ? 3.655   1.229   -3.192  1.00 10.93  ? 19  ASN A ND2 1 
ATOM   100  N  N   . ARG A 1 20  ? 6.477   -2.822  -4.158  1.00 8.57   ? 20  ARG A N   1 
ATOM   101  C  CA  . ARG A 1 20  ? 7.452   -3.679  -4.873  1.00 9.68   ? 20  ARG A CA  1 
ATOM   102  C  C   . ARG A 1 20  ? 8.479   -2.824  -5.626  1.00 10.59  ? 20  ARG A C   1 
ATOM   103  O  O   . ARG A 1 20  ? 9.706   -3.170  -5.623  1.00 11.08  ? 20  ARG A O   1 
ATOM   104  C  CB  . ARG A 1 20  ? 6.745   -4.637  -5.822  1.00 10.18  ? 20  ARG A CB  1 
ATOM   105  C  CG  . ARG A 1 20  ? 7.655   -5.691  -6.418  1.00 11.09  ? 20  ARG A CG  1 
ATOM   106  C  CD  . ARG A 1 20  ? 6.818   -6.531  -7.333  1.00 12.22  ? 20  ARG A CD  1 
ATOM   107  N  NE  . ARG A 1 20  ? 7.554   -7.641  -7.954  1.00 13.51  ? 20  ARG A NE  1 
ATOM   108  C  CZ  . ARG A 1 20  ? 8.351   -7.513  -9.002  1.00 14.47  ? 20  ARG A CZ  1 
ATOM   109  N  NH1 . ARG A 1 20  ? 8.591   -6.363  -9.591  1.00 16.51  ? 20  ARG A NH1 1 
ATOM   110  N  NH2 . ARG A 1 20  ? 8.879   -8.615  -9.523  1.00 17.07  ? 20  ARG A NH2 1 
ATOM   111  N  N   . HIS A 1 21  ? 8.059   -1.703  -6.202  1.00 10.82  ? 21  HIS A N   1 
ATOM   112  C  CA  . HIS A 1 21  ? 8.954   -0.890  -7.037  1.00 11.53  ? 21  HIS A CA  1 
ATOM   113  C  C   . HIS A 1 21  ? 9.954   -0.158  -6.163  1.00 11.21  ? 21  HIS A C   1 
ATOM   114  O  O   . HIS A 1 21  ? 10.942  0.354   -6.741  1.00 12.12  ? 21  HIS A O   1 
ATOM   115  C  CB  . HIS A 1 21  ? 8.221   0.070   -7.985  1.00 11.45  ? 21  HIS A CB  1 
ATOM   116  C  CG  . HIS A 1 21  ? 7.548   1.229   -7.318  1.00 11.45  ? 21  HIS A CG  1 
ATOM   117  N  ND1 . HIS A 1 21  ? 6.259   1.147   -6.791  1.00 10.86  ? 21  HIS A ND1 1 
ATOM   118  C  CD2 . HIS A 1 21  ? 7.973   2.497   -7.093  1.00 11.11  ? 21  HIS A CD2 1 
ATOM   119  C  CE1 . HIS A 1 21  ? 5.941   2.322   -6.269  1.00 10.99  ? 21  HIS A CE1 1 
ATOM   120  N  NE2 . HIS A 1 21  ? 6.941   3.170   -6.447  1.00 11.87  ? 21  HIS A NE2 1 
ATOM   121  N  N   . LEU A 1 22  ? 9.811   -0.116  -4.850  1.00 9.94   ? 22  LEU A N   1 
ATOM   122  C  CA  . LEU A 1 22  ? 10.748  0.557   -3.929  1.00 10.53  ? 22  LEU A CA  1 
ATOM   123  C  C   . LEU A 1 22  ? 11.481  -0.474  -3.086  1.00 10.71  ? 22  LEU A C   1 
ATOM   124  O  O   . LEU A 1 22  ? 12.291  -0.064  -2.249  1.00 12.09  ? 22  LEU A O   1 
ATOM   125  C  CB  . LEU A 1 22  ? 9.985   1.539   -3.042  1.00 11.34  ? 22  LEU A CB  1 
ATOM   126  C  CG  . LEU A 1 22  ? 9.344   2.717   -3.766  1.00 11.11  ? 22  LEU A CG  1 
ATOM   127  C  CD1 . LEU A 1 22  ? 8.647   3.638   -2.777  1.00 11.01  ? 22  LEU A CD1 1 
ATOM   128  C  CD2 . LEU A 1 22  ? 10.368  3.541   -4.575  1.00 12.09  ? 22  LEU A CD2 1 
ATOM   129  N  N   . ALA A 1 23  ? 11.288  -1.751  -3.309  1.00 10.26  ? 23  ALA A N   1 
ATOM   130  C  CA  . ALA A 1 23  ? 11.993  -2.779  -2.511  1.00 11.01  ? 23  ALA A CA  1 
ATOM   131  C  C   . ALA A 1 23  ? 13.511  -2.697  -2.745  1.00 11.48  ? 23  ALA A C   1 
ATOM   132  O  O   . ALA A 1 23  ? 13.953  -2.452  -3.888  1.00 12.75  ? 23  ALA A O   1 
ATOM   133  C  CB  . ALA A 1 23  ? 11.468  -4.130  -2.901  1.00 11.62  ? 23  ALA A CB  1 
ATOM   134  N  N   . THR A 1 24  ? 14.258  -2.869  -1.696  1.00 11.16  ? 24  THR A N   1 
ATOM   135  C  CA  . THR A 1 24  ? 15.734  -2.807  -1.762  1.00 12.14  ? 24  THR A CA  1 
ATOM   136  C  C   . THR A 1 24  ? 16.331  -4.173  -2.060  1.00 11.99  ? 24  THR A C   1 
ATOM   137  O  O   . THR A 1 24  ? 15.666  -5.198  -2.052  1.00 11.33  ? 24  THR A O   1 
ATOM   138  C  CB  . THR A 1 24  ? 16.255  -2.270  -0.431  1.00 12.95  ? 24  THR A CB  1 
ATOM   139  O  OG1 . THR A 1 24  ? 15.981  -3.240  0.566   1.00 13.60  ? 24  THR A OG1 1 
ATOM   140  C  CG2 . THR A 1 24  ? 15.680  -0.924  -0.017  1.00 14.97  ? 24  THR A CG2 1 
ATOM   141  N  N   . HIS A 1 25  ? 17.649  -4.190  -2.283  1.00 12.24  ? 25  HIS A N   1 
ATOM   142  C  CA  . HIS A 1 25  ? 18.320  -5.497  -2.392  1.00 12.20  ? 25  HIS A CA  1 
ATOM   143  C  C   . HIS A 1 25  ? 18.097  -6.323  -1.113  1.00 11.95  ? 25  HIS A C   1 
ATOM   144  O  O   . HIS A 1 25  ? 17.877  -7.492  -1.221  1.00 12.38  ? 25  HIS A O   1 
ATOM   145  C  CB  . HIS A 1 25  ? 19.834  -5.315  -2.696  1.00 13.45  ? 25  HIS A CB  1 
ATOM   146  C  CG  . HIS A 1 25  ? 20.615  -6.566  -2.414  1.00 14.35  ? 25  HIS A CG  1 
ATOM   147  N  ND1 . HIS A 1 25  ? 20.666  -7.625  -3.275  1.00 15.97  ? 25  HIS A ND1 1 
ATOM   148  C  CD2 . HIS A 1 25  ? 21.254  -6.992  -1.285  1.00 16.58  ? 25  HIS A CD2 1 
ATOM   149  C  CE1 . HIS A 1 25  ? 21.385  -8.614  -2.764  1.00 15.42  ? 25  HIS A CE1 1 
ATOM   150  N  NE2 . HIS A 1 25  ? 21.712  -8.285  -1.502  1.00 16.85  ? 25  HIS A NE2 1 
ATOM   151  N  N   . ASN A 1 26  ? 18.216  -5.702  0.061   1.00 12.66  ? 26  ASN A N   1 
ATOM   152  C  CA  . ASN A 1 26  ? 18.022  -6.417  1.335   1.00 13.96  ? 26  ASN A CA  1 
ATOM   153  C  C   . ASN A 1 26  ? 16.610  -7.023  1.360   1.00 11.96  ? 26  ASN A C   1 
ATOM   154  O  O   . ASN A 1 26  ? 16.414  -8.125  1.832   1.00 12.70  ? 26  ASN A O   1 
ATOM   155  C  CB  . ASN A 1 26  ? 18.222  -5.507  2.541   1.00 16.10  ? 26  ASN A CB  1 
ATOM   156  C  CG  . ASN A 1 26  ? 18.152  -6.320  3.817   1.00 21.33  ? 26  ASN A CG  1 
ATOM   157  O  OD1 . ASN A 1 26  ? 19.065  -7.094  4.098   1.00 25.30  ? 26  ASN A OD1 1 
ATOM   158  N  ND2 . ASN A 1 26  ? 17.033  -6.272  4.518   1.00 24.43  ? 26  ASN A ND2 1 
ATOM   159  N  N   . ASP A 1 27  ? 15.615  -6.262  0.882   1.00 12.45  ? 27  ASP A N   1 
ATOM   160  C  CA  . ASP A 1 27  ? 14.244  -6.837  0.819   1.00 11.30  ? 27  ASP A CA  1 
ATOM   161  C  C   . ASP A 1 27  ? 14.217  -8.094  -0.033  1.00 11.28  ? 27  ASP A C   1 
ATOM   162  O  O   . ASP A 1 27  ? 13.640  -9.105  0.375   1.00 12.05  ? 27  ASP A O   1 
ATOM   163  C  CB  . ASP A 1 27  ? 13.229  -5.839  0.256   1.00 11.65  ? 27  ASP A CB  1 
ATOM   164  C  CG  . ASP A 1 27  ? 12.907  -4.686  1.181   1.00 12.07  ? 27  ASP A CG  1 
ATOM   165  O  OD1 . ASP A 1 27  ? 12.779  -4.924  2.422   1.00 13.75  ? 27  ASP A OD1 1 
ATOM   166  O  OD2 . ASP A 1 27  ? 12.796  -3.525  0.723   1.00 12.19  ? 27  ASP A OD2 1 
ATOM   167  N  N   . TRP A 1 28  ? 14.762  -8.019  -1.256  1.00 10.59  ? 28  TRP A N   1 
ATOM   168  C  CA  . TRP A 1 28  ? 14.775  -9.166  -2.186  1.00 10.78  ? 28  TRP A CA  1 
ATOM   169  C  C   . TRP A 1 28  ? 15.577  -10.337 -1.593  1.00 10.36  ? 28  TRP A C   1 
ATOM   170  O  O   . TRP A 1 28  ? 15.231  -11.459 -1.851  1.00 12.73  ? 28  TRP A O   1 
ATOM   171  C  CB  . TRP A 1 28  ? 15.337  -8.733  -3.542  1.00 10.89  ? 28  TRP A CB  1 
ATOM   172  C  CG  . TRP A 1 28  ? 14.332  -7.979  -4.369  1.00 10.35  ? 28  TRP A CG  1 
ATOM   173  C  CD1 . TRP A 1 28  ? 14.243  -6.645  -4.607  1.00 11.47  ? 28  TRP A CD1 1 
ATOM   174  C  CD2 . TRP A 1 28  ? 13.260  -8.589  -5.097  1.00 10.26  ? 28  TRP A CD2 1 
ATOM   175  N  NE1 . TRP A 1 28  ? 13.185  -6.405  -5.446  1.00 11.08  ? 28  TRP A NE1 1 
ATOM   176  C  CE2 . TRP A 1 28  ? 12.574  -7.568  -5.779  1.00 10.46  ? 28  TRP A CE2 1 
ATOM   177  C  CE3 . TRP A 1 28  ? 12.843  -9.916  -5.244  1.00 11.67  ? 28  TRP A CE3 1 
ATOM   178  C  CZ2 . TRP A 1 28  ? 11.486  -7.861  -6.609  1.00 11.63  ? 28  TRP A CZ2 1 
ATOM   179  C  CZ3 . TRP A 1 28  ? 11.777  -10.196 -6.055  1.00 12.56  ? 28  TRP A CZ3 1 
ATOM   180  C  CH2 . TRP A 1 28  ? 11.107  -9.179  -6.720  1.00 11.96  ? 28  TRP A CH2 1 
ATOM   181  N  N   . ALA A 1 29  ? 16.634  -10.033 -0.856  1.00 11.67  ? 29  ALA A N   1 
ATOM   182  C  CA  . ALA A 1 29  ? 17.481  -11.098 -0.249  1.00 12.86  ? 29  ALA A CA  1 
ATOM   183  C  C   . ALA A 1 29  ? 16.808  -11.754 0.941   1.00 13.84  ? 29  ALA A C   1 
ATOM   184  O  O   . ALA A 1 29  ? 17.325  -12.765 1.431   1.00 15.75  ? 29  ALA A O   1 
ATOM   185  C  CB  . ALA A 1 29  ? 18.800  -10.492 0.181   1.00 12.99  ? 29  ALA A CB  1 
ATOM   186  N  N   . ASN A 1 30  ? 15.716  -11.172 1.450   1.00 14.33  ? 30  ASN A N   1 
ATOM   187  C  CA  . ASN A 1 30  ? 14.973  -11.636 2.648   1.00 14.55  ? 30  ASN A CA  1 
ATOM   188  C  C   . ASN A 1 30  ? 13.498  -11.777 2.268   1.00 13.71  ? 30  ASN A C   1 
ATOM   189  O  O   . ASN A 1 30  ? 12.602  -11.426 3.065   1.00 14.88  ? 30  ASN A O   1 
ATOM   190  C  CB  . ASN A 1 30  ? 15.208  -10.702 3.822   1.00 15.80  ? 30  ASN A CB  1 
ATOM   191  C  CG  . ASN A 1 30  ? 16.638  -10.788 4.320   1.00 17.60  ? 30  ASN A CG  1 
ATOM   192  O  OD1 . ASN A 1 30  ? 16.991  -11.710 5.050   1.00 22.29  ? 30  ASN A OD1 1 
ATOM   193  N  ND2 . ASN A 1 30  ? 17.479  -9.888  3.892   1.00 16.93  ? 30  ASN A ND2 1 
ATOM   194  N  N   . LEU A 1 31  ? 13.233  -12.217 1.055   1.00 15.07  ? 31  LEU A N   1 
ATOM   195  C  CA  . LEU A 1 31  ? 11.901  -12.117 0.459   1.00 14.81  ? 31  LEU A CA  1 
ATOM   196  C  C   . LEU A 1 31  ? 10.975  -13.134 1.122   1.00 14.74  ? 31  LEU A C   1 
ATOM   197  O  O   . LEU A 1 31  ? 11.363  -14.295 1.367   1.00 16.09  ? 31  LEU A O   1 
ATOM   198  C  CB  . LEU A 1 31  ? 12.014  -12.405 -1.019  1.00 14.44  ? 31  LEU A CB  1 
ATOM   199  C  CG  . LEU A 1 31  ? 10.678  -12.400 -1.769  1.00 14.06  ? 31  LEU A CG  1 
ATOM   200  C  CD1 . LEU A 1 31  ? 10.054  -11.022 -1.760  1.00 14.66  ? 31  LEU A CD1 1 
ATOM   201  C  CD2 . LEU A 1 31  ? 10.888  -12.863 -3.181  1.00 14.26  ? 31  LEU A CD2 1 
ATOM   202  N  N   . VAL A 1 32  ? 9.755   -12.711 1.431   1.00 14.83  ? 32  VAL A N   1 
ATOM   203  C  CA  . VAL A 1 32  ? 8.651   -13.611 1.872   1.00 14.86  ? 32  VAL A CA  1 
ATOM   204  C  C   . VAL A 1 32  ? 7.664   -13.832 0.738   1.00 15.35  ? 32  VAL A C   1 
ATOM   205  O  O   . VAL A 1 32  ? 7.319   -14.985 0.416   1.00 17.57  ? 32  VAL A O   1 
ATOM   206  C  CB  . VAL A 1 32  ? 7.971   -13.051 3.121   1.00 16.50  ? 32  VAL A CB  1 
ATOM   207  C  CG1 . VAL A 1 32  ? 6.714   -13.832 3.481   1.00 17.03  ? 32  VAL A CG1 1 
ATOM   208  C  CG2 . VAL A 1 32  ? 8.956   -12.977 4.263   1.00 17.63  ? 32  VAL A CG2 1 
ATOM   209  N  N   . TRP A 1 33  ? 7.272   -12.753 0.066   1.00 13.70  ? 33  TRP A N   1 
ATOM   210  C  CA  . TRP A 1 33  ? 6.213   -12.808 -0.948  1.00 13.61  ? 33  TRP A CA  1 
ATOM   211  C  C   . TRP A 1 33  ? 6.289   -11.528 -1.777  1.00 12.62  ? 33  TRP A C   1 
ATOM   212  O  O   . TRP A 1 33  ? 6.564   -10.470 -1.211  1.00 12.82  ? 33  TRP A O   1 
ATOM   213  C  CB  . TRP A 1 33  ? 4.846   -12.961 -0.279  1.00 15.22  ? 33  TRP A CB  1 
ATOM   214  C  CG  . TRP A 1 33  ? 3.655   -12.808 -1.166  1.00 15.38  ? 33  TRP A CG  1 
ATOM   215  C  CD1 . TRP A 1 33  ? 3.092   -13.743 -1.970  1.00 17.55  ? 33  TRP A CD1 1 
ATOM   216  C  CD2 . TRP A 1 33  ? 2.860   -11.623 -1.325  1.00 13.67  ? 33  TRP A CD2 1 
ATOM   217  N  NE1 . TRP A 1 33  ? 2.028   -13.221 -2.661  1.00 17.57  ? 33  TRP A NE1 1 
ATOM   218  C  CE2 . TRP A 1 33  ? 1.846   -11.934 -2.253  1.00 15.29  ? 33  TRP A CE2 1 
ATOM   219  C  CE3 . TRP A 1 33  ? 2.932   -10.346 -0.795  1.00 14.07  ? 33  TRP A CE3 1 
ATOM   220  C  CZ2 . TRP A 1 33  ? 0.849   -11.011 -2.581  1.00 14.92  ? 33  TRP A CZ2 1 
ATOM   221  C  CZ3 . TRP A 1 33  ? 1.961   -9.432  -1.150  1.00 14.23  ? 33  TRP A CZ3 1 
ATOM   222  C  CH2 . TRP A 1 33  ? 0.944   -9.769  -2.033  1.00 14.54  ? 33  TRP A CH2 1 
ATOM   223  N  N   . GLU A 1 34  ? 5.996   -11.618 -3.049  1.00 11.87  ? 34  GLU A N   1 
ATOM   224  C  CA  . GLU A 1 34  ? 5.910   -10.409 -3.885  1.00 12.52  ? 34  GLU A CA  1 
ATOM   225  C  C   . GLU A 1 34  ? 4.917   -10.633 -4.991  1.00 12.80  ? 34  GLU A C   1 
ATOM   226  O  O   . GLU A 1 34  ? 4.731   -11.783 -5.419  1.00 13.74  ? 34  GLU A O   1 
ATOM   227  C  CB  . GLU A 1 34  ? 7.267   -9.984  -4.432  1.00 13.30  ? 34  GLU A CB  1 
ATOM   228  C  CG  . GLU A 1 34  ? 7.988   -11.075 -5.193  1.00 13.82  ? 34  GLU A CG  1 
ATOM   229  C  CD  . GLU A 1 34  ? 7.644   -11.231 -6.660  1.00 15.68  ? 34  GLU A CD  1 
ATOM   230  O  OE1 . GLU A 1 34  ? 7.923   -12.299 -7.197  1.00 17.59  ? 34  GLU A OE1 1 
ATOM   231  O  OE2 . GLU A 1 34  ? 7.128   -10.302 -7.265  1.00 15.87  ? 34  GLU A OE2 1 
ATOM   232  N  N   . ASP A 1 35  ? 4.280   -9.567  -5.418  1.00 12.67  ? 35  ASP A N   1 
ATOM   233  C  CA  . ASP A 1 35  ? 3.277   -9.654  -6.492  1.00 13.60  ? 35  ASP A CA  1 
ATOM   234  C  C   . ASP A 1 35  ? 3.339   -8.336  -7.271  1.00 13.49  ? 35  ASP A C   1 
ATOM   235  O  O   . ASP A 1 35  ? 2.928   -7.299  -6.774  1.00 13.25  ? 35  ASP A O   1 
ATOM   236  C  CB  . ASP A 1 35  ? 1.914   -9.932  -5.869  1.00 14.11  ? 35  ASP A CB  1 
ATOM   237  C  CG  . ASP A 1 35  ? 0.785   -10.037 -6.872  1.00 14.72  ? 35  ASP A CG  1 
ATOM   238  O  OD1 . ASP A 1 35  ? 0.765   -9.294  -7.834  1.00 16.25  ? 35  ASP A OD1 1 
ATOM   239  O  OD2 . ASP A 1 35  ? -0.146  -10.850 -6.589  1.00 20.16  ? 35  ASP A OD2 1 
ATOM   240  N  N   A SER A 1 36  ? 3.866   -8.376  -8.498  0.25 13.56  ? 36  SER A N   1 
ATOM   241  N  N   B SER A 1 36  ? 3.866   -8.388  -8.498  0.25 14.34  ? 36  SER A N   1 
ATOM   242  C  CA  A SER A 1 36  ? 4.026   -7.181  -9.360  0.25 13.83  ? 36  SER A CA  1 
ATOM   243  C  CA  B SER A 1 36  ? 4.039   -7.213  -9.388  0.25 15.11  ? 36  SER A CA  1 
ATOM   244  C  C   A SER A 1 36  ? 2.662   -6.564  -9.669  0.25 13.58  ? 36  SER A C   1 
ATOM   245  C  C   B SER A 1 36  ? 2.680   -6.578  -9.698  0.25 14.28  ? 36  SER A C   1 
ATOM   246  O  O   A SER A 1 36  ? 2.553   -5.328  -9.645  0.25 14.31  ? 36  SER A O   1 
ATOM   247  O  O   B SER A 1 36  ? 2.590   -5.342  -9.685  0.25 15.01  ? 36  SER A O   1 
ATOM   248  C  CB  A SER A 1 36  ? 4.728   -7.504  -10.640 0.25 14.40  ? 36  SER A CB  1 
ATOM   249  C  CB  B SER A 1 36  ? 4.754   -7.594  -10.658 0.25 16.56  ? 36  SER A CB  1 
ATOM   250  O  OG  A SER A 1 36  ? 4.765   -6.350  -11.464 0.25 14.54  ? 36  SER A OG  1 
ATOM   251  O  OG  B SER A 1 36  ? 4.323   -8.856  -11.139 0.25 18.91  ? 36  SER A OG  1 
ATOM   252  N  N   . SER A 1 37  ? 1.662   -7.416  -9.910  1.00 13.84  ? 37  SER A N   1 
ATOM   253  C  CA  . SER A 1 37  ? 0.299   -6.940  -10.244 1.00 13.85  ? 37  SER A CA  1 
ATOM   254  C  C   . SER A 1 37  ? -0.255  -6.045  -9.146  1.00 14.23  ? 37  SER A C   1 
ATOM   255  O  O   . SER A 1 37  ? -1.006  -5.113  -9.456  1.00 14.93  ? 37  SER A O   1 
ATOM   256  C  CB  . SER A 1 37  ? -0.672  -8.044  -10.584 1.00 15.15  ? 37  SER A CB  1 
ATOM   257  O  OG  . SER A 1 37  ? -1.117  -8.750  -9.455  1.00 19.87  ? 37  SER A OG  1 
ATOM   258  N  N   . ARG A 1 38  ? 0.153   -6.281  -7.907  1.00 11.84  ? 38  ARG A N   1 
ATOM   259  C  CA  . ARG A 1 38  ? -0.332  -5.503  -6.730  1.00 11.43  ? 38  ARG A CA  1 
ATOM   260  C  C   . ARG A 1 38  ? 0.634   -4.397  -6.298  1.00 10.19  ? 38  ARG A C   1 
ATOM   261  O  O   . ARG A 1 38  ? 0.300   -3.639  -5.404  1.00 10.75  ? 38  ARG A O   1 
ATOM   262  C  CB  . ARG A 1 38  ? -0.525  -6.440  -5.539  1.00 12.27  ? 38  ARG A CB  1 
ATOM   263  C  CG  . ARG A 1 38  ? -1.555  -7.513  -5.803  1.00 12.44  ? 38  ARG A CG  1 
ATOM   264  C  CD  . ARG A 1 38  ? -1.748  -8.386  -4.610  1.00 12.14  ? 38  ARG A CD  1 
ATOM   265  N  NE  . ARG A 1 38  ? -2.251  -7.703  -3.444  1.00 10.51  ? 38  ARG A NE  1 
ATOM   266  C  CZ  . ARG A 1 38  ? -3.024  -8.283  -2.519  1.00 10.70  ? 38  ARG A CZ  1 
ATOM   267  N  NH1 . ARG A 1 38  ? -3.366  -9.561  -2.628  1.00 11.85  ? 38  ARG A NH1 1 
ATOM   268  N  NH2 . ARG A 1 38  ? -3.563  -7.562  -1.537  1.00 10.99  ? 38  ARG A NH2 1 
ATOM   269  N  N   . ASP A 1 39  ? 1.822   -4.344  -6.907  1.00 10.41  ? 39  ASP A N   1 
ATOM   270  C  CA  . ASP A 1 39  ? 2.902   -3.443  -6.440  1.00 9.90   ? 39  ASP A CA  1 
ATOM   271  C  C   . ASP A 1 39  ? 3.259   -3.688  -4.981  1.00 9.10   ? 39  ASP A C   1 
ATOM   272  O  O   . ASP A 1 39  ? 3.516   -2.760  -4.271  1.00 10.34  ? 39  ASP A O   1 
ATOM   273  C  CB  . ASP A 1 39  ? 2.571   -1.958  -6.674  1.00 10.60  ? 39  ASP A CB  1 
ATOM   274  C  CG  . ASP A 1 39  ? 3.693   -0.982  -6.327  1.00 11.04  ? 39  ASP A CG  1 
ATOM   275  O  OD1 . ASP A 1 39  ? 4.883   -1.315  -6.617  1.00 11.08  ? 39  ASP A OD1 1 
ATOM   276  O  OD2 . ASP A 1 39  ? 3.416   0.128   -5.843  1.00 11.16  ? 39  ASP A OD2 1 
ATOM   277  N  N   . LEU A 1 40  ? 3.268   -4.955  -4.546  1.00 9.79   ? 40  LEU A N   1 
ATOM   278  C  CA  . LEU A 1 40  ? 3.630   -5.282  -3.154  1.00 9.96   ? 40  LEU A CA  1 
ATOM   279  C  C   . LEU A 1 40  ? 4.808   -6.238  -3.096  1.00 9.57   ? 40  LEU A C   1 
ATOM   280  O  O   . LEU A 1 40  ? 4.907   -7.168  -3.873  1.00 10.64  ? 40  LEU A O   1 
ATOM   281  C  CB  . LEU A 1 40  ? 2.448   -5.871  -2.387  1.00 9.95   ? 40  LEU A CB  1 
ATOM   282  C  CG  . LEU A 1 40  ? 1.284   -4.944  -2.043  1.00 10.26  ? 40  LEU A CG  1 
ATOM   283  C  CD1 . LEU A 1 40  ? 0.243   -5.735  -1.248  1.00 11.08  ? 40  LEU A CD1 1 
ATOM   284  C  CD2 . LEU A 1 40  ? 1.750   -3.743  -1.240  1.00 10.35  ? 40  LEU A CD2 1 
ATOM   285  N  N   . LEU A 1 41  ? 5.573   -6.036  -2.040  1.00 9.63   ? 41  LEU A N   1 
ATOM   286  C  CA  . LEU A 1 41  ? 6.637   -6.981  -1.671  1.00 9.67   ? 41  LEU A CA  1 
ATOM   287  C  C   . LEU A 1 41  ? 6.711   -7.013  -0.147  1.00 9.64   ? 41  LEU A C   1 
ATOM   288  O  O   . LEU A 1 41  ? 6.619   -5.960  0.513   1.00 10.21  ? 41  LEU A O   1 
ATOM   289  C  CB  . LEU A 1 41  ? 7.972   -6.575  -2.315  1.00 10.09  ? 41  LEU A CB  1 
ATOM   290  C  CG  . LEU A 1 41  ? 9.143   -7.516  -2.024  1.00 10.72  ? 41  LEU A CG  1 
ATOM   291  C  CD1 . LEU A 1 41  ? 10.104  -7.598  -3.202  1.00 10.94  ? 41  LEU A CD1 1 
ATOM   292  C  CD2 . LEU A 1 41  ? 9.878   -7.078  -0.793  1.00 11.22  ? 41  LEU A CD2 1 
ATOM   293  N  N   . VAL A 1 42  ? 6.895   -8.226  0.358   1.00 10.11  ? 42  VAL A N   1 
ATOM   294  C  CA  . VAL A 1 42  ? 7.035   -8.454  1.814   1.00 11.38  ? 42  VAL A CA  1 
ATOM   295  C  C   . VAL A 1 42  ? 8.366   -9.162  2.055   1.00 11.80  ? 42  VAL A C   1 
ATOM   296  O  O   . VAL A 1 42  ? 8.638   -10.188 1.430   1.00 12.37  ? 42  VAL A O   1 
ATOM   297  C  CB  . VAL A 1 42  ? 5.861   -9.257  2.382   1.00 12.21  ? 42  VAL A CB  1 
ATOM   298  C  CG1 . VAL A 1 42  ? 6.048   -9.508  3.866   1.00 13.52  ? 42  VAL A CG1 1 
ATOM   299  C  CG2 . VAL A 1 42  ? 4.550   -8.530  2.105   1.00 11.88  ? 42  VAL A CG2 1 
ATOM   300  N  N   . SER A 1 43  ? 9.114   -8.582  2.972   1.00 12.48  ? 43  SER A N   1 
ATOM   301  C  CA  . SER A 1 43  ? 10.412  -9.143  3.426   1.00 12.69  ? 43  SER A CA  1 
ATOM   302  C  C   . SER A 1 43  ? 10.323  -9.470  4.915   1.00 14.51  ? 43  SER A C   1 
ATOM   303  O  O   . SER A 1 43  ? 9.442   -8.924  5.654   1.00 14.15  ? 43  SER A O   1 
ATOM   304  C  CB  . SER A 1 43  ? 11.554  -8.241  3.065   1.00 12.75  ? 43  SER A CB  1 
ATOM   305  O  OG  . SER A 1 43  ? 11.451  -6.996  3.689   1.00 13.74  ? 43  SER A OG  1 
ATOM   306  N  N   . SER A 1 44  ? 11.277  -10.267 5.391   1.00 14.49  ? 44  SER A N   1 
ATOM   307  C  CA  . SER A 1 44  ? 11.331  -10.681 6.809   1.00 17.54  ? 44  SER A CA  1 
ATOM   308  C  C   . SER A 1 44  ? 12.148  -9.673  7.610   1.00 16.80  ? 44  SER A C   1 
ATOM   309  O  O   . SER A 1 44  ? 13.152  -9.106  7.044   1.00 19.25  ? 44  SER A O   1 
ATOM   310  C  CB  . SER A 1 44  ? 11.913  -12.035 6.889   1.00 18.03  ? 44  SER A CB  1 
ATOM   311  O  OG  . SER A 1 44  ? 13.255  -11.976 6.430   1.00 21.61  ? 44  SER A OG  1 
ATOM   312  N  N   . THR A 1 45  ? 11.813  -9.447  8.886   1.00 20.00  ? 45  THR A N   1 
ATOM   313  C  CA  . THR A 1 45  ? 12.493  -8.491  9.793   1.00 21.17  ? 45  THR A CA  1 
ATOM   314  C  C   . THR A 1 45  ? 13.029  -9.218  11.046  1.00 25.19  ? 45  THR A C   1 
ATOM   315  O  O   . THR A 1 45  ? 12.530  -10.296 11.360  1.00 24.83  ? 45  THR A O   1 
ATOM   316  C  CB  . THR A 1 45  ? 11.567  -7.367  10.260  1.00 20.98  ? 45  THR A CB  1 
ATOM   317  O  OG1 . THR A 1 45  ? 10.563  -8.015  11.048  1.00 22.07  ? 45  THR A OG1 1 
ATOM   318  C  CG2 . THR A 1 45  ? 10.917  -6.636  9.106   1.00 20.68  ? 45  THR A CG2 1 
ATOM   319  N  N   . THR A 1 46  ? 13.994  -8.604  11.721  1.00 27.05  ? 46  THR A N   1 
ATOM   320  C  CA  . THR A 1 46  ? 14.551  -9.099  13.011  1.00 27.99  ? 46  THR A CA  1 
ATOM   321  C  C   . THR A 1 46  ? 13.641  -8.597  14.141  1.00 28.46  ? 46  THR A C   1 
ATOM   322  O  O   . THR A 1 46  ? 13.240  -9.443  14.957  1.00 34.29  ? 46  THR A O   1 
ATOM   323  C  CB  . THR A 1 46  ? 16.037  -8.724  13.129  1.00 28.04  ? 46  THR A CB  1 
ATOM   324  O  OG1 . THR A 1 46  ? 16.224  -7.312  13.118  1.00 32.64  ? 46  THR A OG1 1 
ATOM   325  C  CG2 . THR A 1 46  ? 16.871  -9.233  11.978  1.00 31.44  ? 46  THR A CG2 1 
ATOM   326  N  N   . ALA A 1 47  ? 13.310  -7.298  14.169  1.00 29.66  ? 47  ALA A N   1 
ATOM   327  C  CA  . ALA A 1 47  ? 12.510  -6.650  15.243  1.00 27.06  ? 47  ALA A CA  1 
ATOM   328  C  C   . ALA A 1 47  ? 11.017  -6.735  14.907  1.00 27.21  ? 47  ALA A C   1 
ATOM   329  O  O   . ALA A 1 47  ? 10.664  -6.645  13.696  1.00 26.39  ? 47  ALA A O   1 
ATOM   330  C  CB  . ALA A 1 47  ? 12.943  -5.228  15.437  1.00 30.33  ? 47  ALA A CB  1 
ATOM   331  N  N   . GLN A 1 48  ? 10.169  -6.888  15.934  1.00 22.72  ? 48  GLN A N   1 
ATOM   332  C  CA  . GLN A 1 48  ? 8.685   -6.876  15.796  1.00 23.54  ? 48  GLN A CA  1 
ATOM   333  C  C   . GLN A 1 48  ? 8.170   -5.458  15.517  1.00 18.23  ? 48  GLN A C   1 
ATOM   334  O  O   . GLN A 1 48  ? 8.688   -4.464  16.003  1.00 21.19  ? 48  GLN A O   1 
ATOM   335  C  CB  . GLN A 1 48  ? 7.989   -7.451  17.027  1.00 24.11  ? 48  GLN A CB  1 
ATOM   336  C  CG  . GLN A 1 48  ? 8.128   -8.965  17.124  1.00 29.98  ? 48  GLN A CG  1 
ATOM   337  C  CD  . GLN A 1 48  ? 7.270   -9.547  18.215  1.00 38.38  ? 48  GLN A CD  1 
ATOM   338  O  OE1 . GLN A 1 48  ? 7.479   -9.280  19.397  1.00 44.87  ? 48  GLN A OE1 1 
ATOM   339  N  NE2 . GLN A 1 48  ? 6.285   -10.339 17.820  1.00 47.80  ? 48  GLN A NE2 1 
ATOM   340  N  N   . GLY A 1 49  ? 7.185   -5.427  14.610  1.00 24.33  ? 49  GLY A N   1 
ATOM   341  C  CA  . GLY A 1 49  ? 6.654   -4.154  14.118  1.00 23.35  ? 49  GLY A CA  1 
ATOM   342  C  C   . GLY A 1 49  ? 5.431   -3.721  14.903  1.00 19.72  ? 49  GLY A C   1 
ATOM   343  O  O   . GLY A 1 49  ? 4.775   -4.614  15.537  1.00 21.42  ? 49  GLY A O   1 
ATOM   344  N  N   . CYS A 1 50  ? 5.114   -2.435  14.820  1.00 20.09  ? 50  CYS A N   1 
ATOM   345  C  CA  . CYS A 1 50  ? 4.110   -1.744  15.642  1.00 20.95  ? 50  CYS A CA  1 
ATOM   346  C  C   . CYS A 1 50  ? 2.755   -1.829  14.938  1.00 17.81  ? 50  CYS A C   1 
ATOM   347  O  O   . CYS A 1 50  ? 1.810   -1.529  15.637  1.00 18.37  ? 50  CYS A O   1 
ATOM   348  C  CB  . CYS A 1 50  ? 4.382   -0.248  15.894  1.00 24.44  ? 50  CYS A CB  1 
ATOM   349  S  SG  . CYS A 1 50  ? 5.722   0.246   17.035  1.00 31.28  ? 50  CYS A SG  1 
ATOM   350  N  N   . ASP A 1 51  ? 2.657   -2.190  13.649  1.00 14.97  ? 51  ASP A N   1 
ATOM   351  C  CA  . ASP A 1 51  ? 1.367   -1.962  12.944  1.00 13.50  ? 51  ASP A CA  1 
ATOM   352  C  C   . ASP A 1 51  ? 0.408   -3.123  13.127  1.00 14.37  ? 51  ASP A C   1 
ATOM   353  O  O   . ASP A 1 51  ? 0.823   -4.288  13.154  1.00 15.48  ? 51  ASP A O   1 
ATOM   354  C  CB  . ASP A 1 51  ? 1.611   -1.717  11.465  1.00 14.30  ? 51  ASP A CB  1 
ATOM   355  C  CG  . ASP A 1 51  ? 2.407   -0.467  11.229  1.00 15.23  ? 51  ASP A CG  1 
ATOM   356  O  OD1 . ASP A 1 51  ? 2.228   0.502   11.919  1.00 17.58  ? 51  ASP A OD1 1 
ATOM   357  O  OD2 . ASP A 1 51  ? 3.255   -0.477  10.303  1.00 16.95  ? 51  ASP A OD2 1 
ATOM   358  N  N   . THR A 1 52  ? -0.872  -2.796  13.173  1.00 12.51  ? 52  THR A N   1 
ATOM   359  C  CA  . THR A 1 52  ? -1.991  -3.744  13.169  1.00 12.74  ? 52  THR A CA  1 
ATOM   360  C  C   . THR A 1 52  ? -2.678  -3.639  11.813  1.00 10.61  ? 52  THR A C   1 
ATOM   361  O  O   . THR A 1 52  ? -2.925  -2.487  11.358  1.00 11.75  ? 52  THR A O   1 
ATOM   362  C  CB  . THR A 1 52  ? -2.987  -3.397  14.277  1.00 13.79  ? 52  THR A CB  1 
ATOM   363  O  OG1 . THR A 1 52  ? -2.324  -3.600  15.539  1.00 15.84  ? 52  THR A OG1 1 
ATOM   364  C  CG2 . THR A 1 52  ? -4.240  -4.249  14.269  1.00 15.50  ? 52  THR A CG2 1 
ATOM   365  N  N   . ILE A 1 53  ? -2.899  -4.743  11.146  1.00 10.66  ? 53  ILE A N   1 
ATOM   366  C  CA  . ILE A 1 53  ? -3.605  -4.749  9.843   1.00 10.11  ? 53  ILE A CA  1 
ATOM   367  C  C   . ILE A 1 53  ? -5.100  -4.746  10.078  1.00 10.34  ? 53  ILE A C   1 
ATOM   368  O  O   . ILE A 1 53  ? -5.604  -5.550  10.870  1.00 11.04  ? 53  ILE A O   1 
ATOM   369  C  CB  . ILE A 1 53  ? -3.140  -5.919  8.981   1.00 10.48  ? 53  ILE A CB  1 
ATOM   370  C  CG1 . ILE A 1 53  ? -1.593  -6.000  8.896   1.00 11.53  ? 53  ILE A CG1 1 
ATOM   371  C  CG2 . ILE A 1 53  ? -3.796  -5.811  7.618   1.00 10.77  ? 53  ILE A CG2 1 
ATOM   372  C  CD1 . ILE A 1 53  ? -0.919  -4.773  8.345   1.00 12.31  ? 53  ILE A CD1 1 
ATOM   373  N  N   . ALA A 1 54  ? -5.799  -3.861  9.376   1.00 9.58   ? 54  ALA A N   1 
ATOM   374  C  CA  . ALA A 1 54  ? -7.264  -3.865  9.395   1.00 9.26   ? 54  ALA A CA  1 
ATOM   375  C  C   . ALA A 1 54  ? -7.802  -5.150  8.787   1.00 9.36   ? 54  ALA A C   1 
ATOM   376  O  O   . ALA A 1 54  ? -7.281  -5.610  7.779   1.00 9.96   ? 54  ALA A O   1 
ATOM   377  C  CB  . ALA A 1 54  ? -7.728  -2.661  8.630   1.00 8.77   ? 54  ALA A CB  1 
ATOM   378  N  N   . ARG A 1 55  ? -8.885  -5.661  9.359   1.00 9.77   ? 55  ARG A N   1 
ATOM   379  C  CA  . ARG A 1 55  ? -9.617  -6.819  8.794   1.00 9.67   ? 55  ARG A CA  1 
ATOM   380  C  C   . ARG A 1 55  ? -11.086 -6.415  8.726   1.00 9.61   ? 55  ARG A C   1 
ATOM   381  O  O   . ARG A 1 55  ? -11.788 -6.468  9.715   1.00 10.79  ? 55  ARG A O   1 
ATOM   382  C  CB  . ARG A 1 55  ? -9.410  -8.090  9.617   1.00 11.04  ? 55  ARG A CB  1 
ATOM   383  C  CG  . ARG A 1 55  ? -7.939  -8.456  9.799   1.00 11.82  ? 55  ARG A CG  1 
ATOM   384  C  CD  . ARG A 1 55  ? -7.196  -8.842  8.521   1.00 11.72  ? 55  ARG A CD  1 
ATOM   385  N  NE  . ARG A 1 55  ? -5.761  -9.161  8.812   1.00 13.63  ? 55  ARG A NE  1 
ATOM   386  C  CZ  . ARG A 1 55  ? -4.802  -9.218  7.898   1.00 13.54  ? 55  ARG A CZ  1 
ATOM   387  N  NH1 . ARG A 1 55  ? -5.060  -9.018  6.629   1.00 13.21  ? 55  ARG A NH1 1 
ATOM   388  N  NH2 . ARG A 1 55  ? -3.535  -9.446  8.244   1.00 15.04  ? 55  ARG A NH2 1 
ATOM   389  N  N   . CYS A 1 56  ? -11.463 -5.917  7.561   1.00 9.39   ? 56  CYS A N   1 
ATOM   390  C  CA  . CYS A 1 56  ? -12.708 -5.158  7.429   1.00 9.47   ? 56  CYS A CA  1 
ATOM   391  C  C   . CYS A 1 56  ? -12.939 -4.817  5.958   1.00 9.80   ? 56  CYS A C   1 
ATOM   392  O  O   . CYS A 1 56  ? -12.085 -5.092  5.076   1.00 9.65   ? 56  CYS A O   1 
ATOM   393  C  CB  . CYS A 1 56  ? -12.616 -3.847  8.201   1.00 8.63   ? 56  CYS A CB  1 
ATOM   394  S  SG  . CYS A 1 56  ? -11.451 -2.667  7.428   1.00 9.07   ? 56  CYS A SG  1 
ATOM   395  N  N   A ASP A 1 57  ? -14.117 -4.265  5.655   0.25 10.12  ? 57  ASP A N   1 
ATOM   396  N  N   B ASP A 1 57  ? -14.112 -4.200  5.762   0.25 10.69  ? 57  ASP A N   1 
ATOM   397  C  CA  A ASP A 1 57  ? -14.413 -3.681  4.318   0.25 10.57  ? 57  ASP A CA  1 
ATOM   398  C  CA  B ASP A 1 57  ? -14.703 -3.744  4.481   0.25 11.53  ? 57  ASP A CA  1 
ATOM   399  C  C   A ASP A 1 57  ? -14.772 -2.204  4.480   0.25 10.59  ? 57  ASP A C   1 
ATOM   400  C  C   B ASP A 1 57  ? -14.748 -2.208  4.438   0.25 10.96  ? 57  ASP A C   1 
ATOM   401  O  O   A ASP A 1 57  ? -15.666 -1.705  3.785   0.25 11.18  ? 57  ASP A O   1 
ATOM   402  O  O   B ASP A 1 57  ? -15.407 -1.674  3.523   0.25 10.77  ? 57  ASP A O   1 
ATOM   403  C  CB  A ASP A 1 57  ? -15.506 -4.450  3.581   0.25 11.28  ? 57  ASP A CB  1 
ATOM   404  C  CB  B ASP A 1 57  ? -16.100 -4.365  4.339   0.25 13.29  ? 57  ASP A CB  1 
ATOM   405  C  CG  A ASP A 1 57  ? -16.870 -4.372  4.231   0.25 12.29  ? 57  ASP A CG  1 
ATOM   406  C  CG  B ASP A 1 57  ? -16.662 -4.389  2.933   0.25 15.44  ? 57  ASP A CG  1 
ATOM   407  O  OD1 A ASP A 1 57  ? -16.977 -3.793  5.315   0.25 11.93  ? 57  ASP A OD1 1 
ATOM   408  O  OD1 B ASP A 1 57  ? -15.867 -4.536  1.993   0.25 17.79  ? 57  ASP A OD1 1 
ATOM   409  O  OD2 A ASP A 1 57  ? -17.822 -4.908  3.626   0.25 14.90  ? 57  ASP A OD2 1 
ATOM   410  O  OD2 B ASP A 1 57  ? -17.906 -4.241  2.800   0.25 17.02  ? 57  ASP A OD2 1 
ATOM   411  N  N   . CYS A 1 58  ? -14.071 -1.507  5.355   1.00 9.80   ? 58  CYS A N   1 
ATOM   412  C  CA  . CYS A 1 58  ? -14.201 -0.033  5.417   1.00 9.67   ? 58  CYS A CA  1 
ATOM   413  C  C   . CYS A 1 58  ? -13.914 0.545   4.033   1.00 8.74   ? 58  CYS A C   1 
ATOM   414  O  O   . CYS A 1 58  ? -13.025 0.070   3.310   1.00 9.64   ? 58  CYS A O   1 
ATOM   415  C  CB  . CYS A 1 58  ? -13.246 0.588   6.402   1.00 10.11  ? 58  CYS A CB  1 
ATOM   416  S  SG  . CYS A 1 58  ? -13.682 0.308   8.130   1.00 10.47  ? 58  CYS A SG  1 
ATOM   417  N  N   . GLN A 1 59  ? -14.552 1.688   3.778   1.00 9.08   ? 59  GLN A N   1 
ATOM   418  C  CA  . GLN A 1 59  ? -14.317 2.544   2.599   1.00 9.68   ? 59  GLN A CA  1 
ATOM   419  C  C   . GLN A 1 59  ? -14.086 3.969   3.053   1.00 9.09   ? 59  GLN A C   1 
ATOM   420  O  O   . GLN A 1 59  ? -14.173 4.867   2.207   1.00 10.00  ? 59  GLN A O   1 
ATOM   421  C  CB  . GLN A 1 59  ? -15.465 2.485   1.586   1.00 10.28  ? 59  GLN A CB  1 
ATOM   422  C  CG  . GLN A 1 59  ? -15.520 1.209   0.803   1.00 11.49  ? 59  GLN A CG  1 
ATOM   423  C  CD  . GLN A 1 59  ? -16.548 1.260   -0.302  1.00 11.50  ? 59  GLN A CD  1 
ATOM   424  O  OE1 . GLN A 1 59  ? -17.661 0.714   -0.159  1.00 13.30  ? 59  GLN A OE1 1 
ATOM   425  N  NE2 . GLN A 1 59  ? -16.272 2.012   -1.349  1.00 12.27  ? 59  GLN A NE2 1 
ATOM   426  N  N   . THR A 1 60  ? -13.817 4.199   4.313   1.00 9.28   ? 60  THR A N   1 
ATOM   427  C  CA  . THR A 1 60  ? -13.392 5.519   4.781   1.00 10.35  ? 60  THR A CA  1 
ATOM   428  C  C   . THR A 1 60  ? -12.193 5.364   5.698   1.00 9.95   ? 60  THR A C   1 
ATOM   429  O  O   . THR A 1 60  ? -12.077 4.379   6.462   1.00 10.20  ? 60  THR A O   1 
ATOM   430  C  CB  . THR A 1 60  ? -14.486 6.294   5.479   1.00 13.35  ? 60  THR A CB  1 
ATOM   431  O  OG1 . THR A 1 60  ? -14.757 5.683   6.697   1.00 18.31  ? 60  THR A OG1 1 
ATOM   432  C  CG2 . THR A 1 60  ? -15.721 6.466   4.640   1.00 14.67  ? 60  THR A CG2 1 
ATOM   433  N  N   . GLY A 1 61  ? -11.274 6.277   5.614   1.00 9.02   ? 61  GLY A N   1 
ATOM   434  C  CA  . GLY A 1 61  ? -10.047 6.243   6.402   1.00 8.75   ? 61  GLY A CA  1 
ATOM   435  C  C   . GLY A 1 61  ? -9.256  7.514   6.231   1.00 8.42   ? 61  GLY A C   1 
ATOM   436  O  O   . GLY A 1 61  ? -9.796  8.539   5.805   1.00 9.36   ? 61  GLY A O   1 
ATOM   437  N  N   . VAL A 1 62  ? -7.990  7.434   6.571   1.00 8.28   ? 62  VAL A N   1 
ATOM   438  C  CA  . VAL A 1 62  ? -7.091  8.608   6.561   1.00 8.24   ? 62  VAL A CA  1 
ATOM   439  C  C   . VAL A 1 62  ? -5.808  8.150   5.950   1.00 8.24   ? 62  VAL A C   1 
ATOM   440  O  O   . VAL A 1 62  ? -5.315  7.078   6.352   1.00 8.84   ? 62  VAL A O   1 
ATOM   441  C  CB  . VAL A 1 62  ? -6.870  9.140   7.976   1.00 8.72   ? 62  VAL A CB  1 
ATOM   442  C  CG1 . VAL A 1 62  ? -5.788  10.210  7.952   1.00 9.58   ? 62  VAL A CG1 1 
ATOM   443  C  CG2 . VAL A 1 62  ? -8.166  9.650   8.564   1.00 9.42   ? 62  VAL A CG2 1 
ATOM   444  N  N   . TYR A 1 63  ? -5.194  8.898   5.041   1.00 8.19   ? 63  TYR A N   1 
ATOM   445  C  CA  . TYR A 1 63  ? -3.881  8.511   4.479   1.00 8.36   ? 63  TYR A CA  1 
ATOM   446  C  C   . TYR A 1 63  ? -2.861  9.618   4.681   1.00 8.83   ? 63  TYR A C   1 
ATOM   447  O  O   . TYR A 1 63  ? -3.217  10.800  4.759   1.00 8.80   ? 63  TYR A O   1 
ATOM   448  C  CB  . TYR A 1 63  ? -3.948  8.115   3.003   1.00 8.68   ? 63  TYR A CB  1 
ATOM   449  C  CG  . TYR A 1 63  ? -3.911  9.242   1.985   1.00 9.16   ? 63  TYR A CG  1 
ATOM   450  C  CD1 . TYR A 1 63  ? -5.019  10.047  1.751   1.00 9.06   ? 63  TYR A CD1 1 
ATOM   451  C  CD2 . TYR A 1 63  ? -2.755  9.516   1.276   1.00 8.62   ? 63  TYR A CD2 1 
ATOM   452  C  CE1 . TYR A 1 63  ? -4.996  11.054  0.806   1.00 9.89   ? 63  TYR A CE1 1 
ATOM   453  C  CE2 . TYR A 1 63  ? -2.719  10.522  0.325   1.00 8.96   ? 63  TYR A CE2 1 
ATOM   454  C  CZ  . TYR A 1 63  ? -3.826  11.321  0.128   1.00 9.32   ? 63  TYR A CZ  1 
ATOM   455  O  OH  . TYR A 1 63  ? -3.804  12.336  -0.795  1.00 10.72  ? 63  TYR A OH  1 
ATOM   456  N  N   . TYR A 1 64  ? -1.617  9.219   4.693   1.00 9.03   ? 64  TYR A N   1 
ATOM   457  C  CA  . TYR A 1 64  ? -0.489  10.156  4.789   1.00 9.75   ? 64  TYR A CA  1 
ATOM   458  C  C   . TYR A 1 64  ? 0.016   10.509  3.391   1.00 8.49   ? 64  TYR A C   1 
ATOM   459  O  O   . TYR A 1 64  ? 0.406   9.610   2.621   1.00 9.21   ? 64  TYR A O   1 
ATOM   460  C  CB  . TYR A 1 64  ? 0.645   9.613   5.651   1.00 10.33  ? 64  TYR A CB  1 
ATOM   461  C  CG  . TYR A 1 64  ? 1.751   10.613  5.745   1.00 11.44  ? 64  TYR A CG  1 
ATOM   462  C  CD1 . TYR A 1 64  ? 1.520   11.829  6.346   1.00 12.36  ? 64  TYR A CD1 1 
ATOM   463  C  CD2 . TYR A 1 64  ? 2.998   10.357  5.224   1.00 11.88  ? 64  TYR A CD2 1 
ATOM   464  C  CE1 . TYR A 1 64  ? 2.523   12.789  6.415   1.00 14.09  ? 64  TYR A CE1 1 
ATOM   465  C  CE2 . TYR A 1 64  ? 4.030   11.279  5.322   1.00 13.93  ? 64  TYR A CE2 1 
ATOM   466  C  CZ  . TYR A 1 64  ? 3.773   12.507  5.880   1.00 13.26  ? 64  TYR A CZ  1 
ATOM   467  O  OH  . TYR A 1 64  ? 4.800   13.429  5.921   1.00 16.37  ? 64  TYR A OH  1 
ATOM   468  N  N   . CYS A 1 65  ? 0.120   11.794  3.134   1.00 9.01   ? 65  CYS A N   1 
ATOM   469  C  CA  . CYS A 1 65  ? 0.626   12.368  1.883   1.00 9.43   ? 65  CYS A CA  1 
ATOM   470  C  C   . CYS A 1 65  ? 1.949   13.083  2.154   1.00 9.23   ? 65  CYS A C   1 
ATOM   471  O  O   . CYS A 1 65  ? 1.942   14.273  2.604   1.00 9.57   ? 65  CYS A O   1 
ATOM   472  C  CB  . CYS A 1 65  ? -0.381  13.319  1.302   1.00 9.92   ? 65  CYS A CB  1 
ATOM   473  S  SG  . CYS A 1 65  ? 0.137   14.093  -0.227  1.00 10.38  ? 65  CYS A SG  1 
ATOM   474  N  N   . SER A 1 66  ? 3.051   12.447  1.847   1.00 9.54   ? 66  SER A N   1 
ATOM   475  C  CA  . SER A 1 66  ? 4.371   13.041  2.145   1.00 10.18  ? 66  SER A CA  1 
ATOM   476  C  C   . SER A 1 66  ? 4.592   14.331  1.368   1.00 10.01  ? 66  SER A C   1 
ATOM   477  O  O   . SER A 1 66  ? 5.231   15.253  1.929   1.00 11.03  ? 66  SER A O   1 
ATOM   478  C  CB  . SER A 1 66  ? 5.440   12.046  1.849   1.00 11.27  ? 66  SER A CB  1 
ATOM   479  O  OG  . SER A 1 66  ? 5.616   11.705  0.524   1.00 18.89  ? 66  SER A OG  1 
ATOM   480  N  N   . SER A 1 67  ? 4.087   14.440  0.158   1.00 9.44   ? 67  SER A N   1 
ATOM   481  C  CA  . SER A 1 67  ? 4.291   15.652  -0.678  1.00 9.78   ? 67  SER A CA  1 
ATOM   482  C  C   . SER A 1 67  ? 3.477   16.843  -0.162  1.00 9.15   ? 67  SER A C   1 
ATOM   483  O  O   . SER A 1 67  ? 3.592   17.941  -0.766  1.00 10.14  ? 67  SER A O   1 
ATOM   484  C  CB  . SER A 1 67  ? 4.048   15.388  -2.112  1.00 9.24   ? 67  SER A CB  1 
ATOM   485  O  OG  . SER A 1 67  ? 2.684   15.032  -2.362  1.00 9.96   ? 67  SER A OG  1 
ATOM   486  N  N   . ARG A 1 68  ? 2.652   16.655  0.880   1.00 9.70   ? 68  ARG A N   1 
ATOM   487  C  CA  . ARG A 1 68  ? 1.904   17.727  1.551   1.00 9.91   ? 68  ARG A CA  1 
ATOM   488  C  C   . ARG A 1 68  ? 2.258   17.788  3.026   1.00 10.53  ? 68  ARG A C   1 
ATOM   489  O  O   . ARG A 1 68  ? 1.717   18.641  3.726   1.00 12.05  ? 68  ARG A O   1 
ATOM   490  C  CB  . ARG A 1 68  ? 0.402   17.577  1.349   1.00 9.94   ? 68  ARG A CB  1 
ATOM   491  C  CG  . ARG A 1 68  ? 0.023   17.666  -0.104  1.00 10.16  ? 68  ARG A CG  1 
ATOM   492  C  CD  . ARG A 1 68  ? 0.013   19.124  -0.588  1.00 11.60  ? 68  ARG A CD  1 
ATOM   493  N  NE  . ARG A 1 68  ? -0.356  19.238  -1.954  1.00 12.21  ? 68  ARG A NE  1 
ATOM   494  C  CZ  . ARG A 1 68  ? 0.453   19.194  -2.980  1.00 12.42  ? 68  ARG A CZ  1 
ATOM   495  N  NH1 . ARG A 1 68  ? 1.759   19.065  -2.809  1.00 12.31  ? 68  ARG A NH1 1 
ATOM   496  N  NH2 . ARG A 1 68  ? -0.038  19.332  -4.200  1.00 13.32  ? 68  ARG A NH2 1 
ATOM   497  N  N   . ARG A 1 69  ? 3.037   16.852  3.505   1.00 10.88  ? 69  ARG A N   1 
ATOM   498  C  CA  . ARG A 1 69  ? 3.260   16.688  4.955   1.00 11.28  ? 69  ARG A CA  1 
ATOM   499  C  C   . ARG A 1 69  ? 1.935   16.708  5.693   1.00 12.02  ? 69  ARG A C   1 
ATOM   500  O  O   . ARG A 1 69  ? 1.809   17.389  6.739   1.00 14.24  ? 69  ARG A O   1 
ATOM   501  C  CB  . ARG A 1 69  ? 4.208   17.740  5.537   1.00 12.79  ? 69  ARG A CB  1 
ATOM   502  C  CG  . ARG A 1 69  ? 5.618   17.611  5.020   1.00 14.46  ? 69  ARG A CG  1 
ATOM   503  C  CD  . ARG A 1 69  ? 6.622   18.513  5.744   1.00 16.94  ? 69  ARG A CD  1 
ATOM   504  N  NE  . ARG A 1 69  ? 8.010   18.516  5.197   1.00 19.30  ? 69  ARG A NE  1 
ATOM   505  C  CZ  . ARG A 1 69  ? 8.634   19.557  4.579   1.00 19.99  ? 69  ARG A CZ  1 
ATOM   506  N  NH1 . ARG A 1 69  ? 7.955   20.691  4.390   1.00 20.20  ? 69  ARG A NH1 1 
ATOM   507  N  NH2 . ARG A 1 69  ? 9.883   19.424  4.072   1.00 19.20  ? 69  ARG A NH2 1 
ATOM   508  N  N   . LYS A 1 70  ? 0.938   15.961  5.209   1.00 11.92  ? 70  LYS A N   1 
ATOM   509  C  CA  . LYS A 1 70  ? -0.422  16.018  5.779   1.00 12.83  ? 70  LYS A CA  1 
ATOM   510  C  C   . LYS A 1 70  ? -1.102  14.668  5.689   1.00 11.59  ? 70  LYS A C   1 
ATOM   511  O  O   . LYS A 1 70  ? -0.848  13.949  4.718   1.00 12.44  ? 70  LYS A O   1 
ATOM   512  C  CB  . LYS A 1 70  ? -1.278  17.053  5.058   1.00 14.81  ? 70  LYS A CB  1 
ATOM   513  C  CG  . LYS A 1 70  ? -1.002  18.492  5.475   1.00 20.95  ? 70  LYS A CG  1 
ATOM   514  C  CD  . LYS A 1 70  ? -1.900  19.519  4.826   1.00 24.77  ? 70  LYS A CD  1 
ATOM   515  C  CE  . LYS A 1 70  ? -1.514  20.943  5.193   1.00 28.48  ? 70  LYS A CE  1 
ATOM   516  N  NZ  . LYS A 1 70  ? -0.073  21.186  4.928   1.00 31.93  ? 70  LYS A NZ  1 
ATOM   517  N  N   . HIS A 1 71  ? -1.912  14.393  6.679   1.00 10.80  ? 71  HIS A N   1 
ATOM   518  C  CA  . HIS A 1 71  ? -2.850  13.260  6.645   1.00 11.20  ? 71  HIS A CA  1 
ATOM   519  C  C   . HIS A 1 71  ? -4.197  13.788  6.193   1.00 11.27  ? 71  HIS A C   1 
ATOM   520  O  O   . HIS A 1 71  ? -4.675  14.835  6.716   1.00 14.20  ? 71  HIS A O   1 
ATOM   521  C  CB  . HIS A 1 71  ? -2.965  12.643  8.021   1.00 12.52  ? 71  HIS A CB  1 
ATOM   522  C  CG  . HIS A 1 71  ? -1.755  11.948  8.526   1.00 12.45  ? 71  HIS A CG  1 
ATOM   523  N  ND1 . HIS A 1 71  ? -1.514  10.596  8.472   1.00 13.71  ? 71  HIS A ND1 1 
ATOM   524  C  CD2 . HIS A 1 71  ? -0.655  12.507  9.079   1.00 13.28  ? 71  HIS A CD2 1 
ATOM   525  C  CE1 . HIS A 1 71  ? -0.330  10.350  9.013   1.00 11.98  ? 71  HIS A CE1 1 
ATOM   526  N  NE2 . HIS A 1 71  ? 0.183   11.488  9.453   1.00 16.69  ? 71  HIS A NE2 1 
ATOM   527  N  N   . TYR A 1 72  ? -4.850  13.135  5.243   1.00 9.92   ? 72  TYR A N   1 
ATOM   528  C  CA  . TYR A 1 72  ? -6.178  13.507  4.721   1.00 10.29  ? 72  TYR A CA  1 
ATOM   529  C  C   . TYR A 1 72  ? -7.179  12.401  4.968   1.00 9.30   ? 72  TYR A C   1 
ATOM   530  O  O   . TYR A 1 72  ? -6.945  11.235  4.628   1.00 9.44   ? 72  TYR A O   1 
ATOM   531  C  CB  . TYR A 1 72  ? -6.079  13.714  3.211   1.00 10.25  ? 72  TYR A CB  1 
ATOM   532  C  CG  . TYR A 1 72  ? -5.204  14.861  2.771   1.00 11.05  ? 72  TYR A CG  1 
ATOM   533  C  CD1 . TYR A 1 72  ? -5.695  16.158  2.807   1.00 12.47  ? 72  TYR A CD1 1 
ATOM   534  C  CD2 . TYR A 1 72  ? -3.913  14.686  2.322   1.00 11.64  ? 72  TYR A CD2 1 
ATOM   535  C  CE1 . TYR A 1 72  ? -4.929  17.246  2.407   1.00 12.50  ? 72  TYR A CE1 1 
ATOM   536  C  CE2 . TYR A 1 72  ? -3.145  15.739  1.843   1.00 11.69  ? 72  TYR A CE2 1 
ATOM   537  C  CZ  . TYR A 1 72  ? -3.647  17.027  1.943   1.00 12.53  ? 72  TYR A CZ  1 
ATOM   538  O  OH  . TYR A 1 72  ? -2.867  18.083  1.518   1.00 14.24  ? 72  TYR A OH  1 
ATOM   539  N  N   . PRO A 1 73  ? -8.385  12.768  5.408   1.00 9.35   ? 73  PRO A N   1 
ATOM   540  C  CA  . PRO A 1 73  ? -9.501  11.823  5.442   1.00 9.79   ? 73  PRO A CA  1 
ATOM   541  C  C   . PRO A 1 73  ? -10.024 11.615  4.030   1.00 9.59   ? 73  PRO A C   1 
ATOM   542  O  O   . PRO A 1 73  ? -10.269 12.578  3.292   1.00 12.14  ? 73  PRO A O   1 
ATOM   543  C  CB  . PRO A 1 73  ? -10.531 12.504  6.351   1.00 10.43  ? 73  PRO A CB  1 
ATOM   544  C  CG  . PRO A 1 73  ? -10.213 13.954  6.297   1.00 12.44  ? 73  PRO A CG  1 
ATOM   545  C  CD  . PRO A 1 73  ? -8.766  14.108  5.927   1.00 10.54  ? 73  PRO A CD  1 
ATOM   546  N  N   . VAL A 1 74  ? -10.254 10.377  3.660   1.00 9.13   ? 74  VAL A N   1 
ATOM   547  C  CA  . VAL A 1 74  ? -10.728 10.006  2.318   1.00 9.83   ? 74  VAL A CA  1 
ATOM   548  C  C   . VAL A 1 74  ? -11.775 8.911   2.383   1.00 9.74   ? 74  VAL A C   1 
ATOM   549  O  O   . VAL A 1 74  ? -11.773 8.027   3.269   1.00 9.75   ? 74  VAL A O   1 
ATOM   550  C  CB  . VAL A 1 74  ? -9.581  9.548   1.413   1.00 11.35  ? 74  VAL A CB  1 
ATOM   551  C  CG1 . VAL A 1 74  ? -8.726  10.730  0.960   1.00 12.17  ? 74  VAL A CG1 1 
ATOM   552  C  CG2 . VAL A 1 74  ? -8.733  8.456   2.022   1.00 11.30  ? 74  VAL A CG2 1 
ATOM   553  N  N   . SER A 1 75  ? -12.634 8.912   1.389   1.00 9.18   ? 75  SER A N   1 
ATOM   554  C  CA  . SER A 1 75  ? -13.459 7.763   0.982   1.00 9.66   ? 75  SER A CA  1 
ATOM   555  C  C   . SER A 1 75  ? -12.727 7.075   -0.153  1.00 8.85   ? 75  SER A C   1 
ATOM   556  O  O   . SER A 1 75  ? -12.152 7.715   -0.990  1.00 9.17   ? 75  SER A O   1 
ATOM   557  C  CB  . SER A 1 75  ? -14.801 8.211   0.552   1.00 11.76  ? 75  SER A CB  1 
ATOM   558  O  OG  . SER A 1 75  ? -15.497 8.884   1.560   1.00 17.57  ? 75  SER A OG  1 
ATOM   559  N  N   . PHE A 1 76  ? -12.760 5.755   -0.194  1.00 8.47   ? 76  PHE A N   1 
ATOM   560  C  CA  . PHE A 1 76  ? -12.022 4.983   -1.189  1.00 8.92   ? 76  PHE A CA  1 
ATOM   561  C  C   . PHE A 1 76  ? -12.830 3.806   -1.665  1.00 8.97   ? 76  PHE A C   1 
ATOM   562  O  O   . PHE A 1 76  ? -13.706 3.287   -0.958  1.00 9.07   ? 76  PHE A O   1 
ATOM   563  C  CB  . PHE A 1 76  ? -10.641 4.567   -0.662  1.00 8.94   ? 76  PHE A CB  1 
ATOM   564  C  CG  . PHE A 1 76  ? -10.625 3.803   0.641   1.00 8.71   ? 76  PHE A CG  1 
ATOM   565  C  CD1 . PHE A 1 76  ? -10.535 4.466   1.845   1.00 9.28   ? 76  PHE A CD1 1 
ATOM   566  C  CD2 . PHE A 1 76  ? -10.676 2.415   0.694   1.00 9.03   ? 76  PHE A CD2 1 
ATOM   567  C  CE1 . PHE A 1 76  ? -10.524 3.802   3.052   1.00 9.64   ? 76  PHE A CE1 1 
ATOM   568  C  CE2 . PHE A 1 76  ? -10.669 1.735   1.899   1.00 8.93   ? 76  PHE A CE2 1 
ATOM   569  C  CZ  . PHE A 1 76  ? -10.598 2.447   3.079   1.00 9.95   ? 76  PHE A CZ  1 
ATOM   570  N  N   . SER A 1 77  ? -12.573 3.439   -2.908  1.00 9.15   ? 77  SER A N   1 
ATOM   571  C  CA  . SER A 1 77  ? -13.238 2.279   -3.543  1.00 9.57   ? 77  SER A CA  1 
ATOM   572  C  C   . SER A 1 77  ? -12.756 0.980   -2.907  1.00 9.61   ? 77  SER A C   1 
ATOM   573  O  O   . SER A 1 77  ? -11.648 0.915   -2.420  1.00 10.73  ? 77  SER A O   1 
ATOM   574  C  CB  . SER A 1 77  ? -13.061 2.311   -5.012  1.00 10.32  ? 77  SER A CB  1 
ATOM   575  O  OG  . SER A 1 77  ? -11.705 2.178   -5.361  1.00 12.54  ? 77  SER A OG  1 
ATOM   576  N  N   . LYS A 1 78  ? -13.559 -0.081  -3.006  1.00 9.68   ? 78  LYS A N   1 
ATOM   577  C  CA  . LYS A 1 78  ? -13.111 -1.421  -2.584  1.00 9.66   ? 78  LYS A CA  1 
ATOM   578  C  C   . LYS A 1 78  ? -12.019 -1.861  -3.532  1.00 10.55  ? 78  LYS A C   1 
ATOM   579  O  O   . LYS A 1 78  ? -11.983 -1.469  -4.698  1.00 11.47  ? 78  LYS A O   1 
ATOM   580  C  CB  . LYS A 1 78  ? -14.282 -2.390  -2.582  1.00 11.46  ? 78  LYS A CB  1 
ATOM   581  C  CG  . LYS A 1 78  ? -15.348 -2.039  -1.558  1.00 12.06  ? 78  LYS A CG  1 
ATOM   582  C  CD  . LYS A 1 78  ? -16.501 -3.067  -1.452  1.00 14.84  ? 78  LYS A CD  1 
ATOM   583  C  CE  . LYS A 1 78  ? -17.470 -2.646  -0.375  1.00 18.17  ? 78  LYS A CE  1 
ATOM   584  N  NZ  . LYS A 1 78  ? -18.494 -3.689  -0.109  1.00 20.94  ? 78  LYS A NZ  1 
ATOM   585  N  N   . PRO A 1 79  ? -11.144 -2.789  -3.106  1.00 10.50  ? 79  PRO A N   1 
ATOM   586  C  CA  . PRO A 1 79  ? -10.027 -3.231  -3.940  1.00 10.53  ? 79  PRO A CA  1 
ATOM   587  C  C   . PRO A 1 79  ? -10.556 -3.820  -5.237  1.00 10.52  ? 79  PRO A C   1 
ATOM   588  O  O   . PRO A 1 79  ? -11.503 -4.636  -5.214  1.00 13.06  ? 79  PRO A O   1 
ATOM   589  C  CB  . PRO A 1 79  ? -9.364  -4.301  -3.044  1.00 11.80  ? 79  PRO A CB  1 
ATOM   590  C  CG  . PRO A 1 79  ? -9.634  -3.849  -1.651  1.00 11.49  ? 79  PRO A CG  1 
ATOM   591  C  CD  . PRO A 1 79  ? -11.066 -3.341  -1.747  1.00 10.42  ? 79  PRO A CD  1 
ATOM   592  N  N   A SER A 1 80  ? -9.977  -3.374  -6.358  0.30 11.44  ? 80  SER A N   1 
ATOM   593  N  N   B SER A 1 80  ? -9.951  -3.447  -6.357  0.33 10.17  ? 80  SER A N   1 
ATOM   594  C  CA  A SER A 1 80  ? -10.409 -3.753  -7.726  0.30 12.39  ? 80  SER A CA  1 
ATOM   595  C  CA  B SER A 1 80  ? -10.329 -4.060  -7.648  0.33 10.31  ? 80  SER A CA  1 
ATOM   596  C  C   A SER A 1 80  ? -9.184  -3.976  -8.619  0.30 11.94  ? 80  SER A C   1 
ATOM   597  C  C   B SER A 1 80  ? -9.171  -3.951  -8.643  0.33 10.73  ? 80  SER A C   1 
ATOM   598  O  O   A SER A 1 80  ? -8.030  -3.763  -8.165  0.30 11.16  ? 80  SER A O   1 
ATOM   599  O  O   B SER A 1 80  ? -8.031  -3.514  -8.301  0.33 10.15  ? 80  SER A O   1 
ATOM   600  C  CB  A SER A 1 80  ? -11.339 -2.715  -8.324  0.30 13.79  ? 80  SER A CB  1 
ATOM   601  C  CB  B SER A 1 80  ? -11.636 -3.470  -8.168  0.33 9.92   ? 80  SER A CB  1 
ATOM   602  O  OG  A SER A 1 80  ? -12.174 -2.113  -7.345  0.30 14.96  ? 80  SER A OG  1 
ATOM   603  O  OG  B SER A 1 80  ? -12.188 -4.269  -9.212  0.33 9.09   ? 80  SER A OG  1 
ATOM   604  N  N   . LEU A 1 81  ? -9.447  -4.416  -9.857  1.00 11.72  ? 81  LEU A N   1 
ATOM   605  C  CA  . LEU A 1 81  ? -8.472  -4.525  -10.931 1.00 12.64  ? 81  LEU A CA  1 
ATOM   606  C  C   . LEU A 1 81  ? -8.669  -3.295  -11.785 1.00 13.27  ? 81  LEU A C   1 
ATOM   607  O  O   . LEU A 1 81  ? -9.781  -3.130  -12.347 1.00 14.66  ? 81  LEU A O   1 
ATOM   608  C  CB  . LEU A 1 81  ? -8.731  -5.828  -11.680 1.00 13.87  ? 81  LEU A CB  1 
ATOM   609  C  CG  . LEU A 1 81  ? -7.844  -6.040  -12.897 1.00 15.38  ? 81  LEU A CG  1 
ATOM   610  C  CD1 . LEU A 1 81  ? -6.376  -6.118  -12.535 1.00 16.72  ? 81  LEU A CD1 1 
ATOM   611  C  CD2 . LEU A 1 81  ? -8.253  -7.324  -13.628 1.00 16.39  ? 81  LEU A CD2 1 
ATOM   612  N  N   . ILE A 1 82  ? -7.710  -2.400  -11.809 1.00 11.40  ? 82  ILE A N   1 
ATOM   613  C  CA  . ILE A 1 82  ? -7.864  -1.036  -12.338 1.00 12.23  ? 82  ILE A CA  1 
ATOM   614  C  C   . ILE A 1 82  ? -6.753  -0.769  -13.325 1.00 11.39  ? 82  ILE A C   1 
ATOM   615  O  O   . ILE A 1 82  ? -5.595  -1.022  -13.024 1.00 11.61  ? 82  ILE A O   1 
ATOM   616  C  CB  . ILE A 1 82  ? -7.792  -0.009  -11.182 1.00 13.78  ? 82  ILE A CB  1 
ATOM   617  C  CG1 . ILE A 1 82  ? -8.815  -0.352  -10.105 1.00 13.85  ? 82  ILE A CG1 1 
ATOM   618  C  CG2 . ILE A 1 82  ? -7.859  1.420   -11.673 1.00 17.82  ? 82  ILE A CG2 1 
ATOM   619  C  CD1 . ILE A 1 82  ? -10.226 -0.167  -10.507 1.00 17.71  ? 82  ILE A CD1 1 
ATOM   620  N  N   . PHE A 1 83  ? -7.075  -0.066  -14.393 1.00 11.09  ? 83  PHE A N   1 
ATOM   621  C  CA  . PHE A 1 83  ? -6.084  0.428   -15.333 1.00 11.53  ? 83  PHE A CA  1 
ATOM   622  C  C   . PHE A 1 83  ? -5.428  1.649   -14.720 1.00 11.09  ? 83  PHE A C   1 
ATOM   623  O  O   . PHE A 1 83  ? -6.141  2.530   -14.219 1.00 12.19  ? 83  PHE A O   1 
ATOM   624  C  CB  . PHE A 1 83  ? -6.694  0.736   -16.701 1.00 12.83  ? 83  PHE A CB  1 
ATOM   625  C  CG  . PHE A 1 83  ? -5.635  1.126   -17.689 1.00 13.28  ? 83  PHE A CG  1 
ATOM   626  C  CD1 . PHE A 1 83  ? -4.747  0.195   -18.183 1.00 14.16  ? 83  PHE A CD1 1 
ATOM   627  C  CD2 . PHE A 1 83  ? -5.493  2.442   -18.096 1.00 16.41  ? 83  PHE A CD2 1 
ATOM   628  C  CE1 . PHE A 1 83  ? -3.787  0.558   -19.125 1.00 16.82  ? 83  PHE A CE1 1 
ATOM   629  C  CE2 . PHE A 1 83  ? -4.514  2.808   -19.006 1.00 18.97  ? 83  PHE A CE2 1 
ATOM   630  C  CZ  . PHE A 1 83  ? -3.663  1.868   -19.503 1.00 16.74  ? 83  PHE A CZ  1 
ATOM   631  N  N   . VAL A 1 84  ? -4.109  1.698   -14.753 1.00 10.92  ? 84  VAL A N   1 
ATOM   632  C  CA  . VAL A 1 84  ? -3.321  2.806   -14.182 1.00 11.79  ? 84  VAL A CA  1 
ATOM   633  C  C   . VAL A 1 84  ? -2.501  3.388   -15.334 1.00 10.65  ? 84  VAL A C   1 
ATOM   634  O  O   . VAL A 1 84  ? -1.703  2.653   -15.969 1.00 12.11  ? 84  VAL A O   1 
ATOM   635  C  CB  . VAL A 1 84  ? -2.445  2.328   -13.004 1.00 11.68  ? 84  VAL A CB  1 
ATOM   636  C  CG1 . VAL A 1 84  ? -1.705  3.483   -12.393 1.00 11.12  ? 84  VAL A CG1 1 
ATOM   637  C  CG2 . VAL A 1 84  ? -3.286  1.599   -11.957 1.00 11.54  ? 84  VAL A CG2 1 
ATOM   638  N  N   . GLU A 1 85  ? -2.553  4.684   -15.541 1.00 10.96  ? 85  GLU A N   1 
ATOM   639  C  CA  . GLU A 1 85  ? -1.742  5.325   -16.570 1.00 11.61  ? 85  GLU A CA  1 
ATOM   640  C  C   . GLU A 1 85  ? -0.277  5.279   -16.180 1.00 12.23  ? 85  GLU A C   1 
ATOM   641  O  O   . GLU A 1 85  ? 0.069   5.026   -14.988 1.00 12.96  ? 85  GLU A O   1 
ATOM   642  C  CB  . GLU A 1 85  ? -2.179  6.777   -16.775 1.00 12.19  ? 85  GLU A CB  1 
ATOM   643  C  CG  . GLU A 1 85  ? -3.600  6.892   -17.197 1.00 14.05  ? 85  GLU A CG  1 
ATOM   644  C  CD  . GLU A 1 85  ? -3.870  6.477   -18.624 1.00 15.42  ? 85  GLU A CD  1 
ATOM   645  O  OE1 . GLU A 1 85  ? -2.913  6.218   -19.396 1.00 17.49  ? 85  GLU A OE1 1 
ATOM   646  O  OE2 . GLU A 1 85  ? -5.048  6.293   -18.947 1.00 17.48  ? 85  GLU A OE2 1 
ATOM   647  N  N   . ALA A 1 86  ? 0.598   5.418   -17.149 1.00 13.74  ? 86  ALA A N   1 
ATOM   648  C  CA  . ALA A 1 86  ? 2.053   5.409   -16.894 1.00 14.22  ? 86  ALA A CA  1 
ATOM   649  C  C   . ALA A 1 86  ? 2.413   6.414   -15.813 1.00 14.23  ? 86  ALA A C   1 
ATOM   650  O  O   . ALA A 1 86  ? 1.863   7.502   -15.775 1.00 15.09  ? 86  ALA A O   1 
ATOM   651  C  CB  . ALA A 1 86  ? 2.775   5.700   -18.173 1.00 14.31  ? 86  ALA A CB  1 
ATOM   652  N  N   . SER A 1 87  ? 3.371   6.045   -14.976 1.00 14.88  ? 87  SER A N   1 
ATOM   653  C  CA  . SER A 1 87  ? 3.910   6.887   -13.891 1.00 15.26  ? 87  SER A CA  1 
ATOM   654  C  C   . SER A 1 87  ? 5.414   6.921   -14.066 1.00 17.14  ? 87  SER A C   1 
ATOM   655  O  O   . SER A 1 87  ? 5.954   6.268   -15.016 1.00 17.19  ? 87  SER A O   1 
ATOM   656  C  CB  . SER A 1 87  ? 3.571   6.350   -12.555 1.00 14.99  ? 87  SER A CB  1 
ATOM   657  O  OG  . SER A 1 87  ? 4.256   5.134   -12.345 1.00 14.01  ? 87  SER A OG  1 
ATOM   658  N  N   . GLU A 1 88  ? 6.100   7.571   -13.129 1.00 17.40  ? 88  GLU A N   1 
ATOM   659  C  CA  . GLU A 1 88  ? 7.583   7.583   -13.153 1.00 17.56  ? 88  GLU A CA  1 
ATOM   660  C  C   . GLU A 1 88  ? 8.163   6.203   -12.882 1.00 19.15  ? 88  GLU A C   1 
ATOM   661  O  O   . GLU A 1 88  ? 9.356   6.040   -13.199 1.00 21.28  ? 88  GLU A O   1 
ATOM   662  C  CB  . GLU A 1 88  ? 8.126   8.650   -12.187 1.00 21.26  ? 88  GLU A CB  1 
ATOM   663  C  CG  . GLU A 1 88  ? 8.949   8.129   -11.028 1.00 30.61  ? 88  GLU A CG  1 
ATOM   664  C  CD  . GLU A 1 88  ? 9.457   9.197   -10.074 1.00 35.34  ? 88  GLU A CD  1 
ATOM   665  O  OE1 . GLU A 1 88  ? 9.322   10.406  -10.395 1.00 39.41  ? 88  GLU A OE1 1 
ATOM   666  O  OE2 . GLU A 1 88  ? 9.989   8.806   -9.006  1.00 42.12  ? 88  GLU A OE2 1 
ATOM   667  N  N   . TYR A 1 89  ? 7.432   5.251   -12.319 1.00 14.79  ? 89  TYR A N   1 
ATOM   668  C  CA  . TYR A 1 89  ? 7.984   3.963   -11.842 1.00 16.11  ? 89  TYR A CA  1 
ATOM   669  C  C   . TYR A 1 89  ? 7.294   2.757   -12.460 1.00 15.43  ? 89  TYR A C   1 
ATOM   670  O  O   . TYR A 1 89  ? 7.766   1.625   -12.252 1.00 16.80  ? 89  TYR A O   1 
ATOM   671  C  CB  . TYR A 1 89  ? 7.919   3.887   -10.316 1.00 14.83  ? 89  TYR A CB  1 
ATOM   672  C  CG  . TYR A 1 89  ? 6.594   4.274   -9.722  1.00 15.54  ? 89  TYR A CG  1 
ATOM   673  C  CD1 . TYR A 1 89  ? 6.296   5.584   -9.460  1.00 13.56  ? 89  TYR A CD1 1 
ATOM   674  C  CD2 . TYR A 1 89  ? 5.643   3.330   -9.417  1.00 14.67  ? 89  TYR A CD2 1 
ATOM   675  C  CE1 . TYR A 1 89  ? 5.083   5.957   -8.907  1.00 15.45  ? 89  TYR A CE1 1 
ATOM   676  C  CE2 . TYR A 1 89  ? 4.411   3.680   -8.882  1.00 15.26  ? 89  TYR A CE2 1 
ATOM   677  C  CZ  . TYR A 1 89  ? 4.139   4.996   -8.607  1.00 12.72  ? 89  TYR A CZ  1 
ATOM   678  O  OH  . TYR A 1 89  ? 2.957   5.461   -8.091  1.00 14.02  ? 89  TYR A OH  1 
ATOM   679  N  N   . TYR A 1 90  ? 6.202   2.933   -13.239 1.00 14.12  ? 90  TYR A N   1 
ATOM   680  C  CA  . TYR A 1 90  ? 5.593   1.829   -14.005 1.00 13.70  ? 90  TYR A CA  1 
ATOM   681  C  C   . TYR A 1 90  ? 5.051   2.336   -15.327 1.00 13.01  ? 90  TYR A C   1 
ATOM   682  O  O   . TYR A 1 90  ? 4.606   3.476   -15.421 1.00 14.77  ? 90  TYR A O   1 
ATOM   683  C  CB  . TYR A 1 90  ? 4.391   1.205   -13.293 1.00 14.48  ? 90  TYR A CB  1 
ATOM   684  C  CG  . TYR A 1 90  ? 4.708   0.277   -12.140 1.00 14.65  ? 90  TYR A CG  1 
ATOM   685  C  CD1 . TYR A 1 90  ? 5.430   -0.898  -12.293 1.00 15.60  ? 90  TYR A CD1 1 
ATOM   686  C  CD2 . TYR A 1 90  ? 4.217   0.530   -10.867 1.00 14.78  ? 90  TYR A CD2 1 
ATOM   687  C  CE1 . TYR A 1 90  ? 5.652   -1.773  -11.237 1.00 14.77  ? 90  TYR A CE1 1 
ATOM   688  C  CE2 . TYR A 1 90  ? 4.431   -0.335  -9.795  1.00 14.00  ? 90  TYR A CE2 1 
ATOM   689  C  CZ  . TYR A 1 90  ? 5.177   -1.481  -9.970  1.00 13.56  ? 90  TYR A CZ  1 
ATOM   690  O  OH  . TYR A 1 90  ? 5.438   -2.368  -8.943  1.00 13.96  ? 90  TYR A OH  1 
ATOM   691  N  N   . PRO A 1 91  ? 5.032   1.468   -16.347 1.00 13.46  ? 91  PRO A N   1 
ATOM   692  C  CA  . PRO A 1 91  ? 4.292   1.777   -17.570 1.00 13.47  ? 91  PRO A CA  1 
ATOM   693  C  C   . PRO A 1 91  ? 2.796   1.792   -17.244 1.00 13.56  ? 91  PRO A C   1 
ATOM   694  O  O   . PRO A 1 91  ? 2.345   1.384   -16.171 1.00 13.47  ? 91  PRO A O   1 
ATOM   695  C  CB  . PRO A 1 91  ? 4.627   0.611   -18.504 1.00 14.72  ? 91  PRO A CB  1 
ATOM   696  C  CG  . PRO A 1 91  ? 4.921   -0.529  -17.569 1.00 16.61  ? 91  PRO A CG  1 
ATOM   697  C  CD  . PRO A 1 91  ? 5.544   0.099   -16.342 1.00 14.15  ? 91  PRO A CD  1 
ATOM   698  N  N   . ALA A 1 92  ? 1.991   2.187   -18.217 1.00 14.78  ? 92  ALA A N   1 
ATOM   699  C  CA  . ALA A 1 92  ? 0.533   2.040   -18.109 1.00 14.66  ? 92  ALA A CA  1 
ATOM   700  C  C   . ALA A 1 92  ? 0.238   0.561   -17.996 1.00 15.96  ? 92  ALA A C   1 
ATOM   701  O  O   . ALA A 1 92  ? 0.826   -0.226  -18.791 1.00 19.63  ? 92  ALA A O   1 
ATOM   702  C  CB  . ALA A 1 92  ? -0.120  2.652   -19.337 1.00 16.03  ? 92  ALA A CB  1 
ATOM   703  N  N   . ARG A 1 93  ? -0.577  0.134   -17.043 1.00 14.18  ? 93  ARG A N   1 
ATOM   704  C  CA  . ARG A 1 93  ? -0.849  -1.301  -16.884 1.00 17.15  ? 93  ARG A CA  1 
ATOM   705  C  C   . ARG A 1 93  ? -2.040  -1.486  -15.944 1.00 13.97  ? 93  ARG A C   1 
ATOM   706  O  O   . ARG A 1 93  ? -2.566  -0.493  -15.345 1.00 13.80  ? 93  ARG A O   1 
ATOM   707  C  CB  . ARG A 1 93  ? 0.442   -1.935  -16.390 1.00 18.39  ? 93  ARG A CB  1 
ATOM   708  C  CG  . ARG A 1 93  ? 0.687   -1.503  -14.967 1.00 16.30  ? 93  ARG A CG  1 
ATOM   709  C  CD  . ARG A 1 93  ? 1.955   -2.039  -14.314 1.00 17.50  ? 93  ARG A CD  1 
ATOM   710  N  NE  . ARG A 1 93  ? 1.841   -1.892  -12.874 1.00 16.02  ? 93  ARG A NE  1 
ATOM   711  C  CZ  . ARG A 1 93  ? 2.133   -2.799  -11.949 1.00 16.31  ? 93  ARG A CZ  1 
ATOM   712  N  NH1 . ARG A 1 93  ? 2.708   -3.942  -12.280 1.00 16.29  ? 93  ARG A NH1 1 
ATOM   713  N  NH2 . ARG A 1 93  ? 1.796   -2.560  -10.703 1.00 19.12  ? 93  ARG A NH2 1 
ATOM   714  N  N   . TYR A 1 94  ? -2.510  -2.692  -15.830 1.00 13.50  ? 94  TYR A N   1 
ATOM   715  C  CA  . TYR A 1 94  ? -3.552  -3.084  -14.878 1.00 13.73  ? 94  TYR A CA  1 
ATOM   716  C  C   . TYR A 1 94  ? -2.874  -3.421  -13.571 1.00 13.99  ? 94  TYR A C   1 
ATOM   717  O  O   . TYR A 1 94  ? -1.786  -4.055  -13.561 1.00 17.99  ? 94  TYR A O   1 
ATOM   718  C  CB  . TYR A 1 94  ? -4.369  -4.238  -15.422 1.00 14.60  ? 94  TYR A CB  1 
ATOM   719  C  CG  . TYR A 1 94  ? -5.425  -3.766  -16.385 1.00 16.83  ? 94  TYR A CG  1 
ATOM   720  C  CD1 . TYR A 1 94  ? -6.580  -3.257  -15.847 1.00 19.10  ? 94  TYR A CD1 1 
ATOM   721  C  CD2 . TYR A 1 94  ? -5.260  -3.755  -17.750 1.00 19.03  ? 94  TYR A CD2 1 
ATOM   722  C  CE1 . TYR A 1 94  ? -7.597  -2.756  -16.620 1.00 21.19  ? 94  TYR A CE1 1 
ATOM   723  C  CE2 . TYR A 1 94  ? -6.289  -3.259  -18.563 1.00 19.04  ? 94  TYR A CE2 1 
ATOM   724  C  CZ  . TYR A 1 94  ? -7.456  -2.788  -17.979 1.00 19.98  ? 94  TYR A CZ  1 
ATOM   725  O  OH  . TYR A 1 94  ? -8.505  -2.301  -18.699 1.00 24.11  ? 94  TYR A OH  1 
ATOM   726  N  N   . GLN A 1 95  ? -3.419  -2.887  -12.493 1.00 11.70  ? 95  GLN A N   1 
ATOM   727  C  CA  . GLN A 1 95  ? -2.952  -3.199  -11.121 1.00 10.99  ? 95  GLN A CA  1 
ATOM   728  C  C   . GLN A 1 95  ? -4.137  -3.792  -10.385 1.00 11.13  ? 95  GLN A C   1 
ATOM   729  O  O   . GLN A 1 95  ? -5.273  -3.217  -10.466 1.00 12.63  ? 95  GLN A O   1 
ATOM   730  C  CB  . GLN A 1 95  ? -2.427  -1.943  -10.456 1.00 11.59  ? 95  GLN A CB  1 
ATOM   731  C  CG  . GLN A 1 95  ? -1.904  -2.167  -9.062  1.00 13.63  ? 95  GLN A CG  1 
ATOM   732  C  CD  . GLN A 1 95  ? -0.932  -1.107  -8.592  1.00 12.77  ? 95  GLN A CD  1 
ATOM   733  O  OE1 . GLN A 1 95  ? -0.161  -0.575  -9.378  1.00 13.10  ? 95  GLN A OE1 1 
ATOM   734  N  NE2 . GLN A 1 95  ? -0.948  -0.872  -7.305  1.00 13.27  ? 95  GLN A NE2 1 
ATOM   735  N  N   . SER A 1 96  ? -3.942  -4.890  -9.674  1.00 10.10  ? 96  SER A N   1 
ATOM   736  C  CA  . SER A 1 96  ? -4.965  -5.591  -8.909  1.00 11.10  ? 96  SER A CA  1 
ATOM   737  C  C   . SER A 1 96  ? -4.943  -5.148  -7.449  1.00 9.70   ? 96  SER A C   1 
ATOM   738  O  O   . SER A 1 96  ? -3.942  -4.579  -6.959  1.00 9.95   ? 96  SER A O   1 
ATOM   739  C  CB  . SER A 1 96  ? -4.781  -7.096  -9.009  1.00 12.20  ? 96  SER A CB  1 
ATOM   740  O  OG  . SER A 1 96  ? -3.531  -7.461  -8.391  1.00 13.53  ? 96  SER A OG  1 
ATOM   741  N  N   . HIS A 1 97  ? -6.020  -5.432  -6.765  1.00 9.96   ? 97  HIS A N   1 
ATOM   742  C  CA  . HIS A 1 97  ? -6.174  -5.132  -5.315  1.00 9.91   ? 97  HIS A CA  1 
ATOM   743  C  C   . HIS A 1 97  ? -5.941  -3.646  -5.037  1.00 9.22   ? 97  HIS A C   1 
ATOM   744  O  O   . HIS A 1 97  ? -5.384  -3.313  -3.990  1.00 9.88   ? 97  HIS A O   1 
ATOM   745  C  CB  . HIS A 1 97  ? -5.287  -6.049  -4.459  1.00 10.39  ? 97  HIS A CB  1 
ATOM   746  C  CG  . HIS A 1 97  ? -5.562  -7.500  -4.670  1.00 11.20  ? 97  HIS A CG  1 
ATOM   747  N  ND1 . HIS A 1 97  ? -6.313  -8.208  -3.794  1.00 11.31  ? 97  HIS A ND1 1 
ATOM   748  C  CD2 . HIS A 1 97  ? -5.117  -8.382  -5.592  1.00 11.27  ? 97  HIS A CD2 1 
ATOM   749  C  CE1 . HIS A 1 97  ? -6.310  -9.492  -4.162  1.00 11.82  ? 97  HIS A CE1 1 
ATOM   750  N  NE2 . HIS A 1 97  ? -5.628  -9.608  -5.257  1.00 12.94  ? 97  HIS A NE2 1 
ATOM   751  N  N   . LEU A 1 98  ? -6.370  -2.800  -5.937  1.00 9.49   ? 98  LEU A N   1 
ATOM   752  C  CA  . LEU A 1 98  ? -6.142  -1.343  -5.868  1.00 9.06   ? 98  LEU A CA  1 
ATOM   753  C  C   . LEU A 1 98  ? -7.415  -0.611  -5.481  1.00 8.67   ? 98  LEU A C   1 
ATOM   754  O  O   . LEU A 1 98  ? -8.498  -0.914  -6.017  1.00 9.56   ? 98  LEU A O   1 
ATOM   755  C  CB  . LEU A 1 98  ? -5.640  -0.843  -7.216  1.00 9.83   ? 98  LEU A CB  1 
ATOM   756  C  CG  . LEU A 1 98  ? -5.246  0.637   -7.267  1.00 10.55  ? 98  LEU A CG  1 
ATOM   757  C  CD1 . LEU A 1 98  ? -4.057  0.905   -6.416  1.00 10.88  ? 98  LEU A CD1 1 
ATOM   758  C  CD2 . LEU A 1 98  ? -5.020  1.143   -8.688  1.00 10.91  ? 98  LEU A CD2 1 
ATOM   759  N  N   . MET A 1 99  ? -7.288  0.316   -4.568  1.00 8.48   ? 99  MET A N   1 
ATOM   760  C  CA  . MET A 1 99  ? -8.389  1.176   -4.081  1.00 8.61   ? 99  MET A CA  1 
ATOM   761  C  C   . MET A 1 99  ? -8.109  2.593   -4.528  1.00 8.77   ? 99  MET A C   1 
ATOM   762  O  O   . MET A 1 99  ? -6.973  3.017   -4.428  1.00 9.86   ? 99  MET A O   1 
ATOM   763  C  CB  . MET A 1 99  ? -8.480  1.140   -2.577  1.00 8.39   ? 99  MET A CB  1 
ATOM   764  C  CG  . MET A 1 99  ? -8.709  -0.267  -2.057  1.00 9.67   ? 99  MET A CG  1 
ATOM   765  S  SD  . MET A 1 99  ? -8.555  -0.478  -0.292  1.00 10.84  ? 99  MET A SD  1 
ATOM   766  C  CE  . MET A 1 99  ? -6.788  -0.279  -0.051  1.00 9.62   ? 99  MET A CE  1 
ATOM   767  N  N   . LEU A 1 100 ? -9.110  3.346   -4.973  1.00 8.67   ? 100 LEU A N   1 
ATOM   768  C  CA  . LEU A 1 100 ? -8.910  4.741   -5.397  1.00 8.62   ? 100 LEU A CA  1 
ATOM   769  C  C   . LEU A 1 100 ? -9.655  5.689   -4.496  1.00 8.50   ? 100 LEU A C   1 
ATOM   770  O  O   . LEU A 1 100 ? -10.787 5.390   -4.062  1.00 9.63   ? 100 LEU A O   1 
ATOM   771  C  CB  . LEU A 1 100 ? -9.393  4.943   -6.818  1.00 9.78   ? 100 LEU A CB  1 
ATOM   772  C  CG  . LEU A 1 100 ? -8.612  4.221   -7.890  1.00 11.43  ? 100 LEU A CG  1 
ATOM   773  C  CD1 . LEU A 1 100 ? -9.313  4.305   -9.239  1.00 12.58  ? 100 LEU A CD1 1 
ATOM   774  C  CD2 . LEU A 1 100 ? -7.182  4.738   -7.976  1.00 13.36  ? 100 LEU A CD2 1 
ATOM   775  N  N   . ALA A 1 101 ? -9.059  6.845   -4.274  1.00 8.39   ? 101 ALA A N   1 
ATOM   776  C  CA  . ALA A 1 101 ? -9.689  7.996   -3.632  1.00 8.34   ? 101 ALA A CA  1 
ATOM   777  C  C   . ALA A 1 101 ? -9.366  9.264   -4.393  1.00 8.18   ? 101 ALA A C   1 
ATOM   778  O  O   . ALA A 1 101 ? -8.376  9.316   -5.114  1.00 9.54   ? 101 ALA A O   1 
ATOM   779  C  CB  . ALA A 1 101 ? -9.254  8.103   -2.184  1.00 8.51   ? 101 ALA A CB  1 
ATOM   780  N  N   . VAL A 1 102 ? -10.152 10.278  -4.139  1.00 8.62   ? 102 VAL A N   1 
ATOM   781  C  CA  . VAL A 1 102 ? -9.845  11.642  -4.659  1.00 8.69   ? 102 VAL A CA  1 
ATOM   782  C  C   . VAL A 1 102 ? -8.855  12.274  -3.691  1.00 8.34   ? 102 VAL A C   1 
ATOM   783  O  O   . VAL A 1 102 ? -9.138  12.438  -2.511  1.00 9.86   ? 102 VAL A O   1 
ATOM   784  C  CB  . VAL A 1 102 ? -11.129 12.461  -4.816  1.00 8.56   ? 102 VAL A CB  1 
ATOM   785  C  CG1 . VAL A 1 102 ? -10.786 13.863  -5.301  1.00 9.01   ? 102 VAL A CG1 1 
ATOM   786  C  CG2 . VAL A 1 102 ? -12.069 11.777  -5.792  1.00 9.04   ? 102 VAL A CG2 1 
ATOM   787  N  N   . GLY A 1 103 ? -7.698  12.621  -4.204  1.00 9.15   ? 103 GLY A N   1 
ATOM   788  C  CA  . GLY A 1 103 ? -6.659  13.192  -3.342  1.00 9.52   ? 103 GLY A CA  1 
ATOM   789  C  C   . GLY A 1 103 ? -5.356  13.317  -4.083  1.00 9.54   ? 103 GLY A C   1 
ATOM   790  O  O   . GLY A 1 103 ? -5.251  12.928  -5.262  1.00 11.00  ? 103 GLY A O   1 
ATOM   791  N  N   . HIS A 1 104 ? -4.365  13.896  -3.411  1.00 9.28   ? 104 HIS A N   1 
ATOM   792  C  CA  . HIS A 1 104 ? -3.084  14.158  -4.046  1.00 10.16  ? 104 HIS A CA  1 
ATOM   793  C  C   . HIS A 1 104 ? -2.127  12.995  -3.830  1.00 9.55   ? 104 HIS A C   1 
ATOM   794  O  O   . HIS A 1 104 ? -1.927  12.524  -2.698  1.00 9.70   ? 104 HIS A O   1 
ATOM   795  C  CB  . HIS A 1 104 ? -2.509  15.422  -3.431  1.00 9.48   ? 104 HIS A CB  1 
ATOM   796  C  CG  . HIS A 1 104 ? -1.264  15.812  -4.106  1.00 11.01  ? 104 HIS A CG  1 
ATOM   797  N  ND1 . HIS A 1 104 ? -1.239  16.192  -5.432  1.00 11.77  ? 104 HIS A ND1 1 
ATOM   798  C  CD2 . HIS A 1 104 ? -0.002  15.777  -3.658  1.00 11.55  ? 104 HIS A CD2 1 
ATOM   799  C  CE1 . HIS A 1 104 ? 0.030   16.369  -5.772  1.00 12.88  ? 104 HIS A CE1 1 
ATOM   800  N  NE2 . HIS A 1 104 ? 0.770   16.146  -4.703  1.00 12.27  ? 104 HIS A NE2 1 
ATOM   801  N  N   . SER A 1 105 ? -1.414  12.632  -4.874  1.00 9.83   ? 105 SER A N   1 
ATOM   802  C  CA  . SER A 1 105 ? -0.403  11.578  -4.834  1.00 9.63   ? 105 SER A CA  1 
ATOM   803  C  C   . SER A 1 105 ? 0.576   11.813  -5.963  1.00 10.58  ? 105 SER A C   1 
ATOM   804  O  O   . SER A 1 105 ? 0.159   11.776  -7.138  1.00 12.63  ? 105 SER A O   1 
ATOM   805  C  CB  . SER A 1 105 ? -1.067  10.210  -4.935  1.00 10.24  ? 105 SER A CB  1 
ATOM   806  O  OG  . SER A 1 105 ? -0.085  9.194   -5.020  1.00 11.20  ? 105 SER A OG  1 
ATOM   807  N  N   . GLU A 1 106 ? 1.821   11.953  -5.588  1.00 10.75  ? 106 GLU A N   1 
ATOM   808  C  CA  . GLU A 1 106 ? 3.006   11.984  -6.490  1.00 12.09  ? 106 GLU A CA  1 
ATOM   809  C  C   . GLU A 1 106 ? 3.846   10.749  -6.241  1.00 12.98  ? 106 GLU A C   1 
ATOM   810  O  O   . GLU A 1 106 ? 3.693   10.076  -5.214  1.00 13.12  ? 106 GLU A O   1 
ATOM   811  C  CB  . GLU A 1 106 ? 3.874   13.209  -6.182  1.00 15.86  ? 106 GLU A CB  1 
ATOM   812  C  CG  . GLU A 1 106 ? 3.167   14.497  -6.454  1.00 18.52  ? 106 GLU A CG  1 
ATOM   813  C  CD  . GLU A 1 106 ? 3.950   15.737  -6.002  1.00 15.96  ? 106 GLU A CD  1 
ATOM   814  O  OE1 . GLU A 1 106 ? 5.209   15.821  -6.244  1.00 20.96  ? 106 GLU A OE1 1 
ATOM   815  O  OE2 . GLU A 1 106 ? 3.355   16.608  -5.473  1.00 16.46  ? 106 GLU A OE2 1 
ATOM   816  N  N   . PRO A 1 107 ? 4.817   10.416  -7.126  1.00 15.09  ? 107 PRO A N   1 
ATOM   817  C  CA  . PRO A 1 107 ? 5.527   9.146   -6.977  1.00 14.63  ? 107 PRO A CA  1 
ATOM   818  C  C   . PRO A 1 107 ? 6.117   8.950   -5.577  1.00 14.84  ? 107 PRO A C   1 
ATOM   819  O  O   . PRO A 1 107 ? 6.082   7.855   -4.986  1.00 15.43  ? 107 PRO A O   1 
ATOM   820  C  CB  . PRO A 1 107 ? 6.601   9.293   -8.057  1.00 15.39  ? 107 PRO A CB  1 
ATOM   821  C  CG  . PRO A 1 107 ? 5.888   10.024  -9.163  1.00 16.52  ? 107 PRO A CG  1 
ATOM   822  C  CD  . PRO A 1 107 ? 5.138   11.102  -8.399  1.00 15.00  ? 107 PRO A CD  1 
ATOM   823  N  N   . GLY A 1 108 ? 6.741   9.978   -5.030  1.00 14.51  ? 108 GLY A N   1 
ATOM   824  C  CA  . GLY A 1 108 ? 7.375   9.865   -3.715  1.00 14.71  ? 108 GLY A CA  1 
ATOM   825  C  C   . GLY A 1 108 ? 6.398   9.668   -2.568  1.00 12.54  ? 108 GLY A C   1 
ATOM   826  O  O   . GLY A 1 108 ? 6.844   9.357   -1.448  1.00 13.20  ? 108 GLY A O   1 
ATOM   827  N  N   . ASP A 1 109 ? 5.081   9.812   -2.822  1.00 11.43  ? 109 ASP A N   1 
ATOM   828  C  CA  . ASP A 1 109 ? 4.079   9.531   -1.783  1.00 10.42  ? 109 ASP A CA  1 
ATOM   829  C  C   . ASP A 1 109 ? 3.887   8.028   -1.597  1.00 9.54   ? 109 ASP A C   1 
ATOM   830  O  O   . ASP A 1 109 ? 3.263   7.642   -0.606  1.00 8.98   ? 109 ASP A O   1 
ATOM   831  C  CB  . ASP A 1 109 ? 2.757   10.185  -2.149  1.00 10.37  ? 109 ASP A CB  1 
ATOM   832  C  CG  . ASP A 1 109 ? 2.862   11.689  -2.016  1.00 9.87   ? 109 ASP A CG  1 
ATOM   833  O  OD1 . ASP A 1 109 ? 3.570   12.107  -1.054  1.00 11.70  ? 109 ASP A OD1 1 
ATOM   834  O  OD2 . ASP A 1 109 ? 2.324   12.435  -2.843  1.00 10.51  ? 109 ASP A OD2 1 
ATOM   835  N  N   . CYS A 1 110 ? 4.375   7.202   -2.496  1.00 9.68   ? 110 CYS A N   1 
ATOM   836  C  CA  . CYS A 1 110 ? 4.206   5.755   -2.362  1.00 9.92   ? 110 CYS A CA  1 
ATOM   837  C  C   . CYS A 1 110 ? 4.740   5.301   -1.016  1.00 9.32   ? 110 CYS A C   1 
ATOM   838  O  O   . CYS A 1 110 ? 5.842   5.743   -0.584  1.00 10.38  ? 110 CYS A O   1 
ATOM   839  C  CB  . CYS A 1 110 ? 4.891   5.014   -3.491  1.00 10.14  ? 110 CYS A CB  1 
ATOM   840  S  SG  . CYS A 1 110 ? 3.987   5.105   -5.048  1.00 11.63  ? 110 CYS A SG  1 
ATOM   841  N  N   . GLY A 1 111 ? 3.995   4.439   -0.353  1.00 8.83   ? 111 GLY A N   1 
ATOM   842  C  CA  . GLY A 1 111 ? 4.362   3.893   0.942   1.00 9.37   ? 111 GLY A CA  1 
ATOM   843  C  C   . GLY A 1 111 ? 3.644   4.583   2.098   1.00 9.55   ? 111 GLY A C   1 
ATOM   844  O  O   . GLY A 1 111 ? 3.697   4.051   3.213   1.00 10.34  ? 111 GLY A O   1 
ATOM   845  N  N   . GLY A 1 112 ? 3.001   5.716   1.876   1.00 8.84   ? 112 GLY A N   1 
ATOM   846  C  CA  . GLY A 1 112 ? 2.189   6.356   2.913   1.00 8.77   ? 112 GLY A CA  1 
ATOM   847  C  C   . GLY A 1 112 ? 1.045   5.436   3.315   1.00 7.90   ? 112 GLY A C   1 
ATOM   848  O  O   . GLY A 1 112 ? 0.436   4.783   2.470   1.00 8.50   ? 112 GLY A O   1 
ATOM   849  N  N   . ILE A 1 113 ? 0.768   5.341   4.597   1.00 8.47   ? 113 ILE A N   1 
ATOM   850  C  CA  . ILE A 1 113 ? -0.268  4.432   5.134   1.00 8.32   ? 113 ILE A CA  1 
ATOM   851  C  C   . ILE A 1 113 ? -1.645  5.048   4.965   1.00 8.28   ? 113 ILE A C   1 
ATOM   852  O  O   . ILE A 1 113 ? -1.876  6.240   5.287   1.00 8.42   ? 113 ILE A O   1 
ATOM   853  C  CB  . ILE A 1 113 ? 0.029   4.125   6.609   1.00 10.18  ? 113 ILE A CB  1 
ATOM   854  C  CG1 . ILE A 1 113 ? 1.167   3.103   6.655   1.00 12.10  ? 113 ILE A CG1 1 
ATOM   855  C  CG2 . ILE A 1 113 ? -1.207  3.662   7.391   1.00 9.53   ? 113 ILE A CG2 1 
ATOM   856  C  CD1 . ILE A 1 113 ? 1.672   2.817   8.063   1.00 13.52  ? 113 ILE A CD1 1 
ATOM   857  N  N   . LEU A 1 114 ? -2.586  4.226   4.544   1.00 7.91   ? 114 LEU A N   1 
ATOM   858  C  CA  . LEU A 1 114 ? -4.050  4.423   4.658   1.00 8.11   ? 114 LEU A CA  1 
ATOM   859  C  C   . LEU A 1 114 ? -4.511  3.597   5.860   1.00 8.24   ? 114 LEU A C   1 
ATOM   860  O  O   . LEU A 1 114 ? -4.186  2.390   5.914   1.00 8.66   ? 114 LEU A O   1 
ATOM   861  C  CB  . LEU A 1 114 ? -4.717  3.943   3.373   1.00 8.29   ? 114 LEU A CB  1 
ATOM   862  C  CG  . LEU A 1 114 ? -6.240  3.935   3.408   1.00 8.25   ? 114 LEU A CG  1 
ATOM   863  C  CD1 . LEU A 1 114 ? -6.825  5.343   3.520   1.00 8.79   ? 114 LEU A CD1 1 
ATOM   864  C  CD2 . LEU A 1 114 ? -6.784  3.251   2.160   1.00 8.49   ? 114 LEU A CD2 1 
ATOM   865  N  N   . ARG A 1 115 ? -5.230  4.214   6.781   1.00 8.37   ? 115 ARG A N   1 
ATOM   866  C  CA  . ARG A 1 115 ? -5.721  3.548   7.999   1.00 8.18   ? 115 ARG A CA  1 
ATOM   867  C  C   . ARG A 1 115 ? -7.189  3.827   8.190   1.00 8.83   ? 115 ARG A C   1 
ATOM   868  O  O   . ARG A 1 115 ? -7.671  4.915   7.834   1.00 9.09   ? 115 ARG A O   1 
ATOM   869  C  CB  . ARG A 1 115 ? -4.920  3.956   9.213   1.00 9.45   ? 115 ARG A CB  1 
ATOM   870  C  CG  . ARG A 1 115 ? -5.045  5.425   9.557   1.00 10.20  ? 115 ARG A CG  1 
ATOM   871  C  CD  . ARG A 1 115 ? -4.187  5.934   10.685  1.00 12.40  ? 115 ARG A CD  1 
ATOM   872  N  NE  . ARG A 1 115 ? -2.780  5.970   10.315  1.00 15.95  ? 115 ARG A NE  1 
ATOM   873  C  CZ  . ARG A 1 115 ? -1.812  5.237   10.881  1.00 16.83  ? 115 ARG A CZ  1 
ATOM   874  N  NH1 . ARG A 1 115 ? -2.095  4.325   11.799  1.00 21.42  ? 115 ARG A NH1 1 
ATOM   875  N  NH2 . ARG A 1 115 ? -0.552  5.418   10.538  1.00 19.28  ? 115 ARG A NH2 1 
ATOM   876  N  N   . CYS A 1 116 ? -7.884  2.868   8.773   1.00 8.85   ? 116 CYS A N   1 
ATOM   877  C  CA  . CYS A 1 116 ? -9.294  3.001   9.192   1.00 9.37   ? 116 CYS A CA  1 
ATOM   878  C  C   . CYS A 1 116 ? -9.335  2.763   10.694  1.00 9.88   ? 116 CYS A C   1 
ATOM   879  O  O   . CYS A 1 116 ? -8.326  2.549   11.330  1.00 10.35  ? 116 CYS A O   1 
ATOM   880  C  CB  . CYS A 1 116 ? -10.197 2.041   8.412   1.00 9.13   ? 116 CYS A CB  1 
ATOM   881  S  SG  . CYS A 1 116 ? -9.807  0.334   8.817   1.00 9.39   ? 116 CYS A SG  1 
ATOM   882  N  N   . GLN A 1 117 ? -10.563 2.718   11.226  1.00 11.38  ? 117 GLN A N   1 
ATOM   883  C  CA  . GLN A 1 117 ? -10.738 2.414   12.654  1.00 12.18  ? 117 GLN A CA  1 
ATOM   884  C  C   . GLN A 1 117 ? -10.192 1.043   13.018  1.00 11.77  ? 117 GLN A C   1 
ATOM   885  O  O   . GLN A 1 117 ? -9.904  0.834   14.201  1.00 14.15  ? 117 GLN A O   1 
ATOM   886  C  CB  . GLN A 1 117 ? -12.221 2.485   13.026  1.00 13.55  ? 117 GLN A CB  1 
ATOM   887  C  CG  . GLN A 1 117 ? -13.068 1.427   12.341  1.00 15.69  ? 117 GLN A CG  1 
ATOM   888  C  CD  . GLN A 1 117 ? -14.521 1.456   12.748  1.00 19.77  ? 117 GLN A CD  1 
ATOM   889  O  OE1 . GLN A 1 117 ? -15.347 2.015   12.036  1.00 26.22  ? 117 GLN A OE1 1 
ATOM   890  N  NE2 . GLN A 1 117 ? -14.796 0.960   13.940  1.00 21.55  ? 117 GLN A NE2 1 
ATOM   891  N  N   . HIS A 1 118 ? -9.974  0.135   12.083  1.00 10.82  ? 118 HIS A N   1 
ATOM   892  C  CA  . HIS A 1 118 ? -9.488  -1.217  12.421  1.00 10.71  ? 118 HIS A CA  1 
ATOM   893  C  C   . HIS A 1 118 ? -7.968  -1.346  12.279  1.00 11.92  ? 118 HIS A C   1 
ATOM   894  O  O   . HIS A 1 118 ? -7.428  -2.437  12.624  1.00 13.66  ? 118 HIS A O   1 
ATOM   895  C  CB  . HIS A 1 118 ? -10.159 -2.240  11.526  1.00 10.50  ? 118 HIS A CB  1 
ATOM   896  C  CG  . HIS A 1 118 ? -11.631 -2.178  11.619  1.00 10.41  ? 118 HIS A CG  1 
ATOM   897  N  ND1 . HIS A 1 118 ? -12.377 -1.582  10.633  1.00 10.56  ? 118 HIS A ND1 1 
ATOM   898  C  CD2 . HIS A 1 118 ? -12.493 -2.662  12.553  1.00 11.64  ? 118 HIS A CD2 1 
ATOM   899  C  CE1 . HIS A 1 118 ? -13.674 -1.661  10.990  1.00 10.16  ? 118 HIS A CE1 1 
ATOM   900  N  NE2 . HIS A 1 118 ? -13.743 -2.321  12.141  1.00 12.95  ? 118 HIS A NE2 1 
ATOM   901  N  N   . GLY A 1 119 ? -7.252  -0.343  11.770  1.00 10.83  ? 119 GLY A N   1 
ATOM   902  C  CA  . GLY A 1 119 ? -5.809  -0.417  11.588  1.00 10.52  ? 119 GLY A CA  1 
ATOM   903  C  C   . GLY A 1 119 ? -5.413  -0.086  10.162  1.00 9.51   ? 119 GLY A C   1 
ATOM   904  O  O   . GLY A 1 119 ? -6.078  0.684   9.498   1.00 9.41   ? 119 GLY A O   1 
ATOM   905  N  N   . VAL A 1 120 ? -4.304  -0.620  9.726   1.00 9.13   ? 120 VAL A N   1 
ATOM   906  C  CA  . VAL A 1 120 ? -3.702  -0.256  8.433   1.00 8.89   ? 120 VAL A CA  1 
ATOM   907  C  C   . VAL A 1 120 ? -4.475  -0.985  7.338   1.00 9.25   ? 120 VAL A C   1 
ATOM   908  O  O   . VAL A 1 120 ? -4.581  -2.254  7.355   1.00 9.67   ? 120 VAL A O   1 
ATOM   909  C  CB  . VAL A 1 120 ? -2.209  -0.611  8.412   1.00 10.03  ? 120 VAL A CB  1 
ATOM   910  C  CG1 . VAL A 1 120 ? -1.629  -0.441  7.041   1.00 11.28  ? 120 VAL A CG1 1 
ATOM   911  C  CG2 . VAL A 1 120 ? -1.446  0.159   9.447   1.00 11.02  ? 120 VAL A CG2 1 
ATOM   912  N  N   . VAL A 1 121 ? -4.886  -0.241  6.347   1.00 8.42   ? 121 VAL A N   1 
ATOM   913  C  CA  . VAL A 1 121 ? -5.667  -0.780  5.202   1.00 9.13   ? 121 VAL A CA  1 
ATOM   914  C  C   . VAL A 1 121 ? -4.750  -1.083  4.023   1.00 8.46   ? 121 VAL A C   1 
ATOM   915  O  O   . VAL A 1 121 ? -4.949  -2.081  3.291   1.00 9.21   ? 121 VAL A O   1 
ATOM   916  C  CB  . VAL A 1 121 ? -6.700  0.278   4.808   1.00 9.03   ? 121 VAL A CB  1 
ATOM   917  C  CG1 . VAL A 1 121 ? -7.455  -0.115  3.538   1.00 9.70   ? 121 VAL A CG1 1 
ATOM   918  C  CG2 . VAL A 1 121 ? -7.667  0.536   5.954   1.00 10.35  ? 121 VAL A CG2 1 
ATOM   919  N  N   . GLY A 1 122 ? -3.755  -0.226  3.778   1.00 9.23   ? 122 GLY A N   1 
ATOM   920  C  CA  . GLY A 1 122 ? -2.874  -0.329  2.617   1.00 9.53   ? 122 GLY A CA  1 
ATOM   921  C  C   . GLY A 1 122 ? -1.889  0.780   2.571   1.00 8.56   ? 122 GLY A C   1 
ATOM   922  O  O   . GLY A 1 122 ? -1.768  1.557   3.532   1.00 8.81   ? 122 GLY A O   1 
ATOM   923  N  N   . ILE A 1 123 ? -1.181  0.845   1.464   1.00 8.36   ? 123 ILE A N   1 
ATOM   924  C  CA  . ILE A 1 123 ? -0.151  1.901   1.250   1.00 8.18   ? 123 ILE A CA  1 
ATOM   925  C  C   . ILE A 1 123 ? -0.386  2.580   -0.102  1.00 8.05   ? 123 ILE A C   1 
ATOM   926  O  O   . ILE A 1 123 ? -0.843  1.940   -1.060  1.00 8.02   ? 123 ILE A O   1 
ATOM   927  C  CB  . ILE A 1 123 ? 1.294   1.347   1.342   1.00 8.57   ? 123 ILE A CB  1 
ATOM   928  C  CG1 . ILE A 1 123 ? 1.527   0.109   0.468   1.00 9.31   ? 123 ILE A CG1 1 
ATOM   929  C  CG2 . ILE A 1 123 ? 1.644   1.096   2.780   1.00 9.58   ? 123 ILE A CG2 1 
ATOM   930  C  CD1 . ILE A 1 123 ? 2.969   -0.329  0.415   1.00 10.02  ? 123 ILE A CD1 1 
ATOM   931  N  N   . VAL A 1 124 ? -0.042  3.839   -0.170  1.00 7.65   ? 124 VAL A N   1 
ATOM   932  C  CA  . VAL A 1 124 ? -0.080  4.596   -1.436  1.00 8.14   ? 124 VAL A CA  1 
ATOM   933  C  C   . VAL A 1 124 ? 0.732   3.849   -2.463  1.00 8.28   ? 124 VAL A C   1 
ATOM   934  O  O   . VAL A 1 124 ? 1.897   3.461   -2.214  1.00 8.06   ? 124 VAL A O   1 
ATOM   935  C  CB  . VAL A 1 124 ? 0.431   6.021   -1.263  1.00 8.15   ? 124 VAL A CB  1 
ATOM   936  C  CG1 . VAL A 1 124 ? 0.480   6.711   -2.614  1.00 7.78   ? 124 VAL A CG1 1 
ATOM   937  C  CG2 . VAL A 1 124 ? -0.422  6.826   -0.309  1.00 7.70   ? 124 VAL A CG2 1 
ATOM   938  N  N   . SER A 1 125 ? 0.146   3.670   -3.648  1.00 8.50   ? 125 SER A N   1 
ATOM   939  C  CA  . SER A 1 125 ? 0.773   2.990   -4.779  1.00 9.33   ? 125 SER A CA  1 
ATOM   940  C  C   . SER A 1 125 ? 0.608   3.703   -6.112  1.00 9.32   ? 125 SER A C   1 
ATOM   941  O  O   . SER A 1 125 ? 1.484   3.499   -6.979  1.00 10.12  ? 125 SER A O   1 
ATOM   942  C  CB  . SER A 1 125 ? 0.233   1.581   -4.868  1.00 9.91   ? 125 SER A CB  1 
ATOM   943  O  OG  . SER A 1 125 ? 0.801   0.852   -5.961  1.00 11.70  ? 125 SER A OG  1 
ATOM   944  N  N   . THR A 1 126 ? -0.436  4.529   -6.296  1.00 9.36   ? 126 THR A N   1 
ATOM   945  C  CA  . THR A 1 126 ? -0.638  5.201   -7.596  1.00 9.37   ? 126 THR A CA  1 
ATOM   946  C  C   . THR A 1 126 ? -1.029  6.648   -7.339  1.00 9.23   ? 126 THR A C   1 
ATOM   947  O  O   . THR A 1 126 ? -1.445  7.010   -6.196  1.00 9.26   ? 126 THR A O   1 
ATOM   948  C  CB  . THR A 1 126 ? -1.713  4.543   -8.490  1.00 10.06  ? 126 THR A CB  1 
ATOM   949  O  OG1 . THR A 1 126 ? -3.009  4.825   -7.976  1.00 10.07  ? 126 THR A OG1 1 
ATOM   950  C  CG2 . THR A 1 126 ? -1.492  3.053   -8.613  1.00 10.17  ? 126 THR A CG2 1 
ATOM   951  N  N   . GLY A 1 127 ? -0.922  7.467   -8.375  1.00 9.80   ? 127 GLY A N   1 
ATOM   952  C  CA  . GLY A 1 127 ? -1.344  8.851   -8.305  1.00 10.70  ? 127 GLY A CA  1 
ATOM   953  C  C   . GLY A 1 127 ? -1.603  9.392   -9.672  1.00 12.12  ? 127 GLY A C   1 
ATOM   954  O  O   . GLY A 1 127 ? -1.726  8.646   -10.634 1.00 15.14  ? 127 GLY A O   1 
ATOM   955  N  N   . GLY A 1 128 ? -1.793  10.699  -9.748  1.00 13.71  ? 128 GLY A N   1 
ATOM   956  C  CA  . GLY A 1 128 ? -2.120  11.403  -11.007 1.00 15.16  ? 128 GLY A CA  1 
ATOM   957  C  C   . GLY A 1 128 ? -3.612  11.614  -11.209 1.00 15.09  ? 128 GLY A C   1 
ATOM   958  O  O   . GLY A 1 128 ? -4.462  10.953  -10.645 1.00 14.96  ? 128 GLY A O   1 
ATOM   959  N  N   . ASN A 1 129 ? -3.947  12.630  -12.013 1.00 16.74  ? 129 ASN A N   1 
ATOM   960  C  CA  . ASN A 1 129 ? -5.351  12.944  -12.393 1.00 15.64  ? 129 ASN A CA  1 
ATOM   961  C  C   . ASN A 1 129 ? -6.215  13.095  -11.148 1.00 12.62  ? 129 ASN A C   1 
ATOM   962  O  O   . ASN A 1 129 ? -7.426  12.804  -11.198 1.00 13.55  ? 129 ASN A O   1 
ATOM   963  C  CB  . ASN A 1 129 ? -5.940  11.934  -13.373 1.00 16.93  ? 129 ASN A CB  1 
ATOM   964  C  CG  . ASN A 1 129 ? -5.665  12.258  -14.829 1.00 18.35  ? 129 ASN A CG  1 
ATOM   965  O  OD1 . ASN A 1 129 ? -5.468  13.412  -15.202 1.00 18.66  ? 129 ASN A OD1 1 
ATOM   966  N  ND2 . ASN A 1 129 ? -5.723  11.231  -15.654 1.00 20.38  ? 129 ASN A ND2 1 
ATOM   967  N  N   . GLY A 1 130 ? -5.631  13.671  -10.093 1.00 12.31  ? 130 GLY A N   1 
ATOM   968  C  CA  . GLY A 1 130 ? -6.383  14.024  -8.883  1.00 11.38  ? 130 GLY A CA  1 
ATOM   969  C  C   . GLY A 1 130 ? -6.837  12.835  -8.052  1.00 10.21  ? 130 GLY A C   1 
ATOM   970  O  O   . GLY A 1 130 ? -7.655  13.038  -7.192  1.00 9.55   ? 130 GLY A O   1 
ATOM   971  N  N   . LEU A 1 131 ? -6.341  11.635  -8.330  1.00 10.14  ? 131 LEU A N   1 
ATOM   972  C  CA  . LEU A 1 131 ? -6.636  10.455  -7.509  1.00 9.98   ? 131 LEU A CA  1 
ATOM   973  C  C   . LEU A 1 131 ? -5.369  9.996   -6.796  1.00 9.24   ? 131 LEU A C   1 
ATOM   974  O  O   . LEU A 1 131 ? -4.232  10.207  -7.253  1.00 10.97  ? 131 LEU A O   1 
ATOM   975  C  CB  . LEU A 1 131 ? -7.201  9.312   -8.336  1.00 10.96  ? 131 LEU A CB  1 
ATOM   976  C  CG  . LEU A 1 131 ? -8.455  9.574   -9.171  1.00 12.10  ? 131 LEU A CG  1 
ATOM   977  C  CD1 . LEU A 1 131 ? -8.953  8.238   -9.766  1.00 13.23  ? 131 LEU A CD1 1 
ATOM   978  C  CD2 . LEU A 1 131 ? -9.548  10.241  -8.369  1.00 12.11  ? 131 LEU A CD2 1 
ATOM   979  N  N   . VAL A 1 132 ? -5.602  9.288   -5.707  1.00 8.88   ? 132 VAL A N   1 
ATOM   980  C  CA  . VAL A 1 132 ? -4.565  8.513   -4.995  1.00 8.76   ? 132 VAL A CA  1 
ATOM   981  C  C   . VAL A 1 132 ? -5.039  7.084   -4.963  1.00 8.85   ? 132 VAL A C   1 
ATOM   982  O  O   . VAL A 1 132 ? -6.218  6.805   -4.639  1.00 9.16   ? 132 VAL A O   1 
ATOM   983  C  CB  . VAL A 1 132 ? -4.294  9.104   -3.619  1.00 9.57   ? 132 VAL A CB  1 
ATOM   984  C  CG1 . VAL A 1 132 ? -5.524  9.332   -2.772  1.00 10.74  ? 132 VAL A CG1 1 
ATOM   985  C  CG2 . VAL A 1 132 ? -3.265  8.278   -2.884  1.00 10.16  ? 132 VAL A CG2 1 
ATOM   986  N  N   . GLY A 1 133 ? -4.179  6.165   -5.341  1.00 8.56   ? 133 GLY A N   1 
ATOM   987  C  CA  . GLY A 1 133 ? -4.446  4.733   -5.346  1.00 8.47   ? 133 GLY A CA  1 
ATOM   988  C  C   . GLY A 1 133 ? -3.674  4.052   -4.252  1.00 8.00   ? 133 GLY A C   1 
ATOM   989  O  O   . GLY A 1 133 ? -2.511  4.389   -4.027  1.00 9.23   ? 133 GLY A O   1 
ATOM   990  N  N   . PHE A 1 134 ? -4.286  3.104   -3.563  1.00 8.41   ? 134 PHE A N   1 
ATOM   991  C  CA  . PHE A 1 134 ? -3.709  2.390   -2.413  1.00 8.29   ? 134 PHE A CA  1 
ATOM   992  C  C   . PHE A 1 134 ? -3.718  0.902   -2.698  1.00 8.33   ? 134 PHE A C   1 
ATOM   993  O  O   . PHE A 1 134 ? -4.760  0.332   -3.131  1.00 8.91   ? 134 PHE A O   1 
ATOM   994  C  CB  . PHE A 1 134 ? -4.517  2.598   -1.144  1.00 8.16   ? 134 PHE A CB  1 
ATOM   995  C  CG  . PHE A 1 134 ? -4.782  4.041   -0.831  1.00 8.25   ? 134 PHE A CG  1 
ATOM   996  C  CD1 . PHE A 1 134 ? -3.827  4.810   -0.181  1.00 8.23   ? 134 PHE A CD1 1 
ATOM   997  C  CD2 . PHE A 1 134 ? -5.967  4.652   -1.214  1.00 9.51   ? 134 PHE A CD2 1 
ATOM   998  C  CE1 . PHE A 1 134 ? -4.078  6.129   0.125   1.00 9.13   ? 134 PHE A CE1 1 
ATOM   999  C  CE2 . PHE A 1 134 ? -6.200  5.986   -0.883  1.00 9.27   ? 134 PHE A CE2 1 
ATOM   1000 C  CZ  . PHE A 1 134 ? -5.251  6.717   -0.209  1.00 8.89   ? 134 PHE A CZ  1 
ATOM   1001 N  N   . ALA A 1 135 ? -2.580  0.256   -2.475  1.00 8.23   ? 135 ALA A N   1 
ATOM   1002 C  CA  . ALA A 1 135 ? -2.477  -1.225  -2.541  1.00 8.22   ? 135 ALA A CA  1 
ATOM   1003 C  C   . ALA A 1 135 ? -3.065  -1.779  -1.248  1.00 8.44   ? 135 ALA A C   1 
ATOM   1004 O  O   . ALA A 1 135 ? -2.526  -1.525  -0.179  1.00 8.47   ? 135 ALA A O   1 
ATOM   1005 C  CB  . ALA A 1 135 ? -1.036  -1.592  -2.736  1.00 8.28   ? 135 ALA A CB  1 
ATOM   1006 N  N   . ASP A 1 136 ? -4.152  -2.542  -1.355  1.00 8.24   ? 136 ASP A N   1 
ATOM   1007 C  CA  . ASP A 1 136 ? -4.787  -3.149  -0.186  1.00 8.71   ? 136 ASP A CA  1 
ATOM   1008 C  C   . ASP A 1 136 ? -3.880  -4.221  0.410   1.00 8.24   ? 136 ASP A C   1 
ATOM   1009 O  O   . ASP A 1 136 ? -3.182  -4.952  -0.341  1.00 9.41   ? 136 ASP A O   1 
ATOM   1010 C  CB  . ASP A 1 136 ? -6.111  -3.788  -0.598  1.00 8.84   ? 136 ASP A CB  1 
ATOM   1011 C  CG  . ASP A 1 136 ? -6.897  -4.371  0.551   1.00 9.47   ? 136 ASP A CG  1 
ATOM   1012 O  OD1 . ASP A 1 136 ? -7.133  -3.646  1.516   1.00 10.93  ? 136 ASP A OD1 1 
ATOM   1013 O  OD2 . ASP A 1 136 ? -7.165  -5.591  0.512   1.00 11.12  ? 136 ASP A OD2 1 
ATOM   1014 N  N   . VAL A 1 137 ? -3.916  -4.353  1.722   1.00 8.01   ? 137 VAL A N   1 
ATOM   1015 C  CA  . VAL A 1 137 ? -3.255  -5.507  2.391   1.00 8.92   ? 137 VAL A CA  1 
ATOM   1016 C  C   . VAL A 1 137 ? -4.213  -6.262  3.302   1.00 9.27   ? 137 VAL A C   1 
ATOM   1017 O  O   . VAL A 1 137 ? -3.782  -7.196  3.972   1.00 9.02   ? 137 VAL A O   1 
ATOM   1018 C  CB  . VAL A 1 137 ? -2.037  -5.041  3.191   1.00 9.08   ? 137 VAL A CB  1 
ATOM   1019 C  CG1 . VAL A 1 137 ? -1.011  -4.402  2.260   1.00 9.45   ? 137 VAL A CG1 1 
ATOM   1020 C  CG2 . VAL A 1 137 ? -2.360  -4.106  4.306   1.00 9.61   ? 137 VAL A CG2 1 
ATOM   1021 N  N   . ARG A 1 138 ? -5.478  -5.886  3.360   1.00 9.08   ? 138 ARG A N   1 
ATOM   1022 C  CA  . ARG A 1 138 ? -6.393  -6.445  4.360   1.00 9.33   ? 138 ARG A CA  1 
ATOM   1023 C  C   . ARG A 1 138 ? -6.706  -7.902  4.030   1.00 9.75   ? 138 ARG A C   1 
ATOM   1024 O  O   . ARG A 1 138 ? -7.163  -8.625  4.961   1.00 10.47  ? 138 ARG A O   1 
ATOM   1025 C  CB  . ARG A 1 138 ? -7.702  -5.667  4.410   1.00 8.89   ? 138 ARG A CB  1 
ATOM   1026 C  CG  . ARG A 1 138 ? -7.531  -4.252  4.930   1.00 8.96   ? 138 ARG A CG  1 
ATOM   1027 C  CD  . ARG A 1 138 ? -8.828  -3.485  4.886   1.00 8.90   ? 138 ARG A CD  1 
ATOM   1028 N  NE  . ARG A 1 138 ? -9.170  -3.253  3.495   1.00 8.95   ? 138 ARG A NE  1 
ATOM   1029 C  CZ  . ARG A 1 138 ? -10.188 -2.535  3.103   1.00 8.71   ? 138 ARG A CZ  1 
ATOM   1030 N  NH1 . ARG A 1 138 ? -11.108 -2.131  3.971   1.00 8.73   ? 138 ARG A NH1 1 
ATOM   1031 N  NH2 . ARG A 1 138 ? -10.297 -2.242  1.827   1.00 9.11   ? 138 ARG A NH2 1 
ATOM   1032 N  N   . ASP A 1 139 ? -6.528  -8.329  2.809   1.00 9.42   ? 139 ASP A N   1 
ATOM   1033 C  CA  . ASP A 1 139 ? -6.784  -9.746  2.497   1.00 10.00  ? 139 ASP A CA  1 
ATOM   1034 C  C   . ASP A 1 139 ? -5.587  -10.637 2.868   1.00 10.51  ? 139 ASP A C   1 
ATOM   1035 O  O   . ASP A 1 139 ? -5.740  -11.893 2.807   1.00 12.42  ? 139 ASP A O   1 
ATOM   1036 C  CB  . ASP A 1 139 ? -7.040  -9.906  1.010   1.00 11.35  ? 139 ASP A CB  1 
ATOM   1037 C  CG  . ASP A 1 139 ? -5.848  -9.539  0.124   1.00 13.13  ? 139 ASP A CG  1 
ATOM   1038 O  OD1 . ASP A 1 139 ? -5.167  -8.542  0.453   1.00 12.43  ? 139 ASP A OD1 1 
ATOM   1039 O  OD2 . ASP A 1 139 ? -5.577  -10.285 -0.848  1.00 14.39  ? 139 ASP A OD2 1 
ATOM   1040 N  N   . LEU A 1 140 ? -4.436  -10.090 3.257   1.00 10.43  ? 140 LEU A N   1 
ATOM   1041 C  CA  . LEU A 1 140 ? -3.209  -10.893 3.495   1.00 10.55  ? 140 LEU A CA  1 
ATOM   1042 C  C   . LEU A 1 140 ? -3.243  -11.327 4.938   1.00 10.36  ? 140 LEU A C   1 
ATOM   1043 O  O   . LEU A 1 140 ? -2.558  -10.781 5.803   1.00 10.70  ? 140 LEU A O   1 
ATOM   1044 C  CB  . LEU A 1 140 ? -1.973  -10.065 3.152   1.00 10.37  ? 140 LEU A CB  1 
ATOM   1045 C  CG  . LEU A 1 140 ? -1.897  -9.581  1.718   1.00 11.49  ? 140 LEU A CG  1 
ATOM   1046 C  CD1 . LEU A 1 140 ? -0.695  -8.672  1.518   1.00 12.02  ? 140 LEU A CD1 1 
ATOM   1047 C  CD2 . LEU A 1 140 ? -1.908  -10.706 0.710   1.00 12.76  ? 140 LEU A CD2 1 
ATOM   1048 N  N   . LEU A 1 141 ? -4.078  -12.344 5.217   1.00 10.83  ? 141 LEU A N   1 
ATOM   1049 C  CA  . LEU A 1 141 ? -4.309  -12.707 6.626   1.00 11.78  ? 141 LEU A CA  1 
ATOM   1050 C  C   . LEU A 1 141 ? -3.051  -13.270 7.276   1.00 11.68  ? 141 LEU A C   1 
ATOM   1051 O  O   . LEU A 1 141 ? -2.854  -13.093 8.466   1.00 13.73  ? 141 LEU A O   1 
ATOM   1052 C  CB  . LEU A 1 141 ? -5.453  -13.715 6.764   1.00 12.52  ? 141 LEU A CB  1 
ATOM   1053 C  CG  . LEU A 1 141 ? -6.776  -13.350 6.074   1.00 14.44  ? 141 LEU A CG  1 
ATOM   1054 C  CD1 . LEU A 1 141 ? -7.829  -14.338 6.514   1.00 15.49  ? 141 LEU A CD1 1 
ATOM   1055 C  CD2 . LEU A 1 141 ? -7.262  -11.947 6.314   1.00 14.06  ? 141 LEU A CD2 1 
ATOM   1056 N  N   . TRP A 1 142 ? -2.192  -13.872 6.439   1.00 12.28  ? 142 TRP A N   1 
ATOM   1057 C  CA  . TRP A 1 142 ? -0.944  -14.502 6.912   1.00 12.20  ? 142 TRP A CA  1 
ATOM   1058 C  C   . TRP A 1 142 ? -0.013  -13.455 7.497   1.00 12.83  ? 142 TRP A C   1 
ATOM   1059 O  O   . TRP A 1 142 ? 0.909   -13.861 8.243   1.00 15.46  ? 142 TRP A O   1 
ATOM   1060 C  CB  . TRP A 1 142 ? -0.310  -15.302 5.795   1.00 12.58  ? 142 TRP A CB  1 
ATOM   1061 C  CG  . TRP A 1 142 ? -0.012  -14.529 4.562   1.00 12.70  ? 142 TRP A CG  1 
ATOM   1062 C  CD1 . TRP A 1 142 ? -0.774  -14.490 3.448   1.00 13.73  ? 142 TRP A CD1 1 
ATOM   1063 C  CD2 . TRP A 1 142 ? 1.129   -13.687 4.333   1.00 13.52  ? 142 TRP A CD2 1 
ATOM   1064 N  NE1 . TRP A 1 142 ? -0.191  -13.695 2.504   1.00 14.52  ? 142 TRP A NE1 1 
ATOM   1065 C  CE2 . TRP A 1 142 ? 0.964   -13.201 3.024   1.00 13.10  ? 142 TRP A CE2 1 
ATOM   1066 C  CE3 . TRP A 1 142 ? 2.286   -13.405 5.050   1.00 14.08  ? 142 TRP A CE3 1 
ATOM   1067 C  CZ2 . TRP A 1 142 ? 1.945   -12.416 2.425   1.00 15.36  ? 142 TRP A CZ2 1 
ATOM   1068 C  CZ3 . TRP A 1 142 ? 3.226   -12.575 4.473   1.00 14.86  ? 142 TRP A CZ3 1 
ATOM   1069 C  CH2 . TRP A 1 142 ? 3.028   -12.070 3.184   1.00 14.48  ? 142 TRP A CH2 1 
ATOM   1070 N  N   . LEU A 1 143 ? -0.170  -12.158 7.219   1.00 12.80  ? 143 LEU A N   1 
ATOM   1071 C  CA  . LEU A 1 143 ? 0.691   -11.124 7.820   1.00 14.33  ? 143 LEU A CA  1 
ATOM   1072 C  C   . LEU A 1 143 ? 0.574   -11.167 9.354   1.00 17.59  ? 143 LEU A C   1 
ATOM   1073 O  O   . LEU A 1 143 ? 1.514   -10.666 9.999   1.00 19.08  ? 143 LEU A O   1 
ATOM   1074 C  CB  . LEU A 1 143 ? 0.311   -9.742  7.326   1.00 13.99  ? 143 LEU A CB  1 
ATOM   1075 C  CG  . LEU A 1 143 ? 0.696   -9.377  5.907   1.00 12.83  ? 143 LEU A CG  1 
ATOM   1076 C  CD1 . LEU A 1 143 ? 0.106   -8.041  5.513   1.00 13.80  ? 143 LEU A CD1 1 
ATOM   1077 C  CD2 . LEU A 1 143 ? 2.213   -9.312  5.717   1.00 13.94  ? 143 LEU A CD2 1 
ATOM   1078 N  N   . ASP A 1 144 ? -0.565  -11.653 9.904   1.00 20.82  ? 144 ASP A N   1 
ATOM   1079 C  CA  . ASP A 1 144 ? -0.897  -11.634 11.363  1.00 25.69  ? 144 ASP A CA  1 
ATOM   1080 C  C   . ASP A 1 144 ? -0.397  -12.874 12.103  1.00 30.22  ? 144 ASP A C   1 
ATOM   1081 O  O   . ASP A 1 144 ? -0.683  -12.947 13.322  1.00 33.45  ? 144 ASP A O   1 
ATOM   1082 C  CB  . ASP A 1 144 ? -2.404  -11.592 11.651  1.00 26.16  ? 144 ASP A CB  1 
ATOM   1083 C  CG  . ASP A 1 144 ? -3.193  -10.411 11.100  1.00 21.35  ? 144 ASP A CG  1 
ATOM   1084 O  OD1 . ASP A 1 144 ? -2.553  -9.391  10.760  1.00 30.96  ? 144 ASP A OD1 1 
ATOM   1085 O  OD2 . ASP A 1 144 ? -4.430  -10.533 10.914  1.00 27.62  ? 144 ASP A OD2 1 
ATOM   1086 N  N   . GLU A 1 145 ? 0.314   -13.801 11.450  1.00 36.96  ? 145 GLU A N   1 
ATOM   1087 C  CA  . GLU A 1 145 ? 0.834   -15.036 12.106  1.00 45.24  ? 145 GLU A CA  1 
ATOM   1088 C  C   . GLU A 1 145 ? 2.198   -15.448 11.535  1.00 48.74  ? 145 GLU A C   1 
ATOM   1089 O  O   . GLU A 1 145 ? 2.590   -14.937 10.463  1.00 49.81  ? 145 GLU A O   1 
ATOM   1090 C  CB  . GLU A 1 145 ? -0.186  -16.160 11.938  1.00 49.51  ? 145 GLU A CB  1 
ATOM   1091 C  CG  . GLU A 1 145 ? -0.441  -16.544 10.486  1.00 50.06  ? 145 GLU A CG  1 
ATOM   1092 C  CD  . GLU A 1 145 ? -1.890  -16.862 10.149  1.00 55.04  ? 145 GLU A CD  1 
ATOM   1093 O  OE1 . GLU A 1 145 ? -2.192  -17.114 8.957   1.00 59.33  ? 145 GLU A OE1 1 
ATOM   1094 O  OE2 . GLU A 1 145 ? -2.722  -16.851 11.074  1.00 63.21  ? 145 GLU A OE2 1 
ATOM   1095 N  N   . GLU A 1 146 ? 2.888   -16.345 12.250  1.00 60.62  ? 146 GLU A N   1 
ATOM   1096 C  CA  . GLU A 1 146 ? 4.124   -17.050 11.804  1.00 64.13  ? 146 GLU A CA  1 
ATOM   1097 C  C   . GLU A 1 146 ? 5.074   -16.040 11.145  1.00 64.60  ? 146 GLU A C   1 
ATOM   1098 O  O   . GLU A 1 146 ? 6.297   -16.131 11.268  1.00 60.42  ? 146 GLU A O   1 
ATOM   1099 C  CB  . GLU A 1 146 ? 3.723   -18.218 10.897  1.00 65.91  ? 146 GLU A CB  1 
ATOM   1100 C  CG  . GLU A 1 146 ? 4.637   -18.455 9.703   1.00 71.03  ? 146 GLU A CG  1 
ATOM   1101 C  CD  . GLU A 1 146 ? 6.053   -18.915 10.010  1.00 73.95  ? 146 GLU A CD  1 
ATOM   1102 O  OE1 . GLU A 1 146 ? 6.930   -18.716 9.147   1.00 72.20  ? 146 GLU A OE1 1 
ATOM   1103 O  OE2 . GLU A 1 146 ? 6.279   -19.477 11.101  1.00 75.05  ? 146 GLU A OE2 1 
HETATM 1104 C  C10 . WNM B 2 .   ? -8.890  -9.235  -6.476  0.63 13.41  ? 201 WNM A C10 1 
HETATM 1105 C  C13 . WNM B 2 .   ? -8.641  -11.909 -5.877  0.63 15.29  ? 201 WNM A C13 1 
HETATM 1106 C  C15 . WNM B 2 .   ? -9.404  -9.720  -5.286  0.63 14.50  ? 201 WNM A C15 1 
HETATM 1107 C  C02 . WNM B 2 .   ? -12.902 -7.934  -7.800  0.63 14.66  ? 201 WNM A C02 1 
HETATM 1108 C  C03 . WNM B 2 .   ? -12.154 -8.678  -8.904  0.63 14.68  ? 201 WNM A C03 1 
HETATM 1109 C  C04 . WNM B 2 .   ? -10.803 -7.972  -8.963  0.63 13.72  ? 201 WNM A C04 1 
HETATM 1110 C  C06 . WNM B 2 .   ? -11.806 -7.650  -6.766  0.63 13.44  ? 201 WNM A C06 1 
HETATM 1111 C  C11 . WNM B 2 .   ? -8.237  -10.077 -7.361  0.63 14.98  ? 201 WNM A C11 1 
HETATM 1112 C  C12 . WNM B 2 .   ? -8.128  -11.423 -7.048  0.63 15.36  ? 201 WNM A C12 1 
HETATM 1113 C  C14 . WNM B 2 .   ? -9.277  -11.069 -4.999  0.63 15.14  ? 201 WNM A C14 1 
HETATM 1114 N  N01 . WNM B 2 .   ? -13.578 -6.681  -8.165  0.63 15.95  ? 201 WNM A N01 1 
HETATM 1115 N  N05 . WNM B 2 .   ? -10.600 -7.440  -7.595  0.63 13.21  ? 201 WNM A N05 1 
HETATM 1116 O  O08 . WNM B 2 .   ? -8.176  -7.179  -7.904  0.63 13.04  ? 201 WNM A O08 1 
HETATM 1117 O  O09 . WNM B 2 .   ? -9.184  -6.775  -5.698  0.63 12.83  ? 201 WNM A O09 1 
HETATM 1118 S  S07 . WNM B 2 .   ? -9.129  -7.539  -6.900  0.63 11.99  ? 201 WNM A S07 1 
HETATM 1119 C  C10 . WNM C 2 .   ? 11.208  2.538   -15.858 0.42 24.81  ? 202 WNM A C10 1 
HETATM 1120 C  C13 . WNM C 2 .   ? 13.840  2.682   -16.679 0.42 26.27  ? 202 WNM A C13 1 
HETATM 1121 C  C15 . WNM C 2 .   ? 11.933  3.700   -15.641 0.42 24.95  ? 202 WNM A C15 1 
HETATM 1122 C  C02 . WNM C 2 .   ? 6.950   4.404   -17.740 0.42 24.01  ? 202 WNM A C02 1 
HETATM 1123 C  C03 . WNM C 2 .   ? 7.670   3.479   -18.730 0.42 23.77  ? 202 WNM A C03 1 
HETATM 1124 C  C04 . WNM C 2 .   ? 8.275   2.394   -17.855 0.42 23.27  ? 202 WNM A C04 1 
HETATM 1125 C  C06 . WNM C 2 .   ? 7.807   4.349   -16.470 0.42 23.26  ? 202 WNM A C06 1 
HETATM 1126 C  C11 . WNM C 2 .   ? 11.797  1.438   -16.461 0.42 25.43  ? 202 WNM A C11 1 
HETATM 1127 C  C12 . WNM C 2 .   ? 13.114  1.528   -16.885 0.42 25.87  ? 202 WNM A C12 1 
HETATM 1128 C  C14 . WNM C 2 .   ? 13.254  3.761   -16.057 0.42 26.15  ? 202 WNM A C14 1 
HETATM 1129 N  N01 . WNM C 2 .   ? 6.798   5.789   -18.198 0.42 24.89  ? 202 WNM A N01 1 
HETATM 1130 N  N05 . WNM C 2 .   ? 8.713   3.207   -16.703 0.42 23.88  ? 202 WNM A N05 1 
HETATM 1131 O  O08 . WNM C 2 .   ? 9.298   3.338   -14.316 0.42 23.47  ? 202 WNM A O08 1 
HETATM 1132 O  O09 . WNM C 2 .   ? 9.065   1.135   -15.422 0.42 25.08  ? 202 WNM A O09 1 
HETATM 1133 S  S07 . WNM C 2 .   ? 9.494   2.498   -15.455 0.42 22.51  ? 202 WNM A S07 1 
HETATM 1134 ZN ZN  . ZN  D 3 .   ? -11.790 -0.829  8.818   1.00 9.57   ? 203 ZN  A ZN  1 
HETATM 1135 S  S   . DMS E 4 .   ? -4.938  -0.131  15.337  1.00 29.05  ? 204 DMS A S   1 
HETATM 1136 O  O   . DMS E 4 .   ? -4.266  -0.015  16.712  1.00 34.82  ? 204 DMS A O   1 
HETATM 1137 C  C1  . DMS E 4 .   ? -6.474  0.770   15.463  1.00 27.32  ? 204 DMS A C1  1 
HETATM 1138 C  C2  . DMS E 4 .   ? -4.018  0.972   14.308  1.00 22.12  ? 204 DMS A C2  1 
HETATM 1139 S  S   . DMS F 4 .   ? 2.093   -11.349 -10.000 1.00 30.06  ? 205 DMS A S   1 
HETATM 1140 O  O   . DMS F 4 .   ? 1.973   -10.089 -10.757 1.00 23.79  ? 205 DMS A O   1 
HETATM 1141 C  C1  . DMS F 4 .   ? 0.502   -12.140 -10.058 1.00 31.07  ? 205 DMS A C1  1 
HETATM 1142 C  C2  . DMS F 4 .   ? 2.959   -12.464 -11.083 1.00 28.73  ? 205 DMS A C2  1 
HETATM 1143 S  S   . DMS G 4 .   ? 5.330   10.455  8.994   1.00 66.38  ? 206 DMS A S   1 
HETATM 1144 O  O   . DMS G 4 .   ? 5.167   11.865  9.507   1.00 62.89  ? 206 DMS A O   1 
HETATM 1145 C  C1  . DMS G 4 .   ? 5.774   9.468   10.406  1.00 65.07  ? 206 DMS A C1  1 
HETATM 1146 C  C2  . DMS G 4 .   ? 3.687   9.829   8.778   1.00 62.11  ? 206 DMS A C2  1 
HETATM 1147 S  S   . DMS H 4 .   ? -9.476  16.367  -2.585  1.00 34.56  ? 207 DMS A S   1 
HETATM 1148 O  O   . DMS H 4 .   ? -8.396  16.368  -3.621  1.00 32.65  ? 207 DMS A O   1 
HETATM 1149 C  C1  . DMS H 4 .   ? -8.853  17.287  -1.212  1.00 33.67  ? 207 DMS A C1  1 
HETATM 1150 C  C2  . DMS H 4 .   ? -10.713 17.521  -3.109  1.00 31.09  ? 207 DMS A C2  1 
HETATM 1151 S  S   . SO4 I 5 .   ? -6.193  -1.296  -21.904 1.00 92.73  ? 208 SO4 A S   1 
HETATM 1152 O  O1  . SO4 I 5 .   ? -6.125  -2.558  -21.230 1.00 103.93 ? 208 SO4 A O1  1 
HETATM 1153 O  O2  . SO4 I 5 .   ? -7.204  -1.364  -22.926 1.00 96.24  ? 208 SO4 A O2  1 
HETATM 1154 O  O3  . SO4 I 5 .   ? -6.525  -0.262  -20.960 1.00 97.39  ? 208 SO4 A O3  1 
HETATM 1155 O  O4  . SO4 I 5 .   ? -4.917  -1.017  -22.499 1.00 90.11  ? 208 SO4 A O4  1 
HETATM 1156 O  O   . HOH J 6 .   ? -9.854  -3.134  -20.112 1.00 27.22  ? 301 HOH A O   1 
HETATM 1157 O  O   . HOH J 6 .   ? 7.049   -7.675  20.885  1.00 66.08  ? 302 HOH A O   1 
HETATM 1158 O  O   . HOH J 6 .   ? 2.735   -5.435  14.713  1.00 23.85  ? 303 HOH A O   1 
HETATM 1159 O  O   . HOH J 6 .   ? 7.138   -13.963 10.713  1.00 41.61  ? 304 HOH A O   1 
HETATM 1160 O  O   . HOH J 6 .   ? 1.543   -0.829  -20.995 1.00 35.91  ? 305 HOH A O   1 
HETATM 1161 O  O   . HOH J 6 .   ? -3.029  7.511   -12.293 1.00 13.04  ? 306 HOH A O   1 
HETATM 1162 O  O   . HOH J 6 .   ? 6.848   14.512  -5.071  1.00 23.19  ? 307 HOH A O   1 
HETATM 1163 O  O   . HOH J 6 .   ? 4.628   -16.205 5.989   1.00 46.67  ? 308 HOH A O   1 
HETATM 1164 O  O   . HOH J 6 .   ? 0.058   -5.596  -14.268 1.00 42.81  ? 309 HOH A O   1 
HETATM 1165 O  O   . HOH J 6 .   ? 6.809   -5.269  -12.440 1.00 27.01  ? 310 HOH A O   1 
HETATM 1166 O  O   . HOH J 6 .   ? 7.084   12.863  5.006   1.00 19.92  ? 311 HOH A O   1 
HETATM 1167 O  O   . HOH J 6 .   ? 13.589  -11.895 15.490  1.00 53.03  ? 312 HOH A O   1 
HETATM 1168 O  O   . HOH J 6 .   ? 10.531  2.353   7.161   1.00 34.45  ? 313 HOH A O   1 
HETATM 1169 O  O   . HOH J 6 .   ? 0.896   21.155  2.582   1.00 25.89  ? 314 HOH A O   1 
HETATM 1170 O  O   . HOH J 6 .   ? -2.197  -11.204 -8.046  1.00 40.92  ? 315 HOH A O   1 
HETATM 1171 O  O   . HOH J 6 .   ? -11.028 0.086   -6.761  1.00 14.15  ? 316 HOH A O   1 
HETATM 1172 O  O   . HOH J 6 .   ? -5.896  -11.096 12.927  1.00 25.85  ? 317 HOH A O   1 
HETATM 1173 O  O   . HOH J 6 .   ? -13.185 -6.055  -3.856  1.00 36.11  ? 318 HOH A O   1 
HETATM 1174 O  O   . HOH J 6 .   ? -13.573 -4.097  0.871   1.00 16.22  ? 319 HOH A O   1 
HETATM 1175 O  O   . HOH J 6 .   ? 10.595  7.179   -15.182 1.00 37.65  ? 320 HOH A O   1 
HETATM 1176 O  O   . HOH J 6 .   ? 4.912   1.397   9.551   1.00 18.54  ? 321 HOH A O   1 
HETATM 1177 O  O   . HOH J 6 .   ? 2.496   19.742  7.661   1.00 38.49  ? 322 HOH A O   1 
HETATM 1178 O  O   . HOH J 6 .   ? 7.696   -14.659 -6.082  1.00 26.60  ? 323 HOH A O   1 
HETATM 1179 O  O   . HOH J 6 .   ? 14.912  -4.741  4.295   1.00 25.76  ? 324 HOH A O   1 
HETATM 1180 O  O   . HOH J 6 .   ? -7.512  -7.062  -1.751  1.00 13.41  ? 325 HOH A O   1 
HETATM 1181 O  O   . HOH J 6 .   ? -9.469  14.535  1.709   1.00 22.14  ? 326 HOH A O   1 
HETATM 1182 O  O   . HOH J 6 .   ? 0.880   9.075   -17.660 1.00 28.81  ? 327 HOH A O   1 
HETATM 1183 O  O   . HOH J 6 .   ? -3.616  20.598  1.870   1.00 23.64  ? 328 HOH A O   1 
HETATM 1184 O  O   . HOH J 6 .   ? 12.132  0.819   0.245   1.00 27.13  ? 329 HOH A O   1 
HETATM 1185 O  O   . HOH J 6 .   ? 7.203   1.507   -0.126  1.00 11.69  ? 330 HOH A O   1 
HETATM 1186 O  O   . HOH J 6 .   ? 5.169   14.964  8.065   1.00 51.03  ? 331 HOH A O   1 
HETATM 1187 O  O   . HOH J 6 .   ? 5.606   -12.352 11.907  1.00 34.24  ? 332 HOH A O   1 
HETATM 1188 O  O   . HOH J 6 .   ? -0.270  6.275   -19.781 1.00 17.57  ? 333 HOH A O   1 
HETATM 1189 O  O   . HOH J 6 .   ? 13.403  1.973   -0.923  1.00 24.58  ? 334 HOH A O   1 
HETATM 1190 O  O   . HOH J 6 .   ? 9.962   -4.399  12.411  1.00 22.89  ? 335 HOH A O   1 
HETATM 1191 O  O   . HOH J 6 .   ? -7.974  -3.633  14.967  1.00 27.14  ? 336 HOH A O   1 
HETATM 1192 O  O   . HOH J 6 .   ? 8.993   -11.296 -9.661  1.00 23.27  ? 337 HOH A O   1 
HETATM 1193 O  O   . HOH J 6 .   ? -14.758 -2.168  -6.608  1.00 32.11  ? 338 HOH A O   1 
HETATM 1194 O  O   . HOH J 6 .   ? 5.405   -10.667 -9.296  1.00 18.90  ? 339 HOH A O   1 
HETATM 1195 O  O   . HOH J 6 .   ? 13.211  -1.419  -6.261  1.00 28.03  ? 340 HOH A O   1 
HETATM 1196 O  O   . HOH J 6 .   ? 13.173  -6.702  5.821   1.00 26.53  ? 341 HOH A O   1 
HETATM 1197 O  O   . HOH J 6 .   ? -17.984 -0.369  4.137   1.00 38.98  ? 342 HOH A O   1 
HETATM 1198 O  O   . HOH J 6 .   ? -0.849  -1.373  16.095  1.00 18.73  ? 343 HOH A O   1 
HETATM 1199 O  O   . HOH J 6 .   ? 7.616   14.940  3.174   1.00 23.42  ? 344 HOH A O   1 
HETATM 1200 O  O   . HOH J 6 .   ? -3.454  16.343  -6.990  1.00 26.02  ? 345 HOH A O   1 
HETATM 1201 O  O   . HOH J 6 .   ? -7.794  -11.357 -1.988  1.00 22.08  ? 346 HOH A O   1 
HETATM 1202 O  O   . HOH J 6 .   ? -4.789  -12.878 -0.670  1.00 22.22  ? 347 HOH A O   1 
HETATM 1203 O  O   . HOH J 6 .   ? -7.090  6.592   -17.180 1.00 15.26  ? 348 HOH A O   1 
HETATM 1204 O  O   . HOH J 6 .   ? 5.227   0.107   13.866  1.00 13.90  ? 349 HOH A O   1 
HETATM 1205 O  O   . HOH J 6 .   ? 16.072  -2.304  3.119   1.00 22.61  ? 350 HOH A O   1 
HETATM 1206 O  O   . HOH J 6 .   ? 16.017  -3.322  -5.430  1.00 20.66  ? 351 HOH A O   1 
HETATM 1207 O  O   . HOH J 6 .   ? 15.422  -14.010 -0.925  1.00 20.02  ? 352 HOH A O   1 
HETATM 1208 O  O   . HOH J 6 .   ? -9.480  2.833   15.997  1.00 23.42  ? 353 HOH A O   1 
HETATM 1209 O  O   . HOH J 6 .   ? 2.370   -2.384  -19.399 1.00 27.89  ? 354 HOH A O   1 
HETATM 1210 O  O   . HOH J 6 .   ? 11.112  1.924   -8.960  1.00 33.76  ? 355 HOH A O   1 
HETATM 1211 O  O   . HOH J 6 .   ? -11.870 -5.551  2.391   1.00 11.73  ? 356 HOH A O   1 
HETATM 1212 O  O   . HOH J 6 .   ? -3.140  12.711  -7.314  1.00 14.48  ? 357 HOH A O   1 
HETATM 1213 O  O   . HOH J 6 .   ? 10.976  -6.841  18.545  1.00 23.23  ? 358 HOH A O   1 
HETATM 1214 O  O   . HOH J 6 .   ? -11.153 13.576  -1.044  1.00 19.02  ? 359 HOH A O   1 
HETATM 1215 O  O   . HOH J 6 .   ? -9.631  -6.494  1.295   1.00 11.43  ? 360 HOH A O   1 
HETATM 1216 O  O   . HOH J 6 .   ? -2.338  -2.871  -5.425  1.00 14.44  ? 361 HOH A O   1 
HETATM 1217 O  O   . HOH J 6 .   ? 5.051   8.514   2.971   1.00 17.35  ? 362 HOH A O   1 
HETATM 1218 O  O   . HOH J 6 .   ? 7.658   5.776   -5.921  1.00 14.85  ? 363 HOH A O   1 
HETATM 1219 O  O   . HOH J 6 .   ? 2.891   9.514   1.434   1.00 9.76   ? 364 HOH A O   1 
HETATM 1220 O  O   . HOH J 6 .   ? -12.515 10.021  -2.457  1.00 9.43   ? 365 HOH A O   1 
HETATM 1221 O  O   . HOH J 6 .   ? -12.190 -4.421  -12.713 0.63 17.79  ? 366 HOH A O   1 
HETATM 1222 O  O   . HOH J 6 .   ? -7.581  4.626   -15.291 1.00 16.60  ? 367 HOH A O   1 
HETATM 1223 O  O   . HOH J 6 .   ? 12.196  -3.866  -6.597  1.00 20.53  ? 368 HOH A O   1 
HETATM 1224 O  O   . HOH J 6 .   ? -5.188  8.355   -11.247 1.00 15.10  ? 369 HOH A O   1 
HETATM 1225 O  O   . HOH J 6 .   ? 18.829  -7.706  -5.338  1.00 16.89  ? 370 HOH A O   1 
HETATM 1226 O  O   . HOH J 6 .   ? 7.884   12.246  -6.134  1.00 19.67  ? 371 HOH A O   1 
HETATM 1227 O  O   . HOH J 6 .   ? -7.985  15.671  -6.396  1.00 13.53  ? 372 HOH A O   1 
HETATM 1228 O  O   . HOH J 6 .   ? -2.243  -7.218  12.454  1.00 15.32  ? 373 HOH A O   1 
HETATM 1229 O  O   . HOH J 6 .   ? 10.049  0.459   -11.175 1.00 20.17  ? 374 HOH A O   1 
HETATM 1230 O  O   . HOH J 6 .   ? 9.250   -13.315 8.860   1.00 30.44  ? 375 HOH A O   1 
HETATM 1231 O  O   . HOH J 6 .   ? -2.461  -4.835  -3.038  1.00 10.46  ? 376 HOH A O   1 
HETATM 1232 O  O   . HOH J 6 .   ? -0.687  6.804   -12.968 1.00 15.84  ? 377 HOH A O   1 
HETATM 1233 O  O   . HOH J 6 .   ? -12.833 -1.448  0.932   1.00 14.75  ? 378 HOH A O   1 
HETATM 1234 O  O   . HOH J 6 .   ? 4.426   4.137   5.919   1.00 20.31  ? 379 HOH A O   1 
HETATM 1235 O  O   . HOH J 6 .   ? -9.222  10.935  -12.270 1.00 15.02  ? 380 HOH A O   1 
HETATM 1236 O  O   . HOH J 6 .   ? -16.082 -4.282  7.930   1.00 16.23  ? 381 HOH A O   1 
HETATM 1237 O  O   . HOH J 6 .   ? -0.027  13.751  -9.127  1.00 23.86  ? 382 HOH A O   1 
HETATM 1238 O  O   . HOH J 6 .   ? 2.321   19.190  -5.870  1.00 16.18  ? 383 HOH A O   1 
HETATM 1239 O  O   . HOH J 6 .   ? 5.390   19.094  -2.594  1.00 10.90  ? 384 HOH A O   1 
HETATM 1240 O  O   . HOH J 6 .   ? 8.029   9.978   1.031   1.00 22.00  ? 385 HOH A O   1 
HETATM 1241 O  O   . HOH J 6 .   ? -18.116 -7.699  3.362   1.00 27.82  ? 386 HOH A O   1 
HETATM 1242 O  O   . HOH J 6 .   ? 7.966   -3.614  -8.943  1.00 15.85  ? 387 HOH A O   1 
HETATM 1243 O  O   . HOH J 6 .   ? 7.857   -17.287 1.953   1.00 29.34  ? 388 HOH A O   1 
HETATM 1244 O  O   . HOH J 6 .   ? 8.450   12.551  -8.776  1.00 23.43  ? 389 HOH A O   1 
HETATM 1245 O  O   . HOH J 6 .   ? 1.616   1.670   -9.132  1.00 14.28  ? 390 HOH A O   1 
HETATM 1246 O  O   . HOH J 6 .   ? 11.353  5.320   -11.321 1.00 37.72  ? 391 HOH A O   1 
HETATM 1247 O  O   . HOH J 6 .   ? -7.629  5.077   12.405  1.00 21.42  ? 392 HOH A O   1 
HETATM 1248 O  O   . HOH J 6 .   ? -6.137  4.584   -12.257 1.00 13.62  ? 393 HOH A O   1 
HETATM 1249 O  O   . HOH J 6 .   ? -2.085  16.082  8.958   1.00 21.70  ? 394 HOH A O   1 
HETATM 1250 O  O   . HOH J 6 .   ? -4.305  5.781   -10.320 1.00 15.61  ? 395 HOH A O   1 
HETATM 1251 O  O   . HOH J 6 .   ? 0.054   1.964   13.026  1.00 41.48  ? 396 HOH A O   1 
HETATM 1252 O  O   . HOH J 6 .   ? 4.499   9.725   -12.172 1.00 27.70  ? 397 HOH A O   1 
HETATM 1253 O  O   . HOH J 6 .   ? 19.790  -13.120 2.818   1.00 23.27  ? 398 HOH A O   1 
HETATM 1254 O  O   . HOH J 6 .   ? -4.243  -17.258 6.982   1.00 31.76  ? 399 HOH A O   1 
HETATM 1255 O  O   . HOH J 6 .   ? -2.213  7.433   7.858   1.00 17.12  ? 400 HOH A O   1 
HETATM 1256 O  O   . HOH J 6 .   ? -4.112  -3.516  17.765  1.00 36.82  ? 401 HOH A O   1 
HETATM 1257 O  O   . HOH J 6 .   ? 9.883   7.512   -2.200  1.00 21.00  ? 402 HOH A O   1 
HETATM 1258 O  O   . HOH J 6 .   ? 9.570   6.290   -7.716  1.00 28.45  ? 403 HOH A O   1 
HETATM 1259 O  O   . HOH J 6 .   ? 19.561  -3.213  0.493   1.00 17.91  ? 404 HOH A O   1 
HETATM 1260 O  O   . HOH J 6 .   ? 16.286  -15.430 1.296   1.00 24.27  ? 405 HOH A O   1 
HETATM 1261 O  O   . HOH J 6 .   ? 10.135  6.394   4.682   1.00 33.72  ? 406 HOH A O   1 
HETATM 1262 O  O   . HOH J 6 .   ? 1.242   2.655   -13.840 1.00 12.97  ? 407 HOH A O   1 
HETATM 1263 O  O   . HOH J 6 .   ? 13.380  -15.794 -0.030  1.00 31.89  ? 408 HOH A O   1 
HETATM 1264 O  O   . HOH J 6 .   ? -16.733 2.515   5.467   1.00 22.90  ? 409 HOH A O   1 
HETATM 1265 O  O   . HOH J 6 .   ? 0.451   0.527   -12.152 1.00 22.95  ? 410 HOH A O   1 
HETATM 1266 O  O   . HOH J 6 .   ? 1.960   4.377   11.506  1.00 32.17  ? 411 HOH A O   1 
HETATM 1267 O  O   . HOH J 6 .   ? -6.076  8.405   -15.135 1.00 14.87  ? 412 HOH A O   1 
HETATM 1268 O  O   . HOH J 6 .   ? -16.197 -0.002  -4.207  1.00 16.75  ? 413 HOH A O   1 
HETATM 1269 O  O   . HOH J 6 .   ? -1.792  14.202  -13.155 1.00 30.49  ? 414 HOH A O   1 
HETATM 1270 O  O   . HOH J 6 .   ? -3.243  19.241  -2.252  1.00 23.74  ? 415 HOH A O   1 
HETATM 1271 O  O   . HOH J 6 .   ? -5.886  16.782  -5.018  1.00 23.88  ? 416 HOH A O   1 
HETATM 1272 O  O   . HOH J 6 .   ? -13.105 13.215  3.174   1.00 36.84  ? 417 HOH A O   1 
HETATM 1273 O  O   . HOH J 6 .   ? -1.445  -4.758  -17.592 1.00 26.87  ? 418 HOH A O   1 
HETATM 1274 O  O   . HOH J 6 .   ? -18.882 -0.152  -2.665  1.00 32.86  ? 419 HOH A O   1 
HETATM 1275 O  O   . HOH J 6 .   ? 0.448   9.079   -13.760 1.00 23.88  ? 420 HOH A O   1 
HETATM 1276 O  O   . HOH J 6 .   ? -6.533  17.057  6.307   1.00 23.47  ? 421 HOH A O   1 
HETATM 1277 O  O   . HOH J 6 .   ? 7.737   -5.404  11.391  1.00 22.47  ? 422 HOH A O   1 
HETATM 1278 O  O   . HOH J 6 .   ? -16.589 -2.908  12.534  1.00 32.43  ? 423 HOH A O   1 
HETATM 1279 O  O   . HOH J 6 .   ? 2.983   -12.391 11.867  1.00 30.25  ? 424 HOH A O   1 
HETATM 1280 O  O   . HOH J 6 .   ? -1.662  0.016   13.465  1.00 20.30  ? 425 HOH A O   1 
HETATM 1281 O  O   . HOH J 6 .   ? 18.798  -1.535  -2.782  1.00 23.92  ? 426 HOH A O   1 
HETATM 1282 O  O   . HOH J 6 .   ? -10.200 -5.805  12.095  1.00 16.49  ? 427 HOH A O   1 
HETATM 1283 O  O   . HOH J 6 .   ? -5.270  15.030  -0.856  1.00 11.73  ? 428 HOH A O   1 
HETATM 1284 O  O   . HOH J 6 .   ? -4.604  3.451   13.056  1.00 27.43  ? 429 HOH A O   1 
HETATM 1285 O  O   . HOH J 6 .   ? 1.987   3.638   -11.212 1.00 13.60  ? 430 HOH A O   1 
HETATM 1286 O  O   . HOH J 6 .   ? -2.905  14.485  -9.324  1.00 21.70  ? 431 HOH A O   1 
HETATM 1287 O  O   . HOH J 6 .   ? 13.586  -0.896  7.466   1.00 38.31  ? 432 HOH A O   1 
HETATM 1288 O  O   . HOH J 6 .   ? -2.501  -11.775 -4.383  1.00 22.34  ? 433 HOH A O   1 
HETATM 1289 O  O   . HOH J 6 .   ? 1.998   7.981   -6.728  1.00 19.23  ? 434 HOH A O   1 
HETATM 1290 O  O   . HOH J 6 .   ? -0.463  -13.977 -0.426  1.00 27.13  ? 435 HOH A O   1 
HETATM 1291 O  O   . HOH J 6 .   ? 10.022  9.503   -6.128  1.00 31.71  ? 436 HOH A O   1 
HETATM 1292 O  O   . HOH J 6 .   ? -7.679  13.810  -0.328  1.00 15.06  ? 437 HOH A O   1 
HETATM 1293 O  O   . HOH J 6 .   ? 5.892   -16.143 -1.909  1.00 40.11  ? 438 HOH A O   1 
HETATM 1294 O  O   . HOH J 6 .   ? 2.487   6.752   6.560   1.00 17.17  ? 439 HOH A O   1 
HETATM 1295 O  O   . HOH J 6 .   ? 3.119   2.988   -20.845 1.00 15.96  ? 440 HOH A O   1 
HETATM 1296 O  O   . HOH J 6 .   ? -12.723 11.473  -0.120  1.00 14.57  ? 441 HOH A O   1 
HETATM 1297 O  O   . HOH J 6 .   ? 5.492   18.674  -5.380  1.00 13.52  ? 442 HOH A O   1 
HETATM 1298 O  O   . HOH J 6 .   ? 3.740   -9.350  16.621  1.00 37.10  ? 443 HOH A O   1 
HETATM 1299 O  O   . HOH J 6 .   ? 7.853   3.642   6.990   1.00 21.63  ? 444 HOH A O   1 
HETATM 1300 O  O   . HOH J 6 .   ? -4.444  6.221   -13.813 1.00 14.04  ? 445 HOH A O   1 
HETATM 1301 O  O   . HOH J 6 .   ? -18.444 -5.465  7.320   1.00 24.69  ? 446 HOH A O   1 
HETATM 1302 O  O   . HOH J 6 .   ? 9.594   2.756   0.702   1.00 14.92  ? 447 HOH A O   1 
HETATM 1303 O  O   . HOH J 6 .   ? -5.296  -13.422 10.197  1.00 32.91  ? 448 HOH A O   1 
HETATM 1304 O  O   . HOH J 6 .   ? 5.840   -14.497 -3.925  1.00 19.03  ? 449 HOH A O   1 
HETATM 1305 O  O   . HOH J 6 .   ? 0.606   6.132   -10.610 1.00 12.29  ? 450 HOH A O   1 
HETATM 1306 O  O   . HOH J 6 .   ? 10.699  1.990   3.135   1.00 20.50  ? 451 HOH A O   1 
HETATM 1307 O  O   . HOH J 6 .   ? -12.641 9.598   5.946   1.00 26.83  ? 452 HOH A O   1 
HETATM 1308 O  O   . HOH J 6 .   ? 22.937  -10.697 -0.112  1.00 25.19  ? 453 HOH A O   1 
HETATM 1309 O  O   . HOH J 6 .   ? 6.987   -0.301  13.721  1.00 33.18  ? 454 HOH A O   1 
HETATM 1310 O  O   . HOH J 6 .   ? 4.484   -13.392 -7.995  1.00 42.08  ? 455 HOH A O   1 
HETATM 1311 O  O   . HOH J 6 .   ? -12.537 4.283   9.490   1.00 22.67  ? 456 HOH A O   1 
HETATM 1312 O  O   . HOH J 6 .   ? 11.162  -10.801 16.927  1.00 34.21  ? 457 HOH A O   1 
HETATM 1313 O  O   . HOH J 6 .   ? 13.527  1.414   1.937   1.00 27.64  ? 458 HOH A O   1 
HETATM 1314 O  O   . HOH J 6 .   ? 0.971   7.660   9.034   1.00 16.94  ? 459 HOH A O   1 
HETATM 1315 O  O   . HOH J 6 .   ? 14.161  -4.945  12.322  1.00 28.77  ? 460 HOH A O   1 
HETATM 1316 O  O   . HOH J 6 .   ? 6.000   14.666  -9.052  1.00 41.30  ? 461 HOH A O   1 
HETATM 1317 O  O   . HOH J 6 .   ? -1.797  -18.715 6.274   1.00 35.47  ? 462 HOH A O   1 
HETATM 1318 O  O   . HOH J 6 .   ? 15.211  -6.226  10.054  1.00 30.37  ? 463 HOH A O   1 
HETATM 1319 O  O   . HOH J 6 .   ? 11.614  17.956  6.281   1.00 38.57  ? 464 HOH A O   1 
HETATM 1320 O  O   . HOH J 6 .   ? 5.781   -12.735 14.785  1.00 43.22  ? 465 HOH A O   1 
HETATM 1321 O  O   . HOH J 6 .   ? 3.786   -7.248  -14.348 1.00 48.84  ? 466 HOH A O   1 
HETATM 1322 O  O   . HOH J 6 .   ? 15.667  -10.577 8.345   1.00 48.99  ? 467 HOH A O   1 
HETATM 1323 O  O   . HOH J 6 .   ? -1.152  22.130  2.045   1.00 23.74  ? 468 HOH A O   1 
HETATM 1324 O  O   . HOH J 6 .   ? -14.210 10.485  4.072   1.00 34.17  ? 469 HOH A O   1 
HETATM 1325 O  O   . HOH J 6 .   ? -4.844  -14.970 3.389   1.00 24.63  ? 470 HOH A O   1 
HETATM 1326 O  O   . HOH J 6 .   ? 2.170   8.261   -9.613  1.00 21.94  ? 471 HOH A O   1 
HETATM 1327 O  O   . HOH J 6 .   ? 2.575   -5.136  -15.364 1.00 31.57  ? 472 HOH A O   1 
HETATM 1328 O  O   . HOH J 6 .   ? 0.397   16.556  9.670   1.00 34.32  ? 473 HOH A O   1 
HETATM 1329 O  O   . HOH J 6 .   ? 8.190   21.243  7.737   1.00 39.90  ? 474 HOH A O   1 
HETATM 1330 O  O   . HOH J 6 .   ? -14.749 5.087   10.683  1.00 37.17  ? 475 HOH A O   1 
HETATM 1331 O  O   . HOH J 6 .   ? -3.475  -14.100 1.299   1.00 23.86  ? 476 HOH A O   1 
HETATM 1332 O  O   . HOH J 6 .   ? 10.279  19.383  7.727   1.00 51.63  ? 477 HOH A O   1 
HETATM 1333 O  O   . HOH J 6 .   ? -3.620  -16.465 4.516   1.00 35.39  ? 478 HOH A O   1 
HETATM 1334 O  O   . HOH J 6 .   ? -10.287 -3.165  -22.847 1.00 31.57  ? 479 HOH A O   1 
HETATM 1335 O  O   . HOH J 6 .   ? -3.331  9.215   -13.873 1.00 25.85  ? 480 HOH A O   1 
HETATM 1336 O  O   . HOH J 6 .   ? -2.876  -7.489  -13.538 1.00 33.53  ? 481 HOH A O   1 
HETATM 1337 O  O   . HOH J 6 .   ? -16.371 -1.517  8.142   1.00 18.98  ? 482 HOH A O   1 
HETATM 1338 O  O   . HOH J 6 .   ? 12.107  -9.270  18.406  1.00 34.78  ? 483 HOH A O   1 
HETATM 1339 O  O   . HOH J 6 .   ? -2.024  -10.427 15.574  1.00 43.72  ? 484 HOH A O   1 
HETATM 1340 O  O   . HOH J 6 .   ? 15.025  -7.866  17.736  1.00 49.49  ? 485 HOH A O   1 
HETATM 1341 O  O   . HOH J 6 .   ? 0.256   -3.746  -19.869 1.00 32.02  ? 486 HOH A O   1 
HETATM 1342 O  O   . HOH J 6 .   ? 9.756   7.184   -4.704  1.00 29.31  ? 487 HOH A O   1 
HETATM 1343 O  O   . HOH J 6 .   ? -3.159  10.242  -18.257 1.00 54.99  ? 488 HOH A O   1 
HETATM 1344 O  O   . HOH J 6 .   ? -18.162 -0.370  6.413   1.00 33.83  ? 489 HOH A O   1 
HETATM 1345 O  O   . HOH J 6 .   ? -5.213  17.667  -1.440  1.00 21.39  ? 490 HOH A O   1 
HETATM 1346 O  O   . HOH J 6 .   ? -5.830  17.353  -11.039 1.00 33.91  ? 491 HOH A O   1 
HETATM 1347 O  O   . HOH J 6 .   ? 15.444  0.580   3.358   1.00 37.73  ? 492 HOH A O   1 
HETATM 1348 O  O   . HOH J 6 .   ? -2.774  -2.066  19.682  1.00 45.43  ? 493 HOH A O   1 
HETATM 1349 O  O   . HOH J 6 .   ? 0.415   -16.172 -0.668  1.00 40.72  ? 494 HOH A O   1 
HETATM 1350 O  O   . HOH J 6 .   ? 9.272   -1.607  13.395  1.00 44.37  ? 495 HOH A O   1 
HETATM 1351 O  O   . HOH J 6 .   ? 15.577  0.934   -5.021  1.00 36.39  ? 496 HOH A O   1 
HETATM 1352 O  O   . HOH J 6 .   ? -12.516 -6.735  -12.291 0.63 28.44  ? 497 HOH A O   1 
HETATM 1353 O  O   . HOH J 6 .   ? -2.347  -13.385 -2.191  1.00 31.85  ? 498 HOH A O   1 
HETATM 1354 O  O   . HOH J 6 .   ? -4.052  -9.254  -12.131 1.00 32.15  ? 499 HOH A O   1 
HETATM 1355 O  O   . HOH J 6 .   ? -13.841 0.648   17.831  1.00 51.52  ? 500 HOH A O   1 
HETATM 1356 O  O   . HOH J 6 .   ? -10.308 -7.513  -1.127  1.00 18.44  ? 501 HOH A O   1 
HETATM 1357 O  O   . HOH J 6 .   ? 13.115  -3.265  8.342   1.00 36.93  ? 502 HOH A O   1 
HETATM 1358 O  O   . HOH J 6 .   ? 1.689   12.608  -10.800 1.00 36.05  ? 503 HOH A O   1 
HETATM 1359 O  O   . HOH J 6 .   ? 2.457   -17.717 6.756   1.00 47.74  ? 504 HOH A O   1 
HETATM 1360 O  O   . HOH J 6 .   ? 2.083   9.927   -11.423 1.00 28.66  ? 505 HOH A O   1 
HETATM 1361 O  O   . HOH J 6 .   ? -13.936 -5.964  -1.391  1.00 25.02  ? 506 HOH A O   1 
HETATM 1362 O  O   . HOH J 6 .   ? 3.892   21.686  6.148   1.00 26.32  ? 507 HOH A O   1 
HETATM 1363 O  O   . HOH J 6 .   ? -17.674 -1.127  10.493  1.00 34.33  ? 508 HOH A O   1 
HETATM 1364 O  O   . HOH J 6 .   ? 12.316  -3.593  11.200  1.00 30.81  ? 509 HOH A O   1 
HETATM 1365 O  O   . HOH J 6 .   ? -1.486  10.605  -14.903 1.00 39.07  ? 510 HOH A O   1 
HETATM 1366 O  O   . HOH J 6 .   ? -6.599  19.635  0.041   1.00 29.74  ? 511 HOH A O   1 
HETATM 1367 O  O   . HOH J 6 .   ? -7.651  8.601   -12.810 1.00 15.94  ? 512 HOH A O   1 
HETATM 1368 O  O   . HOH J 6 .   ? -8.527  5.926   -12.965 1.00 13.13  ? 513 HOH A O   1 
HETATM 1369 O  O   . HOH J 6 .   ? 9.828   -2.191  -10.141 1.00 21.47  ? 514 HOH A O   1 
HETATM 1370 O  O   . HOH J 6 .   ? 4.796   19.609  9.089   1.00 43.93  ? 515 HOH A O   1 
HETATM 1371 O  O   . HOH J 6 .   ? 0.836   8.648   -20.182 1.00 34.83  ? 516 HOH A O   1 
HETATM 1372 O  O   . HOH J 6 .   ? 0.994   4.687   -21.750 1.00 26.33  ? 517 HOH A O   1 
HETATM 1373 O  O   . HOH J 6 .   ? 11.731  4.027   -0.510  1.00 21.93  ? 518 HOH A O   1 
HETATM 1374 O  O   . HOH J 6 .   ? -1.020  -17.834 0.972   1.00 39.17  ? 519 HOH A O   1 
HETATM 1375 O  O   . HOH J 6 .   ? -9.584  17.004  2.793   1.00 30.16  ? 520 HOH A O   1 
HETATM 1376 O  O   . HOH J 6 .   ? 0.225   13.366  -13.607 1.00 46.31  ? 521 HOH A O   1 
HETATM 1377 O  O   . HOH J 6 .   ? -0.899  10.748  -17.420 1.00 34.83  ? 522 HOH A O   1 
HETATM 1378 O  O   . HOH J 6 .   ? 21.900  -12.495 1.875   1.00 30.72  ? 523 HOH A O   1 
HETATM 1379 O  O   . HOH J 6 .   ? 9.730   -14.858 7.224   1.00 33.09  ? 524 HOH A O   1 
HETATM 1380 O  O   . HOH J 6 .   ? 16.152  2.428   -1.502  1.00 35.77  ? 525 HOH A O   1 
HETATM 1381 O  O   . HOH J 6 .   ? 12.102  6.111   -2.048  1.00 25.75  ? 526 HOH A O   1 
HETATM 1382 O  O   . HOH J 6 .   ? -2.029  -18.153 3.173   1.00 41.56  ? 527 HOH A O   1 
HETATM 1383 O  O   . HOH J 6 .   ? -8.590  17.591  4.647   1.00 38.83  ? 528 HOH A O   1 
HETATM 1384 O  O   . HOH J 6 .   ? -4.437  -7.689  -15.666 1.00 45.50  ? 529 HOH A O   1 
HETATM 1385 O  O   . HOH J 6 .   ? 10.669  -10.808 23.018  1.00 45.48  ? 530 HOH A O   1 
HETATM 1386 O  O   . HOH J 6 .   ? 0.295   -18.700 4.794   1.00 40.31  ? 531 HOH A O   1 
HETATM 1387 O  O   . HOH J 6 .   ? 12.261  6.532   -4.943  1.00 31.08  ? 532 HOH A O   1 
HETATM 1388 O  O   . HOH J 6 .   ? -6.896  19.388  4.627   1.00 39.82  ? 533 HOH A O   1 
HETATM 1389 O  O   . HOH J 6 .   ? -6.607  -7.088  -16.951 1.00 52.23  ? 534 HOH A O   1 
HETATM 1390 O  O   . HOH J 6 .   ? -8.417  -9.803  -16.411 1.00 43.68  ? 535 HOH A O   1 
# 
